data_7PTY
#
_entry.id   7PTY
#
_cell.length_a   1.00
_cell.length_b   1.00
_cell.length_c   1.00
_cell.angle_alpha   90.00
_cell.angle_beta   90.00
_cell.angle_gamma   90.00
#
_symmetry.space_group_name_H-M   'P 1'
#
_entity_poly.entity_id   1
_entity_poly.type   'polypeptide(L)'
_entity_poly.pdbx_seq_one_letter_code
;MKFLVNVALVFMVVYISYIYAMWSHPQFEKGSAGSAAGSGAGWSHPQFEKGAGLEVLFQGPPWMHSKELQTISAAVARKA
VPNTMVIRLKRDEEDGEMTLEERQAQCKAIEYSNSVFGMIADVANDIGSIPVIGEVVGIVTAPIAIVSHITSAGLDIAST
ALDCDDIPFDEIKEILEERFNEIDRKLDKNTAALEEVSKLVSKTFVTVEKTRNEMNENFKLVLETIESKEIKSIVFKIND
FKKFFEKERQRIKGLPKDRYVAKLLEQKGILGSLKEVREPSGNSLSSALNELLDKNNNYAIPKVVDDNKAFQALYALFYG
TQTYAAVMFFLLEQHSYLADYYYQKGDDVNFNAEFNNVAIIFDDFKSSLTGGDDGLIDNVIEVLNTVKALPFIKNADSKL
YRELVTRTKALETLKNQIKTTDLPLIDDIPETLSQVNFPNDENQLPTPIGNWVDGVEVRYAVQYESKGMYSKFSEWSEPF
TVQGNACPTIKVRVDPKKRNRLIFRKFNSGKPQFAGTMTHSQTNFKDIHRDLYDAALNINKLKAVDEATTLIEKGADIEA
KFDNDRSAMHAVAYRGNNKIALRFLLKNQSIDIELKDKNGFTPLHIAAEAGQAGFVKLLINHGADVNAKTSKTNLTPLHL
ATRSGFSKTVRNLLESPNIKVNEKEDDGFTPLHTAVMSTYMVVDALLNHPDIDKNAQSTSGLTPFHLAIINESQEVAESL
VESNADLNIQDVNHMAPIHFAASMGSIKMLRYLISIKDKVSINSVTENNNWTPLHFAIYFKKEDAAKELLKQDDINLTIV
ADGNLTVLHLAVSTGQINIIKELLKRGSNIEEKTGEGYTSLHIAAMRKEPEIAVVLIENGADIEARSADNLTPLHSAAKI
GRKSTVLYLLEKGADIGAKTADGSTALHLAVSGRKMKTVETLLNKGANLKEYDNNKYLPIHKAIINDDLDMVRLFLEKDP
SLKDDETEEGRTSIMLIVQKLLLELYNYFINNYAETLDEEALFNRLDEQGKLELAYIFHNKEGDAKEAVKPTILVTIKLM
EYCLKKLREESGAPEGSFDSPSSKQCISTFSEDEMFRRTLPEIVKETNSRYLPLKGFSRSLNKFLPSLKFAESKNSYRSE
NFVSNIDSNGALLLLDVFIRKFTNEKYNLTGKEAVPYLEAKASSLRIASKFEELLTEVKGIPAGELINMAEVSSNIHKAI
ASGKPVSKVLCSYLDTFSELNSQQMEELVNTYLSTKPSVITSASADYQKLPNLLTATCLEPERMAQLIDVHQKMFLRLES
SGLVPRGSHHHHHHHH
;
_entity_poly.pdbx_strand_id   A,B
#
# COMPACT_ATOMS: atom_id res chain seq x y z
N SER A 113 22.09 0.37 -29.83
CA SER A 113 22.44 1.70 -30.34
C SER A 113 21.70 2.78 -29.56
N ASN A 114 20.52 3.16 -30.06
CA ASN A 114 19.71 4.15 -29.37
C ASN A 114 19.32 3.67 -27.99
N SER A 115 18.93 2.40 -27.87
CA SER A 115 18.62 1.84 -26.57
C SER A 115 19.86 1.80 -25.67
N VAL A 116 21.05 1.70 -26.26
CA VAL A 116 22.27 1.74 -25.46
C VAL A 116 22.43 3.10 -24.79
N PHE A 117 22.24 4.17 -25.57
CA PHE A 117 22.31 5.51 -24.99
C PHE A 117 21.16 5.75 -24.02
N GLY A 118 20.00 5.12 -24.26
CA GLY A 118 18.93 5.19 -23.28
C GLY A 118 19.31 4.54 -21.96
N MET A 119 20.00 3.40 -22.03
CA MET A 119 20.50 2.75 -20.82
C MET A 119 21.53 3.62 -20.11
N ILE A 120 22.40 4.27 -20.89
CA ILE A 120 23.36 5.20 -20.30
C ILE A 120 22.64 6.34 -19.60
N ALA A 121 21.58 6.85 -20.23
CA ALA A 121 20.76 7.87 -19.60
C ALA A 121 20.17 7.38 -18.30
N ASP A 122 19.66 6.14 -18.29
CA ASP A 122 19.08 5.57 -17.07
C ASP A 122 20.13 5.48 -15.97
N VAL A 123 21.34 5.02 -16.33
CA VAL A 123 22.42 4.92 -15.34
C VAL A 123 22.74 6.29 -14.77
N ALA A 124 22.83 7.30 -15.63
CA ALA A 124 23.03 8.66 -15.14
C ALA A 124 21.87 9.11 -14.25
N ASN A 125 20.66 8.67 -14.57
CA ASN A 125 19.49 9.04 -13.76
C ASN A 125 19.59 8.44 -12.36
N ASP A 126 20.08 7.21 -12.26
CA ASP A 126 20.07 6.51 -10.98
C ASP A 126 20.80 7.30 -9.90
N ILE A 127 22.01 7.76 -10.20
CA ILE A 127 22.83 8.45 -9.21
C ILE A 127 22.32 9.87 -9.03
N GLY A 128 22.37 10.35 -7.79
CA GLY A 128 22.01 11.72 -7.45
C GLY A 128 23.14 12.71 -7.60
N SER A 129 24.29 12.30 -8.12
CA SER A 129 25.42 13.22 -8.26
C SER A 129 25.12 14.31 -9.30
N ILE A 130 24.33 14.01 -10.32
CA ILE A 130 23.96 15.00 -11.32
C ILE A 130 22.87 15.92 -10.76
N PRO A 131 21.86 15.41 -10.04
CA PRO A 131 21.00 16.34 -9.30
C PRO A 131 21.77 17.25 -8.37
N VAL A 132 22.90 16.77 -7.83
CA VAL A 132 23.84 17.67 -7.18
C VAL A 132 24.41 18.62 -8.22
N ILE A 133 24.34 19.92 -7.93
CA ILE A 133 24.64 20.95 -8.91
C ILE A 133 26.13 20.98 -9.24
N GLY A 134 26.90 20.09 -8.60
CA GLY A 134 28.27 19.87 -9.05
C GLY A 134 28.31 19.49 -10.52
N GLU A 135 27.25 18.86 -11.01
CA GLU A 135 26.98 18.74 -12.43
C GLU A 135 25.62 19.37 -12.71
N VAL A 136 25.56 20.18 -13.76
CA VAL A 136 24.36 20.94 -14.09
C VAL A 136 23.77 20.37 -15.37
N VAL A 137 22.51 20.75 -15.64
CA VAL A 137 21.73 20.11 -16.70
C VAL A 137 22.43 20.26 -18.04
N GLY A 138 22.90 21.46 -18.37
CA GLY A 138 23.70 21.62 -19.57
C GLY A 138 25.03 20.89 -19.45
N ILE A 139 25.67 21.01 -18.29
CA ILE A 139 26.97 20.39 -18.04
C ILE A 139 26.89 18.88 -18.08
N VAL A 140 25.68 18.31 -18.03
CA VAL A 140 25.55 16.87 -18.12
C VAL A 140 25.01 16.48 -19.49
N THR A 141 24.24 17.38 -20.12
CA THR A 141 23.74 17.07 -21.46
C THR A 141 24.87 17.03 -22.48
N ALA A 142 25.83 17.95 -22.37
CA ALA A 142 26.94 17.95 -23.34
C ALA A 142 27.75 16.66 -23.30
N PRO A 143 28.19 16.14 -22.14
CA PRO A 143 28.93 14.88 -22.16
C PRO A 143 28.11 13.71 -22.67
N ILE A 144 26.78 13.76 -22.57
CA ILE A 144 25.98 12.70 -23.19
C ILE A 144 26.16 12.72 -24.70
N ALA A 145 26.14 13.91 -25.31
CA ALA A 145 26.37 14.00 -26.74
C ALA A 145 27.76 13.49 -27.10
N ILE A 146 28.78 13.88 -26.34
CA ILE A 146 30.12 13.44 -26.71
C ILE A 146 30.29 11.94 -26.50
N VAL A 147 29.64 11.37 -25.48
CA VAL A 147 29.72 9.93 -25.26
C VAL A 147 28.98 9.19 -26.38
N SER A 148 27.87 9.76 -26.85
CA SER A 148 27.21 9.19 -28.01
C SER A 148 28.14 9.18 -29.21
N HIS A 149 28.88 10.27 -29.41
CA HIS A 149 29.87 10.29 -30.49
C HIS A 149 30.94 9.23 -30.30
N ILE A 150 31.48 9.10 -29.08
CA ILE A 150 32.57 8.15 -28.84
C ILE A 150 32.10 6.73 -29.09
N THR A 151 30.95 6.38 -28.53
CA THR A 151 30.39 5.04 -28.77
C THR A 151 30.08 4.83 -30.24
N SER A 152 29.66 5.90 -30.93
CA SER A 152 29.43 5.80 -32.37
C SER A 152 30.73 5.57 -33.14
N ALA A 153 31.87 5.79 -32.51
CA ALA A 153 33.16 5.54 -33.14
C ALA A 153 33.97 4.52 -32.35
N ASP A 156 32.51 5.15 -41.64
CA ASP A 156 32.77 3.95 -42.42
C ASP A 156 32.35 4.14 -43.87
N ILE A 157 31.71 3.11 -44.43
CA ILE A 157 31.26 3.12 -45.82
C ILE A 157 29.74 3.22 -45.90
N ALA A 158 29.03 2.29 -45.26
CA ALA A 158 27.57 2.29 -45.33
C ALA A 158 26.99 3.52 -44.64
N SER A 159 27.61 3.96 -43.55
CA SER A 159 27.09 5.12 -42.83
C SER A 159 27.07 6.36 -43.72
N THR A 160 27.95 6.42 -44.71
CA THR A 160 27.91 7.53 -45.66
C THR A 160 26.59 7.52 -46.43
N ALA A 161 26.12 6.35 -46.83
CA ALA A 161 24.84 6.24 -47.53
C ALA A 161 23.69 6.41 -46.55
N PHE A 169 20.51 13.66 -33.05
CA PHE A 169 21.20 13.65 -31.77
C PHE A 169 20.44 14.46 -30.72
N ASP A 170 19.46 15.25 -31.19
CA ASP A 170 18.66 16.05 -30.29
C ASP A 170 17.82 15.16 -29.36
N GLU A 171 17.30 14.05 -29.89
CA GLU A 171 16.45 13.18 -29.10
C GLU A 171 17.19 12.62 -27.89
N ILE A 172 18.51 12.43 -27.99
CA ILE A 172 19.26 11.90 -26.86
C ILE A 172 19.18 12.85 -25.67
N LYS A 173 19.49 14.12 -25.90
CA LYS A 173 19.44 15.08 -24.80
C LYS A 173 18.00 15.38 -24.39
N GLU A 174 17.04 15.21 -25.31
CA GLU A 174 15.64 15.30 -24.90
C GLU A 174 15.30 14.20 -23.90
N ILE A 175 15.76 12.97 -24.16
CA ILE A 175 15.54 11.87 -23.22
C ILE A 175 16.22 12.17 -21.89
N LEU A 176 17.45 12.68 -21.93
CA LEU A 176 18.14 12.98 -20.69
C LEU A 176 17.39 14.03 -19.87
N GLU A 177 16.93 15.11 -20.53
CA GLU A 177 16.26 16.16 -19.79
C GLU A 177 14.92 15.68 -19.23
N GLU A 178 14.17 14.88 -20.00
CA GLU A 178 12.91 14.39 -19.45
C GLU A 178 13.15 13.44 -18.27
N ARG A 179 14.19 12.61 -18.35
CA ARG A 179 14.47 11.71 -17.25
C ARG A 179 14.90 12.48 -16.00
N PHE A 180 15.71 13.52 -16.19
CA PHE A 180 16.09 14.35 -15.04
C PHE A 180 14.88 15.09 -14.48
N ASN A 181 13.93 15.48 -15.33
CA ASN A 181 12.70 16.05 -14.84
C ASN A 181 11.92 15.04 -13.99
N GLU A 182 11.88 13.78 -14.44
CA GLU A 182 11.23 12.74 -13.67
C GLU A 182 11.89 12.56 -12.32
N ILE A 183 13.22 12.60 -12.28
CA ILE A 183 13.92 12.55 -10.99
C ILE A 183 13.54 13.74 -10.12
N ASP A 184 13.45 14.92 -10.73
CA ASP A 184 13.05 16.11 -9.99
C ASP A 184 11.63 15.97 -9.43
N ARG A 185 10.78 15.19 -10.10
CA ARG A 185 9.40 15.03 -9.64
C ARG A 185 9.33 14.44 -8.24
N LYS A 186 10.38 13.77 -7.79
CA LYS A 186 10.39 13.17 -6.45
C LYS A 186 10.41 14.25 -5.38
N LEU A 187 9.84 13.93 -4.22
CA LEU A 187 9.70 14.89 -3.13
C LEU A 187 10.99 14.97 -2.31
N ASP A 188 11.00 15.90 -1.35
CA ASP A 188 12.17 16.21 -0.55
C ASP A 188 12.34 15.20 0.58
N LYS A 189 13.51 15.25 1.21
CA LYS A 189 13.82 14.35 2.32
C LYS A 189 13.06 14.75 3.57
N ASN A 190 12.66 13.73 4.33
CA ASN A 190 11.93 13.90 5.60
C ASN A 190 10.72 14.81 5.42
N THR A 191 9.96 14.54 4.36
CA THR A 191 8.85 15.42 4.01
C THR A 191 7.54 14.98 4.64
N ALA A 192 7.12 13.74 4.40
CA ALA A 192 5.77 13.35 4.77
C ALA A 192 5.75 11.85 5.13
N ALA A 193 4.55 11.30 5.22
CA ALA A 193 4.31 9.92 5.62
C ALA A 193 4.01 9.06 4.40
N LEU A 194 3.57 7.83 4.66
CA LEU A 194 3.19 6.85 3.65
C LEU A 194 4.37 6.45 2.78
N GLU A 195 5.59 6.80 3.19
CA GLU A 195 6.76 6.57 2.35
C GLU A 195 7.09 5.08 2.22
N GLU A 196 6.89 4.30 3.27
CA GLU A 196 7.10 2.86 3.16
C GLU A 196 6.11 2.25 2.16
N VAL A 197 4.86 2.67 2.22
CA VAL A 197 3.88 2.21 1.25
C VAL A 197 4.31 2.60 -0.16
N SER A 198 4.74 3.84 -0.33
CA SER A 198 5.19 4.29 -1.64
C SER A 198 6.32 3.41 -2.16
N LYS A 199 7.31 3.16 -1.31
CA LYS A 199 8.48 2.39 -1.73
C LYS A 199 8.10 0.95 -2.08
N LEU A 200 7.36 0.28 -1.21
CA LEU A 200 7.01 -1.11 -1.47
C LEU A 200 6.13 -1.25 -2.70
N VAL A 201 5.15 -0.35 -2.86
CA VAL A 201 4.28 -0.42 -4.02
C VAL A 201 5.06 -0.13 -5.29
N SER A 202 6.03 0.78 -5.22
CA SER A 202 6.89 1.02 -6.38
C SER A 202 7.70 -0.22 -6.71
N LYS A 203 8.22 -0.89 -5.69
CA LYS A 203 9.02 -2.09 -5.92
C LYS A 203 8.20 -3.18 -6.62
N THR A 204 7.03 -3.50 -6.06
CA THR A 204 6.21 -4.52 -6.69
C THR A 204 5.66 -4.05 -8.03
N PHE A 205 5.49 -2.74 -8.21
CA PHE A 205 5.09 -2.21 -9.51
C PHE A 205 6.14 -2.50 -10.56
N VAL A 206 7.41 -2.24 -10.24
CA VAL A 206 8.49 -2.57 -11.16
C VAL A 206 8.52 -4.06 -11.43
N THR A 207 8.37 -4.87 -10.37
CA THR A 207 8.40 -6.31 -10.55
C THR A 207 7.30 -6.79 -11.50
N VAL A 208 6.10 -6.25 -11.34
CA VAL A 208 4.99 -6.63 -12.22
C VAL A 208 5.25 -6.15 -13.64
N GLU A 209 5.74 -4.92 -13.79
CA GLU A 209 5.90 -4.36 -15.13
C GLU A 209 6.96 -5.09 -15.92
N LYS A 210 7.99 -5.63 -15.26
CA LYS A 210 8.96 -6.44 -15.99
C LYS A 210 8.28 -7.59 -16.72
N THR A 211 7.52 -8.39 -15.97
CA THR A 211 6.85 -9.55 -16.56
C THR A 211 5.82 -9.12 -17.59
N ARG A 212 5.10 -8.02 -17.33
CA ARG A 212 4.11 -7.55 -18.28
C ARG A 212 4.75 -7.17 -19.61
N ASN A 213 5.87 -6.44 -19.56
CA ASN A 213 6.59 -6.09 -20.78
C ASN A 213 7.10 -7.35 -21.48
N GLU A 214 7.58 -8.32 -20.72
CA GLU A 214 8.04 -9.57 -21.33
C GLU A 214 6.91 -10.29 -22.04
N MET A 215 5.72 -10.31 -21.44
CA MET A 215 4.63 -11.13 -21.94
C MET A 215 3.83 -10.40 -23.03
N ASN A 216 4.03 -9.09 -23.17
CA ASN A 216 3.32 -8.32 -24.19
C ASN A 216 3.56 -8.87 -25.59
N GLU A 217 4.77 -9.37 -25.87
CA GLU A 217 5.09 -9.80 -27.22
C GLU A 217 4.22 -10.97 -27.65
N ASN A 218 4.14 -12.01 -26.84
CA ASN A 218 3.27 -13.11 -27.21
C ASN A 218 1.81 -12.76 -27.05
N PHE A 219 1.48 -11.76 -26.23
CA PHE A 219 0.10 -11.27 -26.24
C PHE A 219 -0.25 -10.71 -27.60
N LYS A 220 0.66 -9.98 -28.22
CA LYS A 220 0.45 -9.55 -29.60
C LYS A 220 0.40 -10.74 -30.56
N LEU A 221 1.28 -11.72 -30.35
CA LEU A 221 1.26 -12.92 -31.18
C LEU A 221 -0.05 -13.68 -31.09
N VAL A 222 -0.80 -13.49 -30.02
CA VAL A 222 -2.13 -14.09 -29.93
C VAL A 222 -3.05 -13.56 -31.03
N LEU A 223 -2.83 -12.32 -31.46
CA LEU A 223 -3.75 -11.65 -32.37
C LEU A 223 -3.54 -12.05 -33.82
N GLU A 224 -2.96 -13.22 -34.09
CA GLU A 224 -2.81 -13.73 -35.44
C GLU A 224 -3.75 -14.88 -35.76
N THR A 225 -4.09 -15.72 -34.79
CA THR A 225 -5.08 -16.79 -34.99
C THR A 225 -6.50 -16.22 -34.85
N ILE A 226 -6.80 -15.27 -35.72
CA ILE A 226 -7.97 -14.42 -35.57
C ILE A 226 -9.23 -15.19 -35.93
N GLU A 227 -10.26 -15.05 -35.08
CA GLU A 227 -11.61 -15.56 -35.33
C GLU A 227 -11.63 -17.08 -35.54
N SER A 228 -11.04 -17.78 -34.58
CA SER A 228 -11.47 -19.12 -34.23
C SER A 228 -12.52 -19.10 -33.13
N LYS A 229 -12.97 -17.91 -32.76
CA LYS A 229 -13.88 -17.68 -31.65
C LYS A 229 -14.56 -16.34 -31.87
N GLU A 230 -15.83 -16.26 -31.48
CA GLU A 230 -16.61 -15.03 -31.62
C GLU A 230 -16.30 -13.99 -30.57
N ILE A 231 -15.75 -14.38 -29.43
CA ILE A 231 -15.43 -13.43 -28.36
C ILE A 231 -14.14 -12.71 -28.71
N LYS A 232 -13.58 -13.01 -29.88
CA LYS A 232 -12.38 -12.30 -30.32
C LYS A 232 -12.65 -10.81 -30.49
N SER A 233 -13.91 -10.42 -30.74
CA SER A 233 -14.24 -9.00 -30.72
C SER A 233 -14.01 -8.40 -29.34
N ILE A 234 -14.43 -9.12 -28.30
CA ILE A 234 -14.19 -8.64 -26.94
C ILE A 234 -12.71 -8.69 -26.61
N VAL A 235 -11.98 -9.65 -27.18
CA VAL A 235 -10.54 -9.70 -27.01
C VAL A 235 -9.90 -8.45 -27.60
N PHE A 236 -10.35 -8.05 -28.79
CA PHE A 236 -9.88 -6.80 -29.37
C PHE A 236 -10.30 -5.61 -28.51
N LYS A 237 -11.47 -5.68 -27.88
CA LYS A 237 -11.90 -4.61 -27.00
C LYS A 237 -10.96 -4.46 -25.80
N ILE A 238 -10.59 -5.59 -25.18
CA ILE A 238 -9.67 -5.51 -24.06
C ILE A 238 -8.28 -5.10 -24.55
N ASN A 239 -7.93 -5.45 -25.78
CA ASN A 239 -6.68 -4.94 -26.36
C ASN A 239 -6.71 -3.43 -26.49
N ASP A 240 -7.84 -2.87 -26.92
CA ASP A 240 -7.96 -1.42 -27.01
C ASP A 240 -7.94 -0.78 -25.62
N PHE A 241 -8.54 -1.46 -24.64
CA PHE A 241 -8.38 -1.06 -23.25
C PHE A 241 -6.90 -0.99 -22.87
N LYS A 242 -6.14 -2.01 -23.26
CA LYS A 242 -4.71 -2.01 -22.99
C LYS A 242 -4.04 -0.82 -23.64
N LYS A 243 -4.38 -0.55 -24.89
CA LYS A 243 -3.78 0.58 -25.60
C LYS A 243 -4.09 1.89 -24.89
N PHE A 244 -5.33 2.07 -24.47
CA PHE A 244 -5.73 3.28 -23.75
C PHE A 244 -4.92 3.43 -22.46
N PHE A 245 -4.83 2.35 -21.69
CA PHE A 245 -4.07 2.40 -20.45
C PHE A 245 -2.61 2.73 -20.70
N GLU A 246 -2.01 2.10 -21.70
CA GLU A 246 -0.59 2.33 -21.98
C GLU A 246 -0.35 3.76 -22.43
N LYS A 247 -1.21 4.28 -23.30
CA LYS A 247 -1.06 5.66 -23.75
C LYS A 247 -1.14 6.61 -22.57
N GLU A 248 -2.13 6.43 -21.71
CA GLU A 248 -2.27 7.32 -20.56
C GLU A 248 -1.06 7.25 -19.64
N ARG A 249 -0.64 6.03 -19.29
CA ARG A 249 0.43 5.89 -18.31
C ARG A 249 1.75 6.43 -18.86
N GLN A 250 2.02 6.23 -20.15
CA GLN A 250 3.25 6.79 -20.70
C GLN A 250 3.15 8.30 -20.85
N ARG A 251 1.97 8.82 -21.17
CA ARG A 251 1.80 10.27 -21.23
C ARG A 251 1.98 10.90 -19.85
N ILE A 252 1.73 10.15 -18.79
CA ILE A 252 1.91 10.67 -17.44
C ILE A 252 3.37 11.05 -17.18
N LYS A 253 4.28 10.12 -17.47
CA LYS A 253 5.68 10.23 -17.02
C LYS A 253 6.49 11.10 -17.97
N GLY A 254 6.11 12.37 -18.07
CA GLY A 254 6.87 13.29 -18.91
C GLY A 254 6.91 14.74 -18.45
N LEU A 255 6.41 15.05 -17.28
CA LEU A 255 6.20 16.44 -16.93
C LEU A 255 6.89 16.81 -15.64
N PRO A 256 7.21 18.10 -15.44
CA PRO A 256 7.78 18.53 -14.16
C PRO A 256 6.75 18.50 -13.05
N LYS A 257 7.19 18.75 -11.82
CA LYS A 257 6.35 18.51 -10.65
C LYS A 257 5.04 19.28 -10.72
N ASP A 258 5.11 20.57 -11.07
CA ASP A 258 3.89 21.38 -11.13
C ASP A 258 2.96 20.87 -12.21
N ARG A 259 3.49 20.66 -13.42
CA ARG A 259 2.66 20.07 -14.47
C ARG A 259 2.24 18.66 -14.11
N TYR A 260 3.07 17.94 -13.38
CA TYR A 260 2.74 16.56 -13.01
C TYR A 260 1.48 16.54 -12.14
N VAL A 261 1.47 17.33 -11.06
CA VAL A 261 0.30 17.38 -10.19
C VAL A 261 -0.88 18.01 -10.92
N ALA A 262 -0.63 19.00 -11.77
CA ALA A 262 -1.72 19.62 -12.52
C ALA A 262 -2.42 18.60 -13.39
N LYS A 263 -1.65 17.79 -14.12
CA LYS A 263 -2.23 16.75 -14.95
C LYS A 263 -2.97 15.72 -14.11
N LEU A 264 -2.36 15.28 -13.01
CA LEU A 264 -3.01 14.28 -12.17
C LEU A 264 -4.32 14.77 -11.60
N LEU A 265 -4.43 16.07 -11.32
CA LEU A 265 -5.59 16.61 -10.60
C LEU A 265 -6.89 16.30 -11.33
N GLU A 266 -7.07 16.87 -12.52
CA GLU A 266 -8.36 16.77 -13.20
C GLU A 266 -8.71 15.33 -13.55
N GLN A 267 -7.73 14.56 -14.03
CA GLN A 267 -7.97 13.21 -14.50
C GLN A 267 -7.87 12.17 -13.41
N LYS A 268 -7.67 12.58 -12.15
CA LYS A 268 -7.82 11.64 -11.05
C LYS A 268 -9.23 11.05 -11.04
N GLY A 269 -10.24 11.88 -11.33
CA GLY A 269 -11.59 11.36 -11.41
C GLY A 269 -11.76 10.34 -12.53
N ILE A 270 -11.16 10.62 -13.69
CA ILE A 270 -11.24 9.68 -14.81
C ILE A 270 -10.53 8.39 -14.48
N LEU A 271 -9.38 8.48 -13.80
CA LEU A 271 -8.65 7.27 -13.41
C LEU A 271 -9.45 6.45 -12.40
N GLY A 272 -10.05 7.12 -11.42
CA GLY A 272 -10.88 6.41 -10.47
C GLY A 272 -12.09 5.77 -11.13
N SER A 273 -12.66 6.46 -12.12
CA SER A 273 -13.73 5.86 -12.91
C SER A 273 -13.22 4.61 -13.61
N LEU A 274 -12.08 4.71 -14.27
CA LEU A 274 -11.47 3.56 -14.96
C LEU A 274 -11.30 2.39 -14.00
N LYS A 275 -10.97 2.68 -12.74
CA LYS A 275 -10.72 1.63 -11.76
C LYS A 275 -11.89 0.66 -11.66
N GLU A 276 -13.11 1.13 -11.92
CA GLU A 276 -14.26 0.24 -12.01
C GLU A 276 -14.71 -0.02 -13.43
N VAL A 277 -14.54 0.95 -14.35
CA VAL A 277 -14.88 0.78 -15.75
C VAL A 277 -14.15 -0.42 -16.35
N ARG A 278 -13.10 -0.88 -15.70
CA ARG A 278 -12.53 -2.17 -16.07
C ARG A 278 -13.51 -3.37 -15.81
N GLU A 279 -14.74 -3.18 -15.33
CA GLU A 279 -15.57 -4.33 -14.95
C GLU A 279 -15.96 -5.24 -16.11
N PRO A 280 -16.41 -4.75 -17.28
CA PRO A 280 -16.83 -5.71 -18.32
C PRO A 280 -15.69 -6.58 -18.77
N SER A 281 -14.46 -6.07 -18.72
CA SER A 281 -13.29 -6.90 -18.93
C SER A 281 -13.33 -8.12 -18.01
N GLY A 282 -13.53 -7.89 -16.72
CA GLY A 282 -13.55 -8.99 -15.77
C GLY A 282 -14.71 -9.95 -15.99
N ASN A 283 -15.91 -9.42 -16.20
CA ASN A 283 -17.08 -10.29 -16.35
C ASN A 283 -16.97 -11.13 -17.62
N SER A 284 -16.74 -10.49 -18.76
CA SER A 284 -16.54 -11.20 -20.00
C SER A 284 -15.33 -12.13 -19.92
N LEU A 285 -14.34 -11.79 -19.09
CA LEU A 285 -13.16 -12.63 -18.95
C LEU A 285 -13.47 -13.91 -18.18
N SER A 286 -14.30 -13.81 -17.14
CA SER A 286 -14.73 -15.02 -16.44
C SER A 286 -15.58 -15.89 -17.36
N SER A 287 -16.47 -15.27 -18.15
CA SER A 287 -17.24 -16.04 -19.12
C SER A 287 -16.34 -16.73 -20.13
N ALA A 288 -15.35 -15.98 -20.63
CA ALA A 288 -14.39 -16.54 -21.57
C ALA A 288 -13.61 -17.67 -20.92
N LEU A 289 -13.31 -17.57 -19.63
CA LEU A 289 -12.59 -18.64 -18.96
C LEU A 289 -13.45 -19.88 -18.80
N ASN A 290 -14.76 -19.71 -18.62
CA ASN A 290 -15.65 -20.87 -18.67
C ASN A 290 -15.55 -21.56 -20.03
N GLU A 291 -15.69 -20.79 -21.11
CA GLU A 291 -15.57 -21.38 -22.44
C GLU A 291 -14.18 -21.95 -22.70
N LEU A 292 -13.15 -21.38 -22.07
CA LEU A 292 -11.77 -21.82 -22.29
C LEU A 292 -11.49 -23.13 -21.57
N LEU A 293 -12.01 -23.30 -20.35
CA LEU A 293 -11.96 -24.61 -19.72
C LEU A 293 -12.69 -25.63 -20.58
N ASP A 294 -13.85 -25.24 -21.12
CA ASP A 294 -14.56 -26.09 -22.06
C ASP A 294 -13.63 -26.51 -23.20
N LYS A 295 -12.98 -25.55 -23.83
CA LYS A 295 -12.13 -25.81 -24.99
C LYS A 295 -10.96 -26.72 -24.62
N ASN A 296 -10.21 -26.34 -23.58
CA ASN A 296 -9.00 -27.09 -23.24
C ASN A 296 -9.33 -28.51 -22.82
N ASN A 297 -10.38 -28.71 -22.02
CA ASN A 297 -10.78 -30.07 -21.71
C ASN A 297 -11.34 -30.80 -22.92
N ASN A 298 -11.80 -30.07 -23.94
CA ASN A 298 -12.25 -30.70 -25.17
C ASN A 298 -11.10 -31.21 -26.02
N TYR A 299 -9.94 -30.54 -26.00
CA TYR A 299 -8.80 -30.96 -26.80
C TYR A 299 -7.68 -31.47 -25.90
N LYS A 309 -6.36 -24.36 -29.62
CA LYS A 309 -6.49 -22.93 -29.93
C LYS A 309 -6.94 -22.15 -28.71
N ALA A 310 -7.34 -22.88 -27.67
CA ALA A 310 -7.69 -22.25 -26.41
C ALA A 310 -6.48 -21.71 -25.68
N PHE A 311 -5.28 -22.16 -26.07
CA PHE A 311 -4.07 -21.75 -25.37
C PHE A 311 -3.86 -20.25 -25.48
N GLN A 312 -4.07 -19.70 -26.67
CA GLN A 312 -3.94 -18.26 -26.87
C GLN A 312 -4.93 -17.50 -26.00
N ALA A 313 -6.16 -17.99 -25.92
CA ALA A 313 -7.17 -17.30 -25.13
C ALA A 313 -6.86 -17.38 -23.64
N LEU A 314 -6.33 -18.50 -23.18
CA LEU A 314 -5.89 -18.60 -21.78
C LEU A 314 -4.74 -17.65 -21.50
N TYR A 315 -3.84 -17.52 -22.46
CA TYR A 315 -2.73 -16.58 -22.33
C TYR A 315 -3.27 -15.14 -22.23
N ALA A 316 -4.30 -14.83 -23.03
CA ALA A 316 -4.96 -13.53 -22.93
C ALA A 316 -5.66 -13.35 -21.59
N LEU A 317 -6.24 -14.43 -21.05
CA LEU A 317 -6.74 -14.42 -19.68
C LEU A 317 -5.68 -13.94 -18.70
N PHE A 318 -4.50 -14.57 -18.77
CA PHE A 318 -3.42 -14.17 -17.88
C PHE A 318 -3.04 -12.71 -18.10
N TYR A 319 -3.06 -12.28 -19.37
CA TYR A 319 -2.78 -10.88 -19.66
C TYR A 319 -3.78 -9.96 -18.98
N GLY A 320 -5.06 -10.32 -19.03
CA GLY A 320 -6.06 -9.51 -18.35
C GLY A 320 -5.83 -9.45 -16.86
N THR A 321 -5.47 -10.59 -16.26
CA THR A 321 -5.21 -10.61 -14.82
C THR A 321 -4.05 -9.70 -14.45
N GLN A 322 -2.92 -9.85 -15.15
CA GLN A 322 -1.75 -9.04 -14.86
C GLN A 322 -2.04 -7.57 -15.10
N THR A 323 -2.78 -7.26 -16.17
CA THR A 323 -3.12 -5.88 -16.46
C THR A 323 -3.95 -5.29 -15.34
N TYR A 324 -4.93 -6.04 -14.85
CA TYR A 324 -5.77 -5.53 -13.77
C TYR A 324 -4.92 -5.22 -12.54
N ALA A 325 -4.05 -6.17 -12.16
CA ALA A 325 -3.21 -5.96 -10.98
C ALA A 325 -2.30 -4.75 -11.16
N ALA A 326 -1.67 -4.64 -12.34
CA ALA A 326 -0.73 -3.55 -12.57
C ALA A 326 -1.43 -2.20 -12.57
N VAL A 327 -2.61 -2.12 -13.21
CA VAL A 327 -3.33 -0.85 -13.23
C VAL A 327 -3.70 -0.45 -11.81
N MET A 328 -4.16 -1.40 -11.01
CA MET A 328 -4.52 -1.07 -9.64
C MET A 328 -3.32 -0.56 -8.85
N PHE A 329 -2.16 -1.22 -9.00
CA PHE A 329 -0.98 -0.77 -8.27
C PHE A 329 -0.53 0.61 -8.74
N PHE A 330 -0.60 0.86 -10.05
CA PHE A 330 -0.30 2.18 -10.58
C PHE A 330 -1.17 3.24 -9.92
N LEU A 331 -2.49 2.98 -9.85
CA LEU A 331 -3.39 3.94 -9.25
C LEU A 331 -3.05 4.19 -7.79
N LEU A 332 -2.74 3.12 -7.05
CA LEU A 332 -2.41 3.27 -5.64
C LEU A 332 -1.16 4.12 -5.46
N GLU A 333 -0.11 3.83 -6.22
CA GLU A 333 1.14 4.60 -6.08
C GLU A 333 0.91 6.06 -6.42
N GLN A 334 0.16 6.33 -7.50
CA GLN A 334 -0.10 7.71 -7.87
C GLN A 334 -0.85 8.45 -6.78
N HIS A 335 -1.87 7.81 -6.21
CA HIS A 335 -2.62 8.47 -5.15
C HIS A 335 -1.74 8.69 -3.93
N SER A 336 -0.85 7.75 -3.63
CA SER A 336 0.06 7.91 -2.50
C SER A 336 0.93 9.13 -2.67
N TYR A 337 1.54 9.28 -3.84
CA TYR A 337 2.39 10.44 -4.05
C TYR A 337 1.58 11.74 -4.01
N LEU A 338 0.35 11.72 -4.55
CA LEU A 338 -0.48 12.90 -4.50
C LEU A 338 -0.76 13.32 -3.06
N ALA A 339 -1.04 12.33 -2.20
CA ALA A 339 -1.24 12.64 -0.79
C ALA A 339 0.02 13.22 -0.18
N ASP A 340 1.17 12.63 -0.50
CA ASP A 340 2.42 13.16 0.03
C ASP A 340 2.62 14.62 -0.35
N TYR A 341 2.26 14.97 -1.58
CA TYR A 341 2.33 16.38 -1.96
C TYR A 341 1.36 17.23 -1.16
N TYR A 342 0.12 16.74 -0.99
CA TYR A 342 -0.83 17.48 -0.17
C TYR A 342 -0.34 17.70 1.25
N TYR A 343 0.57 16.85 1.74
CA TYR A 343 1.06 17.03 3.10
C TYR A 343 1.72 18.39 3.29
N GLN A 344 2.54 18.81 2.32
CA GLN A 344 3.36 20.00 2.48
C GLN A 344 2.48 21.24 2.43
N LYS A 345 1.88 21.56 3.57
CA LYS A 345 1.07 22.76 3.74
C LYS A 345 -0.05 22.83 2.71
N GLY A 346 -0.71 21.70 2.50
CA GLY A 346 -1.87 21.67 1.64
C GLY A 346 -3.14 21.75 2.45
N ASP A 347 -3.82 20.61 2.63
CA ASP A 347 -4.98 20.53 3.51
C ASP A 347 -4.95 19.19 4.20
N ASP A 348 -4.83 19.20 5.53
CA ASP A 348 -4.83 17.95 6.27
C ASP A 348 -6.15 17.22 6.11
N VAL A 349 -7.25 17.98 5.95
CA VAL A 349 -8.52 17.35 5.60
C VAL A 349 -8.39 16.59 4.29
N ASN A 350 -7.72 17.20 3.30
CA ASN A 350 -7.43 16.49 2.08
C ASN A 350 -6.52 15.29 2.33
N PHE A 351 -5.62 15.39 3.31
CA PHE A 351 -4.79 14.23 3.64
C PHE A 351 -5.65 13.08 4.14
N ASN A 352 -6.61 13.37 5.01
CA ASN A 352 -7.53 12.33 5.46
C ASN A 352 -8.35 11.78 4.29
N ALA A 353 -8.79 12.66 3.39
CA ALA A 353 -9.55 12.19 2.23
C ALA A 353 -8.71 11.23 1.38
N GLU A 354 -7.45 11.56 1.15
CA GLU A 354 -6.59 10.71 0.33
C GLU A 354 -6.27 9.40 1.04
N PHE A 355 -6.03 9.45 2.35
CA PHE A 355 -5.79 8.21 3.09
C PHE A 355 -7.03 7.32 3.04
N ASN A 356 -8.21 7.93 3.13
CA ASN A 356 -9.45 7.17 2.99
C ASN A 356 -9.53 6.55 1.60
N ASN A 357 -9.18 7.31 0.57
CA ASN A 357 -9.25 6.79 -0.79
C ASN A 357 -8.34 5.59 -0.98
N VAL A 358 -7.10 5.68 -0.49
CA VAL A 358 -6.18 4.57 -0.66
C VAL A 358 -6.65 3.36 0.14
N ALA A 359 -7.16 3.59 1.36
CA ALA A 359 -7.68 2.46 2.13
C ALA A 359 -8.85 1.78 1.41
N ILE A 360 -9.77 2.58 0.87
CA ILE A 360 -10.93 2.02 0.17
C ILE A 360 -10.49 1.24 -1.05
N ILE A 361 -9.51 1.76 -1.80
CA ILE A 361 -9.07 1.07 -3.00
C ILE A 361 -8.41 -0.25 -2.63
N PHE A 362 -7.59 -0.26 -1.57
CA PHE A 362 -6.97 -1.51 -1.17
C PHE A 362 -8.01 -2.51 -0.68
N ASP A 363 -9.04 -2.03 0.00
CA ASP A 363 -10.11 -2.92 0.45
C ASP A 363 -10.90 -3.48 -0.72
N ASP A 364 -11.14 -2.66 -1.75
CA ASP A 364 -11.75 -3.15 -2.97
C ASP A 364 -10.90 -4.25 -3.59
N PHE A 365 -9.59 -4.04 -3.65
CA PHE A 365 -8.69 -5.10 -4.09
C PHE A 365 -8.91 -6.37 -3.29
N LYS A 366 -8.89 -6.24 -1.96
CA LYS A 366 -8.98 -7.41 -1.10
C LYS A 366 -10.26 -8.17 -1.37
N SER A 367 -11.39 -7.48 -1.37
CA SER A 367 -12.68 -8.14 -1.59
C SER A 367 -12.74 -8.76 -2.98
N SER A 368 -12.24 -8.06 -3.99
CA SER A 368 -12.46 -8.50 -5.37
C SER A 368 -11.57 -9.69 -5.73
N LEU A 369 -10.32 -9.70 -5.29
CA LEU A 369 -9.38 -10.70 -5.76
C LEU A 369 -8.79 -11.60 -4.67
N THR A 370 -9.07 -11.34 -3.40
CA THR A 370 -8.50 -12.17 -2.33
C THR A 370 -9.51 -12.62 -1.29
N GLY A 371 -10.62 -11.90 -1.11
CA GLY A 371 -11.51 -12.18 -0.01
C GLY A 371 -12.24 -13.51 -0.15
N GLY A 372 -13.22 -13.69 0.74
CA GLY A 372 -14.02 -14.91 0.71
C GLY A 372 -14.73 -15.10 -0.62
N ASP A 373 -15.19 -14.00 -1.22
CA ASP A 373 -15.70 -14.05 -2.57
C ASP A 373 -14.60 -14.56 -3.51
N ASP A 374 -14.95 -15.54 -4.34
CA ASP A 374 -13.96 -16.19 -5.20
C ASP A 374 -13.58 -15.26 -6.33
N GLY A 375 -12.44 -14.59 -6.17
CA GLY A 375 -11.91 -13.77 -7.24
C GLY A 375 -11.47 -14.62 -8.41
N LEU A 376 -11.15 -13.94 -9.51
CA LEU A 376 -10.78 -14.64 -10.73
C LEU A 376 -9.56 -15.54 -10.55
N ILE A 377 -8.73 -15.27 -9.55
CA ILE A 377 -7.54 -16.09 -9.33
C ILE A 377 -7.94 -17.53 -8.99
N ASP A 378 -9.01 -17.69 -8.22
CA ASP A 378 -9.48 -19.04 -7.92
C ASP A 378 -9.91 -19.76 -9.19
N ASN A 379 -10.63 -19.05 -10.06
CA ASN A 379 -11.06 -19.65 -11.32
C ASN A 379 -9.87 -20.05 -12.19
N VAL A 380 -8.86 -19.18 -12.27
CA VAL A 380 -7.72 -19.50 -13.13
C VAL A 380 -6.92 -20.66 -12.54
N ILE A 381 -6.80 -20.72 -11.22
CA ILE A 381 -6.09 -21.84 -10.60
C ILE A 381 -6.82 -23.15 -10.84
N GLU A 382 -8.15 -23.14 -10.70
CA GLU A 382 -8.89 -24.37 -10.95
C GLU A 382 -8.82 -24.78 -12.41
N VAL A 383 -8.85 -23.82 -13.34
CA VAL A 383 -8.69 -24.17 -14.76
C VAL A 383 -7.32 -24.78 -15.00
N LEU A 384 -6.28 -24.18 -14.41
CA LEU A 384 -4.94 -24.75 -14.54
C LEU A 384 -4.89 -26.18 -14.03
N ASN A 385 -5.50 -26.43 -12.88
CA ASN A 385 -5.48 -27.78 -12.33
C ASN A 385 -6.27 -28.75 -13.19
N THR A 386 -7.43 -28.33 -13.69
CA THR A 386 -8.26 -29.24 -14.49
C THR A 386 -7.57 -29.60 -15.79
N VAL A 387 -7.10 -28.60 -16.54
CA VAL A 387 -6.41 -28.91 -17.78
C VAL A 387 -5.05 -29.53 -17.51
N LYS A 388 -4.55 -29.43 -16.28
CA LYS A 388 -3.34 -30.16 -15.92
C LYS A 388 -3.59 -31.67 -15.95
N ALA A 389 -4.83 -32.09 -15.75
CA ALA A 389 -5.20 -33.50 -15.85
C ALA A 389 -5.53 -33.91 -17.28
N LEU A 390 -5.42 -33.01 -18.24
CA LEU A 390 -5.75 -33.34 -19.62
C LEU A 390 -4.76 -34.37 -20.15
N PRO A 391 -5.23 -35.50 -20.67
CA PRO A 391 -4.35 -36.54 -21.22
C PRO A 391 -3.91 -36.23 -22.66
N PHE A 392 -3.46 -35.00 -22.89
CA PHE A 392 -3.15 -34.52 -24.22
C PHE A 392 -1.80 -33.84 -24.23
N ILE A 393 -1.15 -33.89 -25.39
CA ILE A 393 0.14 -33.23 -25.60
C ILE A 393 -0.11 -31.84 -26.15
N LYS A 394 0.44 -30.83 -25.49
CA LYS A 394 0.12 -29.43 -25.78
C LYS A 394 1.40 -28.62 -25.90
N ASN A 395 1.25 -27.41 -26.44
CA ASN A 395 2.39 -26.57 -26.78
C ASN A 395 3.09 -26.06 -25.52
N ALA A 396 4.27 -25.49 -25.73
CA ALA A 396 5.02 -24.86 -24.65
C ALA A 396 4.32 -23.62 -24.11
N ASP A 397 3.31 -23.11 -24.83
CA ASP A 397 2.50 -22.01 -24.30
C ASP A 397 1.94 -22.37 -22.94
N SER A 398 1.48 -23.62 -22.78
CA SER A 398 0.95 -24.06 -21.49
C SER A 398 2.03 -24.03 -20.42
N LYS A 399 3.25 -24.45 -20.75
CA LYS A 399 4.32 -24.44 -19.75
C LYS A 399 4.67 -23.00 -19.35
N LEU A 400 4.81 -22.12 -20.33
CA LEU A 400 5.08 -20.72 -20.03
C LEU A 400 3.99 -20.14 -19.14
N TYR A 401 2.73 -20.46 -19.48
CA TYR A 401 1.62 -20.05 -18.63
C TYR A 401 1.73 -20.68 -17.25
N ARG A 402 2.40 -21.83 -17.14
CA ARG A 402 2.58 -22.46 -15.84
C ARG A 402 3.56 -21.66 -14.97
N GLU A 403 4.70 -21.26 -15.53
CA GLU A 403 5.54 -20.36 -14.73
C GLU A 403 4.82 -19.05 -14.47
N LEU A 404 3.95 -18.63 -15.39
CA LEU A 404 3.14 -17.44 -15.16
C LEU A 404 2.24 -17.61 -13.94
N VAL A 405 1.60 -18.78 -13.81
CA VAL A 405 0.75 -19.04 -12.67
C VAL A 405 1.57 -19.16 -11.40
N THR A 406 2.81 -19.65 -11.52
CA THR A 406 3.72 -19.64 -10.38
C THR A 406 3.93 -18.21 -9.88
N ARG A 407 4.21 -17.30 -10.81
CA ARG A 407 4.30 -15.88 -10.46
C ARG A 407 3.01 -15.39 -9.83
N THR A 408 1.87 -15.83 -10.37
CA THR A 408 0.58 -15.40 -9.86
C THR A 408 0.37 -15.83 -8.42
N LYS A 409 0.72 -17.06 -8.08
CA LYS A 409 0.49 -17.52 -6.71
C LYS A 409 1.52 -16.90 -5.75
N ALA A 410 2.74 -16.65 -6.21
CA ALA A 410 3.67 -15.89 -5.38
C ALA A 410 3.12 -14.50 -5.09
N LEU A 411 2.59 -13.83 -6.11
CA LEU A 411 1.97 -12.53 -5.93
C LEU A 411 0.75 -12.64 -5.02
N GLU A 412 0.02 -13.74 -5.11
CA GLU A 412 -1.14 -13.95 -4.25
C GLU A 412 -0.74 -14.05 -2.80
N THR A 413 0.31 -14.80 -2.52
CA THR A 413 0.83 -14.89 -1.16
C THR A 413 1.28 -13.52 -0.67
N LEU A 414 1.93 -12.75 -1.54
CA LEU A 414 2.33 -11.40 -1.16
C LEU A 414 1.12 -10.52 -0.87
N LYS A 415 0.08 -10.64 -1.69
CA LYS A 415 -1.06 -9.74 -1.62
C LYS A 415 -2.06 -10.13 -0.54
N ASN A 416 -1.94 -11.34 0.02
CA ASN A 416 -2.84 -11.80 1.05
C ASN A 416 -2.37 -11.43 2.46
N GLN A 417 -1.62 -10.36 2.60
CA GLN A 417 -1.14 -9.92 3.91
C GLN A 417 -0.96 -8.40 3.94
N ILE A 429 -6.39 8.32 19.11
CA ILE A 429 -5.88 9.50 18.42
C ILE A 429 -6.76 10.73 18.63
N PRO A 430 -8.08 10.63 18.41
CA PRO A 430 -8.93 11.81 18.63
C PRO A 430 -8.89 12.27 20.08
N GLU A 431 -8.36 13.46 20.30
CA GLU A 431 -8.27 14.04 21.63
C GLU A 431 -8.14 15.55 21.49
N THR A 432 -8.32 16.25 22.61
CA THR A 432 -8.38 17.70 22.57
C THR A 432 -8.16 18.28 23.96
N LEU A 433 -7.40 19.36 24.03
CA LEU A 433 -7.33 20.22 25.21
C LEU A 433 -8.66 20.95 25.28
N SER A 434 -9.67 20.28 25.83
CA SER A 434 -10.97 20.91 25.92
C SER A 434 -10.99 22.00 26.97
N GLN A 435 -10.20 21.85 28.03
CA GLN A 435 -10.30 22.74 29.18
C GLN A 435 -8.98 23.25 29.75
N VAL A 436 -7.88 22.50 29.62
CA VAL A 436 -6.70 22.73 30.47
C VAL A 436 -5.81 23.78 29.82
N ASN A 437 -6.11 25.03 30.14
CA ASN A 437 -5.22 26.16 29.90
C ASN A 437 -4.46 26.43 31.19
N PHE A 438 -3.15 26.61 31.09
CA PHE A 438 -2.35 26.84 32.28
C PHE A 438 -2.77 28.15 32.95
N PRO A 439 -3.02 28.14 34.25
CA PRO A 439 -3.28 29.37 34.99
C PRO A 439 -1.95 30.03 35.35
N ASN A 440 -2.05 31.22 35.94
CA ASN A 440 -0.86 31.95 36.37
C ASN A 440 -0.33 31.31 37.65
N ASP A 441 0.35 30.18 37.48
CA ASP A 441 1.19 29.68 38.55
C ASP A 441 2.33 30.65 38.82
N GLU A 442 2.97 31.13 37.76
CA GLU A 442 4.01 32.16 37.78
C GLU A 442 4.41 32.44 36.34
N ASN A 443 5.04 33.61 36.16
CA ASN A 443 5.80 33.98 34.95
C ASN A 443 5.02 33.84 33.65
N GLN A 444 3.68 33.75 33.69
CA GLN A 444 2.95 33.74 32.43
C GLN A 444 3.10 35.08 31.71
N LEU A 445 2.92 36.19 32.44
CA LEU A 445 3.33 37.56 32.10
C LEU A 445 3.01 37.87 30.64
N PRO A 446 1.74 38.16 30.32
CA PRO A 446 1.35 38.37 28.92
C PRO A 446 2.19 39.42 28.21
N THR A 447 2.92 38.97 27.20
CA THR A 447 3.75 39.81 26.34
C THR A 447 3.13 39.92 24.96
N PRO A 448 3.06 41.12 24.39
CA PRO A 448 2.45 41.27 23.08
C PRO A 448 3.32 40.69 21.98
N ILE A 449 3.42 39.36 21.94
CA ILE A 449 4.30 38.70 20.98
C ILE A 449 3.65 38.71 19.61
N GLY A 450 4.35 39.29 18.63
CA GLY A 450 3.86 39.23 17.28
C GLY A 450 3.81 37.82 16.73
N ASN A 451 4.78 36.98 17.13
CA ASN A 451 4.76 35.59 16.71
C ASN A 451 3.52 34.88 17.20
N TRP A 452 3.25 34.95 18.50
CA TRP A 452 2.02 34.38 19.04
C TRP A 452 0.98 35.50 18.99
N VAL A 453 0.36 35.63 17.81
CA VAL A 453 -0.43 36.82 17.51
C VAL A 453 -1.52 37.01 18.55
N ASP A 454 -1.78 38.27 18.89
CA ASP A 454 -2.75 38.63 19.91
C ASP A 454 -4.12 38.83 19.26
N GLY A 455 -5.12 38.12 19.78
CA GLY A 455 -6.48 38.25 19.32
C GLY A 455 -6.95 37.14 18.40
N VAL A 456 -6.03 36.33 17.87
CA VAL A 456 -6.39 35.25 16.95
C VAL A 456 -6.88 34.04 17.73
N GLU A 457 -7.48 33.09 17.03
CA GLU A 457 -7.98 31.86 17.62
C GLU A 457 -6.89 30.79 17.58
N VAL A 458 -7.26 29.55 17.90
CA VAL A 458 -6.30 28.45 17.94
C VAL A 458 -6.86 27.27 17.16
N ARG A 459 -5.96 26.44 16.65
CA ARG A 459 -6.30 25.20 15.98
C ARG A 459 -5.29 24.14 16.38
N TYR A 460 -5.68 22.87 16.30
CA TYR A 460 -4.80 21.83 16.80
C TYR A 460 -5.27 20.46 16.34
N ALA A 461 -4.35 19.51 16.39
CA ALA A 461 -4.60 18.09 16.20
C ALA A 461 -3.33 17.35 16.59
N VAL A 462 -3.43 16.03 16.68
CA VAL A 462 -2.29 15.21 17.11
C VAL A 462 -2.44 13.81 16.54
N GLN A 463 -1.34 13.28 16.03
CA GLN A 463 -1.32 11.95 15.44
C GLN A 463 -0.05 11.23 15.86
N TYR A 464 -0.03 9.91 15.61
CA TYR A 464 1.10 9.09 16.00
C TYR A 464 2.07 8.89 14.86
N GLU A 465 3.35 8.91 15.18
CA GLU A 465 4.40 8.70 14.20
C GLU A 465 5.57 8.02 14.89
N SER A 466 6.75 8.06 14.27
CA SER A 466 8.06 7.64 14.74
C SER A 466 8.28 6.14 14.66
N LYS A 467 7.28 5.33 14.33
CA LYS A 467 7.51 3.92 14.03
C LYS A 467 6.58 3.54 12.89
N GLY A 468 7.15 3.25 11.72
CA GLY A 468 6.35 2.81 10.60
C GLY A 468 5.33 3.85 10.20
N MET A 469 4.08 3.42 10.11
CA MET A 469 3.02 4.26 9.59
C MET A 469 2.81 5.48 10.47
N TYR A 470 2.18 6.49 9.89
CA TYR A 470 1.82 7.72 10.57
C TYR A 470 0.35 7.95 10.27
N SER A 471 -0.51 7.27 11.02
CA SER A 471 -1.95 7.43 10.84
C SER A 471 -2.31 8.89 11.09
N LYS A 472 -3.22 9.42 10.29
CA LYS A 472 -3.49 10.85 10.30
C LYS A 472 -4.96 11.11 10.55
N PHE A 473 -5.26 12.20 11.25
CA PHE A 473 -6.60 12.46 11.75
C PHE A 473 -6.87 13.96 11.72
N SER A 474 -8.15 14.31 11.66
CA SER A 474 -8.61 15.70 11.61
C SER A 474 -9.52 15.98 12.78
N GLU A 475 -9.22 17.03 13.54
CA GLU A 475 -10.01 17.38 14.71
C GLU A 475 -10.22 18.88 14.85
N TRP A 476 -10.28 19.62 13.73
CA TRP A 476 -10.42 21.06 13.85
C TRP A 476 -11.85 21.52 14.07
N SER A 477 -12.79 20.60 14.27
CA SER A 477 -14.11 21.02 14.71
C SER A 477 -14.06 21.67 16.09
N GLU A 478 -13.21 21.15 16.99
CA GLU A 478 -13.11 21.55 18.37
C GLU A 478 -12.35 22.85 18.63
N PRO A 479 -11.27 23.15 17.89
CA PRO A 479 -10.55 24.41 18.14
C PRO A 479 -11.45 25.62 18.01
N PHE A 480 -11.25 26.59 18.89
CA PHE A 480 -12.04 27.81 18.92
C PHE A 480 -11.16 28.95 19.42
N THR A 481 -11.80 30.06 19.80
CA THR A 481 -11.06 31.27 20.17
C THR A 481 -10.29 31.06 21.47
N VAL A 482 -9.06 31.57 21.49
CA VAL A 482 -8.18 31.49 22.66
C VAL A 482 -7.33 32.75 22.69
N GLN A 483 -7.37 33.47 23.81
CA GLN A 483 -6.59 34.70 23.98
C GLN A 483 -6.05 34.76 25.39
N GLY A 484 -5.46 35.91 25.74
CA GLY A 484 -4.82 36.06 27.03
C GLY A 484 -3.32 35.89 26.95
N ASN A 485 -2.83 34.73 27.38
CA ASN A 485 -1.45 34.35 27.17
C ASN A 485 -1.40 32.90 26.69
N ALA A 486 -0.33 32.58 25.97
CA ALA A 486 -0.14 31.24 25.44
C ALA A 486 0.20 30.31 26.59
N CYS A 487 -0.83 29.65 27.13
CA CYS A 487 -0.60 28.71 28.22
C CYS A 487 -1.45 27.44 28.13
N PRO A 488 -1.53 26.75 26.99
CA PRO A 488 -2.39 25.56 26.93
C PRO A 488 -1.67 24.33 27.48
N THR A 489 -2.15 23.81 28.61
CA THR A 489 -1.59 22.59 29.19
C THR A 489 -1.91 21.43 28.26
N ILE A 490 -0.93 21.05 27.43
CA ILE A 490 -1.27 20.32 26.20
C ILE A 490 -1.98 19.00 26.49
N LYS A 491 -1.72 18.39 27.65
CA LYS A 491 -2.50 17.24 28.12
C LYS A 491 -2.45 16.07 27.13
N VAL A 492 -1.25 15.51 26.98
CA VAL A 492 -1.10 14.30 26.16
C VAL A 492 -1.86 13.13 26.77
N ARG A 493 -2.14 13.20 28.07
CA ARG A 493 -2.55 12.07 28.90
C ARG A 493 -4.02 11.71 28.78
N VAL A 494 -4.73 12.17 27.75
CA VAL A 494 -6.12 11.75 27.61
C VAL A 494 -6.20 10.24 27.38
N ASP A 495 -5.31 9.72 26.54
CA ASP A 495 -5.13 8.28 26.35
C ASP A 495 -3.63 7.98 26.35
N PRO A 496 -2.99 8.06 27.52
CA PRO A 496 -1.53 7.87 27.57
C PRO A 496 -1.15 6.42 27.33
N LYS A 497 -1.32 5.97 26.10
CA LYS A 497 -0.98 4.62 25.68
C LYS A 497 0.53 4.53 25.43
N LYS A 498 0.96 3.47 24.73
CA LYS A 498 2.36 3.23 24.43
C LYS A 498 2.79 3.83 23.10
N ARG A 499 2.20 4.95 22.70
CA ARG A 499 2.44 5.57 21.41
C ARG A 499 3.09 6.94 21.60
N ASN A 500 3.87 7.35 20.60
CA ASN A 500 4.48 8.67 20.55
C ASN A 500 3.58 9.57 19.70
N ARG A 501 2.76 10.38 20.36
CA ARG A 501 1.79 11.21 19.68
C ARG A 501 2.35 12.62 19.54
N LEU A 502 2.39 13.13 18.31
CA LEU A 502 3.01 14.41 18.00
C LEU A 502 1.92 15.42 17.69
N ILE A 503 1.76 16.41 18.55
CA ILE A 503 0.78 17.46 18.33
C ILE A 503 1.38 18.54 17.45
N PHE A 504 0.67 18.88 16.39
CA PHE A 504 1.03 20.01 15.54
C PHE A 504 -0.06 21.06 15.69
N ARG A 505 0.36 22.30 15.95
CA ARG A 505 -0.55 23.34 16.39
C ARG A 505 -0.67 24.42 15.32
N LYS A 506 -1.91 24.87 15.11
CA LYS A 506 -2.22 25.69 13.96
C LYS A 506 -3.20 26.78 14.39
N PHE A 507 -3.39 27.76 13.52
CA PHE A 507 -4.50 28.72 13.62
C PHE A 507 -4.77 29.21 12.19
N ASN A 508 -5.49 30.32 12.06
CA ASN A 508 -6.32 30.60 10.88
C ASN A 508 -5.79 30.04 9.55
N SER A 509 -4.55 30.33 9.19
CA SER A 509 -3.99 29.89 7.91
C SER A 509 -3.06 28.70 8.11
N GLY A 510 -2.31 28.36 7.06
CA GLY A 510 -1.24 27.39 7.21
C GLY A 510 -0.24 27.86 8.24
N LYS A 511 0.14 27.02 9.18
CA LYS A 511 0.88 27.41 10.37
C LYS A 511 2.13 26.59 10.55
N PRO A 512 2.98 26.94 11.53
CA PRO A 512 4.16 26.11 11.79
C PRO A 512 3.81 24.66 12.07
N GLN A 513 2.72 24.43 12.82
CA GLN A 513 2.10 23.12 12.91
C GLN A 513 3.10 22.05 13.35
N PHE A 514 3.59 22.22 14.58
CA PHE A 514 4.43 21.23 15.23
C PHE A 514 4.60 21.62 16.69
N ALA A 515 4.60 20.63 17.58
CA ALA A 515 4.86 20.89 18.99
C ALA A 515 5.31 19.59 19.66
N GLY A 516 6.62 19.41 19.82
CA GLY A 516 7.19 18.40 20.70
C GLY A 516 6.83 16.96 20.43
N THR A 517 7.40 16.06 21.23
CA THR A 517 7.13 14.61 21.11
C THR A 517 7.61 13.93 22.39
N MET A 518 6.69 13.35 23.16
CA MET A 518 7.09 12.48 24.26
C MET A 518 5.83 11.80 24.80
N THR A 519 6.02 10.57 25.31
CA THR A 519 4.87 9.73 25.67
C THR A 519 4.09 10.29 26.85
N HIS A 520 4.79 10.68 27.92
CA HIS A 520 4.16 10.95 29.20
C HIS A 520 3.59 12.38 29.23
N SER A 521 3.31 12.87 30.43
CA SER A 521 2.75 14.20 30.59
C SER A 521 3.67 15.27 30.01
N GLN A 522 3.07 16.26 29.36
CA GLN A 522 3.77 17.44 28.91
C GLN A 522 3.00 18.67 29.34
N THR A 523 3.74 19.74 29.65
CA THR A 523 3.20 20.89 30.38
C THR A 523 3.47 22.19 29.63
N ASN A 524 3.11 22.21 28.34
CA ASN A 524 3.07 23.43 27.53
C ASN A 524 4.42 24.13 27.42
N PHE A 525 5.51 23.39 27.36
CA PHE A 525 6.76 24.00 26.91
C PHE A 525 6.74 24.23 25.41
N LYS A 526 5.70 23.73 24.74
CA LYS A 526 5.55 23.94 23.31
C LYS A 526 5.53 25.42 22.95
N ASP A 527 4.79 26.22 23.72
CA ASP A 527 4.74 27.65 23.45
C ASP A 527 6.13 28.26 23.44
N ILE A 528 6.90 27.96 24.49
CA ILE A 528 8.19 28.60 24.64
C ILE A 528 9.15 28.13 23.54
N HIS A 529 9.14 26.83 23.24
CA HIS A 529 10.03 26.33 22.20
C HIS A 529 9.62 26.87 20.83
N ARG A 530 8.32 27.01 20.60
CA ARG A 530 7.84 27.54 19.34
C ARG A 530 8.32 28.97 19.15
N ASP A 531 8.08 29.81 20.13
CA ASP A 531 8.54 31.20 20.03
C ASP A 531 10.05 31.25 19.99
N LEU A 532 10.72 30.24 20.55
CA LEU A 532 12.17 30.18 20.51
C LEU A 532 12.68 30.04 19.08
N TYR A 533 12.20 29.04 18.34
CA TYR A 533 12.77 28.93 17.00
C TYR A 533 12.24 30.05 16.13
N ASP A 534 11.07 30.60 16.47
CA ASP A 534 10.56 31.76 15.75
C ASP A 534 11.49 32.95 15.87
N ALA A 535 11.97 33.21 17.09
CA ALA A 535 13.00 34.24 17.26
C ALA A 535 14.24 33.87 16.47
N ALA A 536 14.62 32.59 16.48
CA ALA A 536 15.77 32.17 15.69
C ALA A 536 15.56 32.41 14.20
N LEU A 537 14.31 32.46 13.76
CA LEU A 537 13.97 32.59 12.35
C LEU A 537 13.74 34.03 11.91
N ASN A 538 13.53 34.95 12.85
CA ASN A 538 13.17 36.31 12.49
C ASN A 538 14.36 37.02 11.84
N ILE A 539 14.06 38.19 11.27
CA ILE A 539 15.08 38.99 10.61
C ILE A 539 15.34 40.32 11.32
N ASN A 540 14.48 40.74 12.23
CA ASN A 540 14.74 41.92 13.05
C ASN A 540 15.55 41.47 14.26
N LYS A 541 16.85 41.79 14.24
CA LYS A 541 17.76 41.20 15.22
C LYS A 541 17.49 41.68 16.64
N LEU A 542 17.06 42.93 16.80
CA LEU A 542 16.74 43.41 18.15
C LEU A 542 15.52 42.68 18.71
N LYS A 543 14.51 42.43 17.88
CA LYS A 543 13.38 41.64 18.32
C LYS A 543 13.81 40.24 18.71
N ALA A 544 14.74 39.66 17.95
CA ALA A 544 15.28 38.35 18.30
C ALA A 544 15.98 38.40 19.65
N VAL A 545 16.74 39.47 19.91
CA VAL A 545 17.38 39.63 21.20
C VAL A 545 16.34 39.67 22.32
N ASP A 546 15.28 40.45 22.11
CA ASP A 546 14.24 40.58 23.13
C ASP A 546 13.60 39.22 23.42
N GLU A 547 13.22 38.50 22.37
CA GLU A 547 12.55 37.22 22.55
C GLU A 547 13.47 36.21 23.21
N ALA A 548 14.74 36.16 22.78
CA ALA A 548 15.68 35.22 23.37
C ALA A 548 15.90 35.53 24.84
N THR A 549 16.01 36.81 25.19
CA THR A 549 16.16 37.18 26.59
C THR A 549 14.94 36.77 27.40
N THR A 550 13.74 36.99 26.86
CA THR A 550 12.53 36.77 27.64
C THR A 550 12.23 35.30 27.83
N LEU A 551 12.15 34.54 26.73
CA LEU A 551 11.58 33.20 26.83
C LEU A 551 12.47 32.26 27.62
N ILE A 552 13.80 32.44 27.56
CA ILE A 552 14.69 31.57 28.33
C ILE A 552 14.46 31.78 29.82
N GLU A 553 14.19 33.02 30.22
CA GLU A 553 13.82 33.28 31.60
C GLU A 553 12.45 32.70 31.92
N LYS A 554 11.54 32.73 30.94
CA LYS A 554 10.23 32.12 31.15
C LYS A 554 10.35 30.63 31.42
N GLY A 555 11.37 29.98 30.88
CA GLY A 555 11.65 28.59 31.20
C GLY A 555 11.45 27.62 30.05
N ALA A 556 12.56 27.20 29.44
CA ALA A 556 12.57 26.14 28.43
C ALA A 556 14.02 25.79 28.14
N ASP A 557 14.21 24.89 27.18
CA ASP A 557 15.54 24.47 26.75
C ASP A 557 15.64 24.55 25.24
N ILE A 558 16.81 24.95 24.76
CA ILE A 558 17.03 25.04 23.32
C ILE A 558 17.05 23.65 22.69
N GLU A 559 17.61 22.67 23.39
CA GLU A 559 17.95 21.39 22.79
C GLU A 559 16.76 20.73 22.12
N ALA A 560 15.54 20.96 22.63
CA ALA A 560 14.37 20.37 22.01
C ALA A 560 14.21 20.86 20.58
N LYS A 561 13.97 19.92 19.67
CA LYS A 561 13.95 20.24 18.25
C LYS A 561 12.61 20.84 17.84
N PHE A 562 12.49 21.15 16.55
CA PHE A 562 11.23 21.61 15.99
C PHE A 562 11.22 21.32 14.50
N ASP A 563 10.06 20.91 13.98
CA ASP A 563 9.94 20.54 12.57
C ASP A 563 10.90 19.41 12.22
N ASN A 564 11.22 18.60 13.24
CA ASN A 564 12.23 17.55 13.18
C ASN A 564 13.61 18.15 12.91
N ASP A 565 13.67 19.47 12.79
CA ASP A 565 14.90 20.23 12.66
C ASP A 565 15.27 20.79 14.03
N ARG A 566 16.52 21.21 14.15
CA ARG A 566 16.92 21.96 15.35
C ARG A 566 16.88 23.46 15.05
N SER A 567 15.70 23.89 14.61
CA SER A 567 15.52 25.24 14.09
C SER A 567 15.85 26.30 15.13
N ALA A 568 15.58 26.03 16.40
CA ALA A 568 15.95 26.98 17.44
C ALA A 568 17.46 27.18 17.52
N MET A 569 18.24 26.28 16.92
CA MET A 569 19.70 26.37 16.92
C MET A 569 20.30 26.63 15.56
N HIS A 570 19.70 26.13 14.48
CA HIS A 570 20.26 26.31 13.15
C HIS A 570 19.57 27.39 12.34
N ALA A 571 18.32 27.74 12.66
CA ALA A 571 17.77 28.98 12.14
C ALA A 571 18.61 30.16 12.60
N VAL A 572 19.31 30.00 13.72
CA VAL A 572 20.30 30.98 14.15
C VAL A 572 21.34 31.18 13.06
N ALA A 573 21.91 30.09 12.56
CA ALA A 573 22.92 30.19 11.50
C ALA A 573 22.31 30.63 10.19
N TYR A 574 21.06 30.27 9.94
CA TYR A 574 20.42 30.64 8.69
C TYR A 574 19.90 32.07 8.68
N ARG A 575 19.87 32.74 9.83
CA ARG A 575 19.46 34.13 9.89
C ARG A 575 20.49 35.03 10.52
N GLY A 576 21.63 34.50 10.94
CA GLY A 576 22.59 35.27 11.71
C GLY A 576 22.13 35.39 13.15
N ASN A 577 22.95 36.09 13.94
CA ASN A 577 22.62 36.19 15.35
C ASN A 577 23.43 37.31 15.99
N ASN A 578 22.80 38.02 16.91
CA ASN A 578 23.54 38.93 17.77
C ASN A 578 24.33 38.13 18.80
N LYS A 579 24.98 38.85 19.70
CA LYS A 579 25.90 38.19 20.64
C LYS A 579 25.16 37.23 21.55
N ILE A 580 23.97 37.60 22.04
CA ILE A 580 23.35 36.85 23.12
C ILE A 580 23.01 35.43 22.69
N ALA A 581 22.82 35.20 21.39
CA ALA A 581 22.63 33.83 20.93
C ALA A 581 23.84 32.98 21.28
N LEU A 582 25.03 33.47 20.93
CA LEU A 582 26.25 32.77 21.30
C LEU A 582 26.48 32.77 22.79
N ARG A 583 26.04 33.81 23.49
CA ARG A 583 26.19 33.85 24.94
C ARG A 583 25.37 32.76 25.61
N PHE A 584 24.11 32.62 25.21
CA PHE A 584 23.26 31.57 25.76
C PHE A 584 23.78 30.20 25.37
N LEU A 585 24.21 30.05 24.11
CA LEU A 585 24.77 28.78 23.65
C LEU A 585 26.14 28.51 24.23
N LEU A 586 26.75 29.49 24.90
CA LEU A 586 28.13 29.37 25.32
C LEU A 586 28.26 28.51 26.57
N LYS A 587 27.15 28.29 27.27
CA LYS A 587 27.22 27.57 28.54
C LYS A 587 27.74 26.14 28.36
N ASN A 588 27.27 25.45 27.32
CA ASN A 588 27.70 24.08 27.11
C ASN A 588 28.83 24.00 26.09
N GLN A 589 28.74 24.79 25.01
CA GLN A 589 29.67 24.71 23.89
C GLN A 589 29.66 23.31 23.29
N SER A 590 28.55 22.58 23.48
CA SER A 590 28.48 21.19 23.07
C SER A 590 27.17 20.80 22.41
N ILE A 591 26.22 21.73 22.26
CA ILE A 591 24.92 21.39 21.69
C ILE A 591 24.92 21.67 20.20
N ASP A 592 25.08 22.94 19.83
CA ASP A 592 24.85 23.35 18.45
C ASP A 592 25.98 22.96 17.52
N ILE A 593 27.23 22.97 18.01
CA ILE A 593 28.38 22.77 17.14
C ILE A 593 28.30 21.41 16.45
N GLU A 594 28.01 20.37 17.22
CA GLU A 594 27.91 19.01 16.71
C GLU A 594 26.49 18.63 16.35
N LEU A 595 25.57 19.60 16.41
CA LEU A 595 24.15 19.32 16.25
C LEU A 595 23.85 18.91 14.82
N LYS A 596 23.67 17.61 14.60
CA LYS A 596 23.27 17.11 13.29
C LYS A 596 21.78 17.32 13.09
N ASP A 597 21.42 17.76 11.88
CA ASP A 597 20.02 17.98 11.53
C ASP A 597 19.44 16.67 11.00
N LYS A 598 18.25 16.75 10.40
CA LYS A 598 17.69 15.60 9.70
C LYS A 598 18.66 15.09 8.65
N ASN A 599 19.26 16.01 7.89
CA ASN A 599 20.30 15.67 6.92
C ASN A 599 21.69 15.64 7.54
N GLY A 600 21.80 15.86 8.85
CA GLY A 600 23.07 15.78 9.52
C GLY A 600 23.97 16.99 9.39
N PHE A 601 23.45 18.11 8.89
CA PHE A 601 24.26 19.31 8.76
C PHE A 601 24.66 19.84 10.14
N THR A 602 25.85 20.43 10.20
CA THR A 602 26.30 21.25 11.31
C THR A 602 26.12 22.71 10.95
N PRO A 603 26.15 23.61 11.93
CA PRO A 603 25.99 25.05 11.61
C PRO A 603 27.02 25.55 10.64
N LEU A 604 28.15 24.85 10.50
CA LEU A 604 29.11 25.18 9.44
C LEU A 604 28.43 25.22 8.09
N HIS A 605 27.65 24.18 7.77
CA HIS A 605 27.04 24.10 6.45
C HIS A 605 26.00 25.19 6.24
N ILE A 606 25.13 25.40 7.23
CA ILE A 606 24.09 26.41 7.10
C ILE A 606 24.70 27.80 6.96
N ALA A 607 25.69 28.10 7.80
CA ALA A 607 26.37 29.40 7.68
C ALA A 607 27.06 29.55 6.34
N ALA A 608 27.74 28.49 5.87
CA ALA A 608 28.47 28.58 4.62
C ALA A 608 27.53 28.84 3.45
N GLU A 609 26.42 28.11 3.38
CA GLU A 609 25.47 28.37 2.31
C GLU A 609 24.85 29.75 2.45
N ALA A 610 24.52 30.14 3.68
CA ALA A 610 23.97 31.47 3.91
C ALA A 610 25.00 32.57 3.67
N GLY A 611 26.28 32.23 3.68
CA GLY A 611 27.33 33.22 3.45
C GLY A 611 27.35 34.33 4.48
N GLN A 612 26.94 34.05 5.71
CA GLN A 612 26.89 35.05 6.77
C GLN A 612 28.27 35.16 7.40
N ALA A 613 29.16 35.82 6.66
CA ALA A 613 30.58 35.82 6.99
C ALA A 613 30.82 36.31 8.42
N GLY A 614 30.16 37.40 8.81
CA GLY A 614 30.33 37.89 10.17
C GLY A 614 29.98 36.84 11.20
N PHE A 615 28.79 36.26 11.09
CA PHE A 615 28.40 35.20 12.01
C PHE A 615 29.26 33.96 11.81
N VAL A 616 29.84 33.79 10.63
CA VAL A 616 30.80 32.71 10.43
C VAL A 616 31.99 32.90 11.35
N LYS A 617 32.53 34.12 11.44
CA LYS A 617 33.60 34.38 12.41
C LYS A 617 33.09 34.22 13.83
N LEU A 618 31.89 34.76 14.10
CA LEU A 618 31.30 34.66 15.43
C LEU A 618 31.26 33.22 15.91
N LEU A 619 30.97 32.28 15.02
CA LEU A 619 30.95 30.88 15.42
C LEU A 619 32.34 30.28 15.41
N ILE A 620 33.08 30.44 14.32
CA ILE A 620 34.41 29.84 14.18
C ILE A 620 35.37 30.32 15.25
N ASN A 621 34.97 31.30 16.06
CA ASN A 621 35.68 31.55 17.31
C ASN A 621 35.83 30.26 18.10
N HIS A 622 34.80 29.42 18.10
CA HIS A 622 34.95 28.09 18.69
C HIS A 622 35.89 27.22 17.84
N GLY A 623 35.82 27.36 16.51
CA GLY A 623 36.70 26.62 15.63
C GLY A 623 36.43 25.13 15.56
N ALA A 624 35.27 24.75 15.00
CA ALA A 624 34.88 23.35 14.92
C ALA A 624 35.46 22.71 13.66
N ASP A 625 34.93 21.55 13.30
CA ASP A 625 35.39 20.81 12.11
C ASP A 625 34.95 21.56 10.86
N VAL A 626 35.90 22.24 10.22
CA VAL A 626 35.66 22.81 8.91
C VAL A 626 35.50 21.76 7.83
N ASN A 627 35.83 20.50 8.15
CA ASN A 627 35.64 19.38 7.24
C ASN A 627 34.40 18.57 7.58
N ALA A 628 33.39 19.20 8.17
CA ALA A 628 32.18 18.50 8.57
C ALA A 628 31.41 18.10 7.31
N LYS A 629 31.57 16.85 6.90
CA LYS A 629 30.85 16.33 5.76
C LYS A 629 29.45 15.88 6.17
N THR A 630 28.44 16.34 5.44
CA THR A 630 27.07 16.04 5.79
C THR A 630 26.76 14.56 5.54
N SER A 631 25.63 14.11 6.08
CA SER A 631 25.30 12.69 6.06
C SER A 631 25.14 12.17 4.63
N LYS A 632 24.31 12.83 3.83
CA LYS A 632 24.08 12.46 2.44
C LYS A 632 24.82 13.44 1.55
N THR A 633 25.53 12.91 0.55
CA THR A 633 26.37 13.72 -0.35
C THR A 633 27.43 14.49 0.46
N ASN A 634 28.32 13.70 1.06
CA ASN A 634 29.39 14.24 1.89
C ASN A 634 30.26 15.22 1.13
N LEU A 635 30.23 16.49 1.53
CA LEU A 635 31.00 17.54 0.89
C LEU A 635 31.50 18.51 1.95
N THR A 636 32.31 19.48 1.50
CA THR A 636 32.86 20.48 2.41
C THR A 636 32.05 21.77 2.35
N PRO A 637 32.01 22.53 3.45
CA PRO A 637 31.34 23.84 3.39
C PRO A 637 31.97 24.79 2.40
N LEU A 638 33.24 24.56 2.04
CA LEU A 638 33.85 25.32 0.95
C LEU A 638 33.07 25.11 -0.33
N HIS A 639 32.63 23.88 -0.60
CA HIS A 639 31.80 23.62 -1.76
C HIS A 639 30.51 24.41 -1.70
N LEU A 640 29.89 24.47 -0.52
CA LEU A 640 28.66 25.24 -0.37
C LEU A 640 28.89 26.72 -0.64
N ALA A 641 29.98 27.27 -0.11
CA ALA A 641 30.29 28.67 -0.35
C ALA A 641 30.51 28.94 -1.83
N THR A 642 31.25 28.05 -2.51
CA THR A 642 31.45 28.20 -3.94
C THR A 642 30.12 28.16 -4.69
N ARG A 643 29.25 27.23 -4.32
CA ARG A 643 27.95 27.11 -4.98
C ARG A 643 27.13 28.37 -4.80
N SER A 644 27.11 28.92 -3.58
CA SER A 644 26.30 30.11 -3.32
C SER A 644 26.92 31.33 -3.99
N GLY A 645 28.12 31.71 -3.58
CA GLY A 645 28.80 32.84 -4.18
C GLY A 645 29.04 33.99 -3.23
N PHE A 646 29.15 33.70 -1.94
CA PHE A 646 29.42 34.72 -0.92
C PHE A 646 30.93 34.80 -0.72
N SER A 647 31.55 35.77 -1.39
CA SER A 647 33.00 35.82 -1.47
C SER A 647 33.64 36.18 -0.13
N LYS A 648 32.96 37.03 0.66
CA LYS A 648 33.53 37.44 1.94
C LYS A 648 33.73 36.25 2.86
N THR A 649 32.75 35.35 2.91
CA THR A 649 32.85 34.20 3.80
C THR A 649 34.01 33.31 3.42
N VAL A 650 34.17 33.03 2.12
CA VAL A 650 35.27 32.16 1.71
C VAL A 650 36.60 32.84 1.91
N ARG A 651 36.66 34.17 1.76
CA ARG A 651 37.90 34.86 2.11
C ARG A 651 38.21 34.68 3.59
N ASN A 652 37.19 34.78 4.43
CA ASN A 652 37.40 34.56 5.86
C ASN A 652 37.90 33.15 6.13
N LEU A 653 37.35 32.17 5.42
CA LEU A 653 37.81 30.80 5.57
C LEU A 653 39.27 30.67 5.16
N LEU A 654 39.64 31.26 4.02
CA LEU A 654 41.01 31.21 3.56
C LEU A 654 41.96 31.99 4.44
N GLU A 655 41.45 32.91 5.26
CA GLU A 655 42.31 33.64 6.18
C GLU A 655 42.95 32.70 7.19
N SER A 656 42.16 31.81 7.79
CA SER A 656 42.71 30.84 8.72
C SER A 656 42.16 29.44 8.43
N PRO A 657 42.43 28.88 7.26
CA PRO A 657 41.79 27.59 6.92
C PRO A 657 42.31 26.43 7.76
N ASN A 658 43.63 26.23 7.79
CA ASN A 658 44.23 25.04 8.41
C ASN A 658 43.48 23.78 7.97
N ILE A 659 43.12 23.75 6.70
CA ILE A 659 42.18 22.77 6.16
C ILE A 659 42.85 22.04 5.01
N LYS A 660 42.25 20.92 4.62
CA LYS A 660 42.62 20.23 3.39
C LYS A 660 41.73 20.79 2.28
N VAL A 661 42.19 21.91 1.71
CA VAL A 661 41.44 22.56 0.65
C VAL A 661 41.42 21.69 -0.59
N ASN A 662 42.33 20.72 -0.68
CA ASN A 662 42.51 19.90 -1.86
C ASN A 662 41.50 18.78 -1.97
N GLU A 663 40.35 18.90 -1.31
CA GLU A 663 39.34 17.86 -1.33
C GLU A 663 38.94 17.55 -2.77
N LYS A 664 38.91 16.26 -3.09
CA LYS A 664 38.41 15.78 -4.38
C LYS A 664 37.05 15.15 -4.15
N GLU A 665 36.02 15.73 -4.77
CA GLU A 665 34.65 15.35 -4.51
C GLU A 665 34.19 14.25 -5.47
N ASP A 666 32.86 14.07 -5.54
CA ASP A 666 32.22 12.89 -6.10
C ASP A 666 32.87 12.32 -7.36
N ASP A 667 32.96 13.12 -8.41
CA ASP A 667 33.38 12.65 -9.71
C ASP A 667 34.81 13.09 -10.03
N GLY A 668 35.68 13.10 -9.03
CA GLY A 668 37.04 13.51 -9.24
C GLY A 668 37.25 15.00 -9.41
N PHE A 669 36.24 15.81 -9.07
CA PHE A 669 36.35 17.25 -9.21
C PHE A 669 37.03 17.87 -7.99
N THR A 670 37.20 19.18 -8.05
CA THR A 670 37.83 19.97 -7.00
C THR A 670 36.95 21.18 -6.72
N PRO A 671 37.10 21.80 -5.54
CA PRO A 671 36.35 23.03 -5.28
C PRO A 671 36.60 24.12 -6.31
N LEU A 672 37.77 24.08 -6.96
CA LEU A 672 38.03 24.99 -8.08
C LEU A 672 36.97 24.83 -9.16
N HIS A 673 36.52 23.60 -9.41
CA HIS A 673 35.47 23.39 -10.40
C HIS A 673 34.17 24.05 -9.97
N THR A 674 33.83 23.96 -8.69
CA THR A 674 32.65 24.65 -8.19
C THR A 674 32.78 26.15 -8.34
N ALA A 675 33.98 26.67 -8.09
CA ALA A 675 34.21 28.10 -8.31
C ALA A 675 34.04 28.48 -9.77
N VAL A 676 34.53 27.63 -10.67
CA VAL A 676 34.34 27.86 -12.10
C VAL A 676 32.85 27.92 -12.42
N MET A 677 32.08 27.00 -11.84
CA MET A 677 30.62 27.09 -11.95
C MET A 677 30.12 28.42 -11.41
N SER A 678 30.72 28.93 -10.34
CA SER A 678 30.23 30.15 -9.71
C SER A 678 30.36 31.35 -10.64
N THR A 679 31.41 31.37 -11.47
CA THR A 679 31.65 32.43 -12.46
C THR A 679 31.76 33.81 -11.78
N TYR A 680 32.81 33.95 -10.97
CA TYR A 680 33.08 35.21 -10.29
C TYR A 680 34.55 35.29 -9.95
N MET A 681 35.00 36.50 -9.62
CA MET A 681 36.38 36.72 -9.20
C MET A 681 36.70 36.08 -7.86
N VAL A 682 35.70 35.52 -7.18
CA VAL A 682 35.94 34.82 -5.92
C VAL A 682 36.95 33.70 -6.11
N VAL A 683 36.96 33.07 -7.29
CA VAL A 683 37.90 32.00 -7.57
C VAL A 683 39.33 32.45 -7.42
N ASP A 684 39.59 33.76 -7.55
CA ASP A 684 40.96 34.26 -7.49
C ASP A 684 41.57 34.00 -6.12
N ALA A 685 40.79 34.16 -5.06
CA ALA A 685 41.31 33.95 -3.72
C ALA A 685 41.80 32.52 -3.54
N LEU A 686 41.04 31.55 -4.04
CA LEU A 686 41.48 30.16 -4.01
C LEU A 686 42.66 29.94 -4.95
N LEU A 687 42.69 30.66 -6.08
CA LEU A 687 43.78 30.47 -7.03
C LEU A 687 45.11 30.89 -6.43
N ASN A 688 45.14 31.99 -5.69
CA ASN A 688 46.40 32.59 -5.28
C ASN A 688 47.00 31.90 -4.07
N HIS A 689 46.28 31.93 -2.95
CA HIS A 689 46.90 31.71 -1.65
C HIS A 689 47.15 30.22 -1.34
N PRO A 690 46.16 29.33 -1.47
CA PRO A 690 46.41 27.92 -1.19
C PRO A 690 47.17 27.27 -2.35
N ASP A 691 47.39 25.96 -2.20
CA ASP A 691 48.27 25.21 -3.08
C ASP A 691 47.50 24.13 -3.85
N ILE A 692 46.29 24.47 -4.32
CA ILE A 692 45.45 23.47 -4.95
C ILE A 692 46.00 23.08 -6.31
N ASP A 693 45.55 21.93 -6.80
CA ASP A 693 45.93 21.45 -8.12
C ASP A 693 45.17 22.25 -9.17
N LYS A 694 45.83 23.28 -9.70
CA LYS A 694 45.20 24.05 -10.78
C LYS A 694 44.97 23.18 -12.00
N ASN A 695 45.93 22.34 -12.34
CA ASN A 695 45.77 21.34 -13.40
C ASN A 695 45.07 20.13 -12.78
N ALA A 696 43.76 20.27 -12.58
CA ALA A 696 42.94 19.27 -11.93
C ALA A 696 42.07 18.57 -12.97
N GLN A 697 42.14 17.24 -12.99
CA GLN A 697 41.33 16.43 -13.90
C GLN A 697 40.32 15.62 -13.11
N SER A 698 39.13 15.47 -13.67
CA SER A 698 38.03 14.78 -13.03
C SER A 698 37.92 13.35 -13.56
N THR A 699 36.93 12.62 -13.06
CA THR A 699 36.72 11.24 -13.50
C THR A 699 36.34 11.18 -14.97
N SER A 700 35.48 12.10 -15.42
CA SER A 700 35.04 12.10 -16.81
C SER A 700 36.03 12.80 -17.74
N GLY A 701 37.13 13.33 -17.21
CA GLY A 701 38.08 14.08 -18.01
C GLY A 701 37.79 15.55 -18.11
N LEU A 702 37.00 16.11 -17.20
CA LEU A 702 36.57 17.50 -17.27
C LEU A 702 37.62 18.38 -16.62
N THR A 703 38.30 19.20 -17.41
CA THR A 703 39.17 20.19 -16.82
C THR A 703 38.37 21.42 -16.44
N PRO A 704 38.86 22.23 -15.50
CA PRO A 704 38.22 23.54 -15.28
C PRO A 704 38.18 24.38 -16.53
N PHE A 705 39.14 24.17 -17.45
CA PHE A 705 39.08 24.84 -18.74
C PHE A 705 37.81 24.49 -19.49
N HIS A 706 37.48 23.20 -19.55
CA HIS A 706 36.27 22.79 -20.24
C HIS A 706 35.03 23.31 -19.54
N LEU A 707 35.05 23.36 -18.21
CA LEU A 707 33.92 23.92 -17.47
C LEU A 707 33.71 25.38 -17.82
N ALA A 708 34.80 26.16 -17.88
CA ALA A 708 34.68 27.55 -18.28
C ALA A 708 34.17 27.66 -19.71
N ILE A 709 34.65 26.79 -20.59
CA ILE A 709 34.19 26.79 -21.98
C ILE A 709 32.68 26.57 -22.04
N ILE A 710 32.19 25.64 -21.23
CA ILE A 710 30.74 25.42 -21.17
C ILE A 710 30.04 26.65 -20.63
N ASN A 711 30.59 27.25 -19.58
CA ASN A 711 29.96 28.39 -18.93
C ASN A 711 30.23 29.71 -19.66
N GLU A 712 31.35 29.82 -20.37
CA GLU A 712 31.65 30.99 -21.21
C GLU A 712 31.72 32.28 -20.38
N SER A 713 32.70 32.34 -19.49
CA SER A 713 33.03 33.56 -18.75
C SER A 713 34.48 33.91 -19.09
N GLN A 714 34.66 34.81 -20.06
CA GLN A 714 35.99 35.09 -20.56
C GLN A 714 36.90 35.67 -19.49
N GLU A 715 36.34 36.46 -18.56
CA GLU A 715 37.15 36.98 -17.47
C GLU A 715 37.73 35.85 -16.63
N VAL A 716 36.90 34.85 -16.30
CA VAL A 716 37.38 33.74 -15.50
C VAL A 716 38.38 32.91 -16.29
N ALA A 717 38.14 32.74 -17.60
CA ALA A 717 39.09 32.02 -18.43
C ALA A 717 40.43 32.71 -18.46
N GLU A 718 40.44 34.03 -18.58
CA GLU A 718 41.69 34.78 -18.56
C GLU A 718 42.39 34.62 -17.22
N SER A 719 41.63 34.70 -16.12
CA SER A 719 42.22 34.51 -14.80
C SER A 719 42.85 33.12 -14.68
N LEU A 720 42.16 32.10 -15.17
CA LEU A 720 42.68 30.74 -15.12
C LEU A 720 43.95 30.62 -15.97
N VAL A 721 43.96 31.22 -17.15
CA VAL A 721 45.14 31.16 -18.02
C VAL A 721 46.32 31.80 -17.32
N GLU A 722 46.10 32.98 -16.73
CA GLU A 722 47.18 33.64 -15.99
C GLU A 722 47.61 32.82 -14.79
N SER A 723 46.69 32.02 -14.23
CA SER A 723 47.01 31.25 -13.04
C SER A 723 48.13 30.26 -13.31
N ASN A 724 47.88 29.28 -14.19
CA ASN A 724 48.85 28.22 -14.42
C ASN A 724 48.68 27.70 -15.84
N ALA A 725 49.27 26.55 -16.11
CA ALA A 725 49.33 26.00 -17.46
C ALA A 725 47.95 25.52 -17.92
N ASP A 726 47.79 25.47 -19.23
CA ASP A 726 46.56 24.96 -19.83
C ASP A 726 46.47 23.45 -19.64
N LEU A 727 45.36 22.99 -19.10
CA LEU A 727 45.12 21.56 -18.95
C LEU A 727 44.44 21.03 -20.21
N ASN A 728 45.17 21.13 -21.31
CA ASN A 728 44.73 20.61 -22.60
C ASN A 728 45.03 19.12 -22.76
N ILE A 729 45.22 18.41 -21.65
CA ILE A 729 45.50 16.97 -21.70
C ILE A 729 44.31 16.24 -22.30
N GLN A 730 44.60 15.22 -23.10
CA GLN A 730 43.55 14.39 -23.67
C GLN A 730 42.91 13.55 -22.57
N ASP A 731 41.59 13.60 -22.49
CA ASP A 731 40.86 13.08 -21.33
C ASP A 731 40.69 11.57 -21.45
N VAL A 732 39.80 11.01 -20.62
CA VAL A 732 39.46 9.60 -20.71
C VAL A 732 38.92 9.27 -22.09
N ASN A 733 38.04 10.11 -22.62
CA ASN A 733 37.60 9.99 -24.00
C ASN A 733 38.66 10.49 -24.97
N HIS A 734 39.75 11.06 -24.47
CA HIS A 734 40.86 11.55 -25.29
C HIS A 734 40.40 12.65 -26.25
N MET A 735 39.94 13.75 -25.65
CA MET A 735 39.49 14.93 -26.37
C MET A 735 40.34 16.13 -26.00
N ALA A 736 40.02 17.27 -26.59
CA ALA A 736 40.72 18.52 -26.38
C ALA A 736 39.71 19.64 -26.21
N PRO A 737 40.05 20.69 -25.46
CA PRO A 737 39.07 21.76 -25.20
C PRO A 737 38.49 22.36 -26.46
N ILE A 738 39.26 22.41 -27.53
CA ILE A 738 38.73 22.90 -28.80
C ILE A 738 37.60 22.03 -29.29
N HIS A 739 37.62 20.74 -28.95
CA HIS A 739 36.52 19.87 -29.32
C HIS A 739 35.22 20.33 -28.68
N PHE A 740 35.26 20.70 -27.40
CA PHE A 740 34.07 21.25 -26.77
C PHE A 740 33.72 22.62 -27.34
N ALA A 741 34.73 23.44 -27.64
CA ALA A 741 34.45 24.73 -28.27
C ALA A 741 33.66 24.56 -29.55
N ALA A 742 34.00 23.52 -30.32
CA ALA A 742 33.20 23.19 -31.50
C ALA A 742 31.85 22.60 -31.11
N SER A 743 31.82 21.85 -30.01
CA SER A 743 30.59 21.17 -29.59
C SER A 743 29.49 22.18 -29.27
N MET A 744 29.79 23.16 -28.42
CA MET A 744 28.80 24.15 -28.07
C MET A 744 28.68 25.26 -29.11
N GLY A 745 29.62 25.36 -30.04
CA GLY A 745 29.58 26.44 -31.01
C GLY A 745 29.74 27.81 -30.41
N SER A 746 30.40 27.92 -29.25
CA SER A 746 30.61 29.21 -28.63
C SER A 746 31.68 29.98 -29.38
N ILE A 747 31.26 30.70 -30.43
CA ILE A 747 32.21 31.42 -31.27
C ILE A 747 32.92 32.50 -30.45
N LYS A 748 32.27 32.99 -29.41
CA LYS A 748 32.92 33.95 -28.51
C LYS A 748 34.16 33.33 -27.88
N MET A 749 33.97 32.26 -27.10
CA MET A 749 35.09 31.58 -26.48
C MET A 749 36.01 30.99 -27.53
N LEU A 750 35.45 30.55 -28.66
CA LEU A 750 36.27 30.01 -29.74
C LEU A 750 37.28 31.05 -30.21
N ARG A 751 36.81 32.26 -30.53
CA ARG A 751 37.70 33.34 -30.93
C ARG A 751 38.64 33.75 -29.83
N TYR A 752 38.20 33.71 -28.58
CA TYR A 752 39.12 34.03 -27.48
C TYR A 752 40.27 33.04 -27.44
N LEU A 753 39.97 31.75 -27.54
CA LEU A 753 41.03 30.73 -27.57
C LEU A 753 41.91 30.90 -28.80
N ILE A 754 41.31 31.26 -29.93
CA ILE A 754 42.10 31.57 -31.11
C ILE A 754 43.10 32.68 -30.81
N SER A 755 42.63 33.75 -30.20
CA SER A 755 43.48 34.88 -29.82
C SER A 755 44.47 34.52 -28.73
N ILE A 756 44.29 33.38 -28.05
CA ILE A 756 45.28 32.95 -27.07
C ILE A 756 46.60 32.63 -27.76
N LYS A 757 46.54 31.81 -28.82
CA LYS A 757 47.67 31.34 -29.62
C LYS A 757 48.65 30.48 -28.82
N ASP A 758 48.43 30.28 -27.53
CA ASP A 758 49.37 29.57 -26.68
C ASP A 758 48.82 28.18 -26.41
N LYS A 759 49.55 27.16 -26.85
CA LYS A 759 49.15 25.76 -26.72
C LYS A 759 47.77 25.51 -27.31
N VAL A 760 47.33 26.38 -28.22
CA VAL A 760 46.02 26.24 -28.86
C VAL A 760 46.23 25.30 -30.03
N SER A 761 46.24 24.00 -29.75
CA SER A 761 46.52 22.98 -30.75
C SER A 761 45.27 22.81 -31.61
N ILE A 762 45.09 23.75 -32.53
CA ILE A 762 43.91 23.76 -33.39
C ILE A 762 43.88 22.55 -34.30
N ASN A 763 45.03 21.96 -34.61
CA ASN A 763 45.10 20.77 -35.44
C ASN A 763 45.43 19.52 -34.62
N SER A 764 45.12 19.54 -33.33
CA SER A 764 45.41 18.39 -32.48
C SER A 764 44.58 17.20 -32.89
N VAL A 765 45.20 16.02 -32.86
CA VAL A 765 44.52 14.76 -33.12
C VAL A 765 44.66 13.88 -31.90
N THR A 766 43.79 12.88 -31.80
CA THR A 766 43.72 12.04 -30.62
C THR A 766 44.25 10.64 -30.93
N GLU A 767 44.38 9.84 -29.86
CA GLU A 767 44.79 8.45 -30.04
C GLU A 767 43.74 7.66 -30.78
N ASN A 768 42.46 7.88 -30.48
CA ASN A 768 41.37 7.14 -31.08
C ASN A 768 40.99 7.81 -32.40
N ASN A 769 41.53 7.29 -33.49
CA ASN A 769 41.18 7.65 -34.86
C ASN A 769 41.64 9.05 -35.24
N ASN A 770 42.44 9.70 -34.37
CA ASN A 770 43.07 10.98 -34.69
C ASN A 770 42.03 12.04 -35.07
N TRP A 771 40.91 12.05 -34.36
CA TRP A 771 39.91 13.08 -34.56
C TRP A 771 40.46 14.45 -34.22
N THR A 772 40.11 15.43 -35.02
CA THR A 772 40.44 16.82 -34.78
C THR A 772 39.21 17.56 -34.27
N PRO A 773 39.40 18.70 -33.59
CA PRO A 773 38.26 19.58 -33.35
C PRO A 773 37.58 19.99 -34.63
N LEU A 774 38.36 20.15 -35.70
CA LEU A 774 37.77 20.37 -37.02
C LEU A 774 36.90 19.18 -37.42
N HIS A 775 37.34 17.96 -37.09
CA HIS A 775 36.52 16.79 -37.40
C HIS A 775 35.18 16.83 -36.66
N PHE A 776 35.21 17.23 -35.39
CA PHE A 776 33.97 17.32 -34.64
C PHE A 776 33.06 18.41 -35.19
N ALA A 777 33.64 19.56 -35.53
CA ALA A 777 32.86 20.59 -36.21
C ALA A 777 32.30 20.07 -37.52
N ILE A 778 33.02 19.16 -38.17
CA ILE A 778 32.53 18.54 -39.39
C ILE A 778 31.28 17.71 -39.09
N TYR A 779 31.35 16.85 -38.07
CA TYR A 779 30.22 15.97 -37.78
C TYR A 779 29.01 16.76 -37.29
N PHE A 780 29.23 17.69 -36.36
CA PHE A 780 28.12 18.40 -35.74
C PHE A 780 27.55 19.49 -36.63
N LYS A 781 28.17 19.73 -37.79
CA LYS A 781 27.68 20.71 -38.75
C LYS A 781 27.60 22.10 -38.12
N LYS A 782 28.57 22.40 -37.25
CA LYS A 782 28.78 23.76 -36.77
C LYS A 782 29.50 24.55 -37.87
N GLU A 783 28.74 24.82 -38.93
CA GLU A 783 29.32 25.34 -40.16
C GLU A 783 29.93 26.70 -39.96
N ASP A 784 29.28 27.56 -39.17
CA ASP A 784 29.79 28.90 -38.92
C ASP A 784 31.17 28.85 -38.28
N ALA A 785 31.30 28.09 -37.19
CA ALA A 785 32.60 27.97 -36.53
C ALA A 785 33.60 27.27 -37.43
N ALA A 786 33.15 26.29 -38.21
CA ALA A 786 34.04 25.58 -39.11
C ALA A 786 34.67 26.54 -40.11
N LYS A 787 33.86 27.32 -40.81
CA LYS A 787 34.40 28.30 -41.75
C LYS A 787 35.20 29.38 -41.05
N GLU A 788 34.79 29.76 -39.83
CA GLU A 788 35.52 30.79 -39.10
C GLU A 788 36.94 30.35 -38.82
N LEU A 789 37.12 29.13 -38.30
CA LEU A 789 38.47 28.62 -38.10
C LEU A 789 39.16 28.37 -39.44
N LEU A 790 38.39 28.06 -40.48
CA LEU A 790 38.97 27.94 -41.82
C LEU A 790 39.63 29.24 -42.25
N LYS A 791 39.06 30.37 -41.84
CA LYS A 791 39.65 31.66 -42.18
C LYS A 791 40.99 31.89 -41.51
N GLN A 792 41.52 30.92 -40.78
CA GLN A 792 42.81 31.05 -40.12
C GLN A 792 43.88 30.30 -40.90
N ASP A 793 45.13 30.44 -40.45
CA ASP A 793 46.27 29.95 -41.21
C ASP A 793 46.48 28.46 -41.02
N ASP A 794 46.85 28.04 -39.81
CA ASP A 794 47.34 26.69 -39.60
C ASP A 794 46.21 25.68 -39.59
N ILE A 795 45.43 25.64 -40.66
CA ILE A 795 44.35 24.67 -40.81
C ILE A 795 44.94 23.50 -41.59
N ASN A 796 45.28 22.43 -40.86
CA ASN A 796 45.96 21.29 -41.47
C ASN A 796 44.98 20.49 -42.32
N LEU A 797 45.21 20.49 -43.63
CA LEU A 797 44.44 19.67 -44.55
C LEU A 797 45.00 18.27 -44.70
N THR A 798 46.16 17.99 -44.11
CA THR A 798 46.82 16.69 -44.24
C THR A 798 46.51 15.77 -43.06
N ILE A 799 45.32 15.91 -42.47
CA ILE A 799 44.95 15.04 -41.37
C ILE A 799 44.62 13.65 -41.90
N VAL A 800 45.22 12.64 -41.29
CA VAL A 800 44.99 11.24 -41.67
C VAL A 800 44.37 10.54 -40.47
N ALA A 801 43.13 10.11 -40.63
CA ALA A 801 42.44 9.36 -39.59
C ALA A 801 42.65 7.86 -39.84
N ASP A 802 41.91 7.02 -39.10
CA ASP A 802 41.95 5.59 -39.33
C ASP A 802 41.52 5.26 -40.75
N GLY A 803 42.28 4.39 -41.41
CA GLY A 803 41.99 4.09 -42.80
C GLY A 803 42.17 5.26 -43.73
N ASN A 804 42.92 6.28 -43.31
CA ASN A 804 43.16 7.48 -44.12
C ASN A 804 41.86 8.14 -44.56
N LEU A 805 40.90 8.23 -43.65
CA LEU A 805 39.65 8.92 -43.90
C LEU A 805 39.86 10.38 -43.51
N THR A 806 40.19 11.20 -44.50
CA THR A 806 40.70 12.54 -44.25
C THR A 806 39.57 13.56 -44.16
N VAL A 807 39.96 14.83 -44.00
CA VAL A 807 38.99 15.89 -43.77
C VAL A 807 38.09 16.06 -44.99
N LEU A 808 38.65 15.92 -46.20
CA LEU A 808 37.81 15.98 -47.38
C LEU A 808 36.85 14.80 -47.43
N HIS A 809 37.29 13.63 -46.99
CA HIS A 809 36.41 12.47 -46.94
C HIS A 809 35.27 12.72 -45.96
N LEU A 810 35.58 13.33 -44.82
CA LEU A 810 34.53 13.69 -43.88
C LEU A 810 33.56 14.70 -44.49
N ALA A 811 34.10 15.69 -45.21
CA ALA A 811 33.25 16.67 -45.86
C ALA A 811 32.32 16.01 -46.86
N VAL A 812 32.83 15.03 -47.61
CA VAL A 812 31.99 14.25 -48.50
C VAL A 812 30.91 13.52 -47.70
N SER A 813 31.30 12.91 -46.58
CA SER A 813 30.36 12.16 -45.76
C SER A 813 29.28 13.05 -45.15
N THR A 814 29.53 14.35 -45.05
CA THR A 814 28.56 15.26 -44.45
C THR A 814 27.45 15.63 -45.43
N GLY A 815 27.83 16.26 -46.55
CA GLY A 815 26.86 16.80 -47.48
C GLY A 815 26.71 18.30 -47.41
N GLN A 816 27.38 18.97 -46.47
CA GLN A 816 27.38 20.43 -46.43
C GLN A 816 28.28 20.92 -47.56
N ILE A 817 27.67 21.21 -48.70
CA ILE A 817 28.44 21.43 -49.93
C ILE A 817 29.25 22.73 -49.84
N ASN A 818 28.69 23.77 -49.21
CA ASN A 818 29.36 25.06 -49.18
C ASN A 818 30.69 24.98 -48.44
N ILE A 819 30.72 24.24 -47.33
CA ILE A 819 31.97 24.06 -46.60
C ILE A 819 32.99 23.34 -47.47
N ILE A 820 32.54 22.35 -48.24
CA ILE A 820 33.46 21.63 -49.13
C ILE A 820 33.99 22.58 -50.20
N LYS A 821 33.14 23.44 -50.74
CA LYS A 821 33.58 24.39 -51.75
C LYS A 821 34.62 25.35 -51.17
N GLU A 822 34.38 25.83 -49.95
CA GLU A 822 35.36 26.68 -49.29
C GLU A 822 36.67 25.94 -49.07
N LEU A 823 36.58 24.66 -48.70
CA LEU A 823 37.78 23.85 -48.51
C LEU A 823 38.57 23.73 -49.81
N LEU A 824 37.89 23.48 -50.93
CA LEU A 824 38.56 23.42 -52.21
C LEU A 824 39.16 24.77 -52.59
N LYS A 825 38.49 25.86 -52.25
CA LYS A 825 39.08 27.18 -52.44
C LYS A 825 40.36 27.31 -51.62
N ARG A 826 40.36 26.78 -50.40
CA ARG A 826 41.60 26.69 -49.64
C ARG A 826 42.61 25.78 -50.34
N GLY A 827 42.14 24.74 -51.02
CA GLY A 827 43.01 23.92 -51.83
C GLY A 827 43.57 22.68 -51.16
N SER A 828 42.69 21.84 -50.61
CA SER A 828 43.14 20.55 -50.12
C SER A 828 43.27 19.55 -51.26
N ASN A 829 43.81 18.38 -50.95
CA ASN A 829 44.03 17.35 -51.96
C ASN A 829 42.69 16.80 -52.45
N ILE A 830 42.41 17.00 -53.74
CA ILE A 830 41.16 16.50 -54.31
C ILE A 830 41.13 14.98 -54.29
N GLU A 831 42.24 14.34 -54.67
CA GLU A 831 42.32 12.89 -54.78
C GLU A 831 42.91 12.25 -53.53
N GLU A 832 42.65 12.83 -52.37
CA GLU A 832 43.07 12.23 -51.11
C GLU A 832 42.42 10.87 -50.95
N LYS A 833 43.23 9.82 -50.88
CA LYS A 833 42.75 8.45 -50.93
C LYS A 833 42.53 7.87 -49.54
N THR A 834 41.93 6.69 -49.50
CA THR A 834 41.63 5.97 -48.28
C THR A 834 42.45 4.69 -48.22
N GLY A 835 42.21 3.90 -47.17
CA GLY A 835 42.89 2.62 -47.05
C GLY A 835 42.51 1.66 -48.16
N GLU A 836 41.24 1.64 -48.53
CA GLU A 836 40.76 0.82 -49.65
C GLU A 836 40.98 1.49 -51.00
N GLY A 837 41.84 2.52 -51.05
CA GLY A 837 42.13 3.19 -52.29
C GLY A 837 40.94 3.90 -52.90
N TYR A 838 40.20 4.64 -52.07
CA TYR A 838 39.03 5.37 -52.52
C TYR A 838 39.34 6.85 -52.57
N THR A 839 39.14 7.46 -53.73
CA THR A 839 39.09 8.91 -53.78
C THR A 839 37.77 9.40 -53.17
N SER A 840 37.70 10.71 -52.95
CA SER A 840 36.46 11.28 -52.40
C SER A 840 35.27 11.03 -53.32
N LEU A 841 35.52 10.93 -54.62
CA LEU A 841 34.43 10.66 -55.56
C LEU A 841 33.93 9.22 -55.47
N HIS A 842 34.77 8.29 -54.99
CA HIS A 842 34.30 6.93 -54.76
C HIS A 842 33.08 6.93 -53.86
N ILE A 843 33.13 7.67 -52.77
CA ILE A 843 32.02 7.75 -51.85
C ILE A 843 30.99 8.80 -52.27
N ALA A 844 31.44 9.88 -52.93
CA ALA A 844 30.51 10.88 -53.41
C ALA A 844 29.55 10.29 -54.43
N ALA A 845 30.00 9.33 -55.22
CA ALA A 845 29.13 8.69 -56.19
C ALA A 845 28.04 7.87 -55.51
N MET A 846 28.41 7.09 -54.50
CA MET A 846 27.46 6.20 -53.82
C MET A 846 26.59 7.02 -52.86
N ARG A 847 25.97 8.05 -53.43
CA ARG A 847 25.16 8.98 -52.66
C ARG A 847 23.77 9.05 -53.30
N LYS A 848 22.95 9.97 -52.82
CA LYS A 848 21.58 10.11 -53.29
C LYS A 848 21.31 11.40 -54.02
N GLU A 849 22.34 12.23 -54.24
CA GLU A 849 22.18 13.46 -55.00
C GLU A 849 23.29 13.56 -56.03
N PRO A 850 22.99 14.09 -57.21
CA PRO A 850 24.00 14.15 -58.27
C PRO A 850 24.82 15.43 -58.29
N GLU A 851 24.29 16.52 -57.72
CA GLU A 851 24.96 17.81 -57.84
C GLU A 851 26.32 17.82 -57.15
N ILE A 852 26.51 16.94 -56.15
CA ILE A 852 27.81 16.83 -55.51
C ILE A 852 28.84 16.33 -56.51
N ALA A 853 28.49 15.33 -57.31
CA ALA A 853 29.39 14.85 -58.35
C ALA A 853 29.66 15.94 -59.37
N VAL A 854 28.66 16.80 -59.63
CA VAL A 854 28.87 17.94 -60.52
C VAL A 854 29.92 18.88 -59.94
N VAL A 855 29.82 19.14 -58.62
CA VAL A 855 30.81 20.01 -57.98
C VAL A 855 32.20 19.39 -58.08
N LEU A 856 32.30 18.08 -57.81
CA LEU A 856 33.61 17.43 -57.89
C LEU A 856 34.17 17.46 -59.30
N ILE A 857 33.34 17.25 -60.31
CA ILE A 857 33.87 17.30 -61.68
C ILE A 857 34.24 18.72 -62.05
N GLU A 858 33.58 19.72 -61.46
CA GLU A 858 34.08 21.08 -61.58
C GLU A 858 35.47 21.19 -60.98
N ASN A 859 35.68 20.57 -59.82
CA ASN A 859 37.02 20.48 -59.25
C ASN A 859 37.94 19.65 -60.13
N GLY A 860 37.39 18.67 -60.83
CA GLY A 860 38.19 17.86 -61.75
C GLY A 860 38.53 16.48 -61.23
N ALA A 861 37.58 15.85 -60.55
CA ALA A 861 37.79 14.49 -60.06
C ALA A 861 37.60 13.49 -61.20
N ASP A 862 38.40 12.43 -61.18
CA ASP A 862 38.36 11.45 -62.25
C ASP A 862 37.06 10.67 -62.23
N ILE A 863 36.44 10.52 -63.41
CA ILE A 863 35.18 9.80 -63.54
C ILE A 863 35.36 8.31 -63.74
N GLU A 864 36.60 7.84 -63.89
CA GLU A 864 36.88 6.42 -64.07
C GLU A 864 37.93 5.95 -63.07
N ALA A 865 37.95 6.56 -61.90
CA ALA A 865 38.93 6.21 -60.87
C ALA A 865 38.63 4.82 -60.33
N ARG A 866 39.54 3.87 -60.59
CA ARG A 866 39.36 2.52 -60.10
C ARG A 866 39.49 2.48 -58.58
N SER A 867 39.00 1.39 -58.01
CA SER A 867 39.08 1.15 -56.58
C SER A 867 40.03 -0.02 -56.31
N ALA A 868 40.11 -0.43 -55.04
CA ALA A 868 40.80 -1.69 -54.73
C ALA A 868 40.12 -2.86 -55.43
N ASP A 869 38.79 -2.88 -55.42
CA ASP A 869 38.01 -3.79 -56.24
C ASP A 869 37.86 -3.28 -57.67
N ASN A 870 38.63 -2.25 -58.04
CA ASN A 870 38.53 -1.62 -59.36
C ASN A 870 37.13 -1.08 -59.62
N LEU A 871 36.40 -0.80 -58.54
CA LEU A 871 35.03 -0.28 -58.65
C LEU A 871 35.11 1.16 -59.13
N THR A 872 35.01 1.33 -60.44
CA THR A 872 35.01 2.65 -61.03
C THR A 872 33.77 3.41 -60.60
N PRO A 873 33.78 4.74 -60.72
CA PRO A 873 32.60 5.52 -60.33
C PRO A 873 31.30 5.01 -60.95
N LEU A 874 31.35 4.44 -62.15
CA LEU A 874 30.19 3.75 -62.68
C LEU A 874 29.81 2.57 -61.81
N HIS A 875 30.80 1.79 -61.36
CA HIS A 875 30.50 0.63 -60.53
C HIS A 875 29.86 1.06 -59.22
N SER A 876 30.40 2.10 -58.59
CA SER A 876 29.83 2.60 -57.36
C SER A 876 28.42 3.14 -57.59
N ALA A 877 28.22 3.88 -58.67
CA ALA A 877 26.91 4.44 -58.97
C ALA A 877 25.88 3.35 -59.23
N ALA A 878 26.33 2.23 -59.80
CA ALA A 878 25.43 1.10 -60.03
C ALA A 878 25.15 0.32 -58.74
N LYS A 879 26.14 0.24 -57.84
CA LYS A 879 25.97 -0.55 -56.63
C LYS A 879 24.99 0.08 -55.65
N ILE A 880 24.56 1.32 -55.88
CA ILE A 880 23.54 1.95 -55.05
C ILE A 880 22.17 1.98 -55.72
N GLY A 881 22.12 2.06 -57.06
CA GLY A 881 20.85 2.10 -57.77
C GLY A 881 20.44 3.46 -58.28
N ARG A 882 21.31 4.46 -58.21
CA ARG A 882 20.98 5.80 -58.70
C ARG A 882 21.29 5.84 -60.19
N LYS A 883 20.24 5.84 -61.01
CA LYS A 883 20.42 5.90 -62.46
C LYS A 883 21.04 7.23 -62.88
N SER A 884 20.61 8.32 -62.25
CA SER A 884 21.10 9.65 -62.65
C SER A 884 22.60 9.79 -62.44
N THR A 885 23.14 9.12 -61.42
CA THR A 885 24.58 9.15 -61.21
C THR A 885 25.32 8.55 -62.40
N VAL A 886 24.87 7.37 -62.84
CA VAL A 886 25.45 6.75 -64.04
C VAL A 886 25.24 7.65 -65.25
N LEU A 887 24.08 8.30 -65.31
CA LEU A 887 23.80 9.21 -66.41
C LEU A 887 24.83 10.33 -66.51
N TYR A 888 25.07 11.01 -65.39
CA TYR A 888 26.03 12.10 -65.39
C TYR A 888 27.47 11.60 -65.56
N LEU A 889 27.75 10.37 -65.11
CA LEU A 889 29.06 9.80 -65.36
C LEU A 889 29.29 9.57 -66.85
N LEU A 890 28.28 9.03 -67.54
CA LEU A 890 28.41 8.76 -68.97
C LEU A 890 28.34 10.03 -69.81
N GLU A 891 27.69 11.08 -69.29
CA GLU A 891 27.73 12.38 -69.98
C GLU A 891 29.15 12.89 -70.09
N LYS A 892 30.00 12.57 -69.11
CA LYS A 892 31.38 13.03 -69.10
C LYS A 892 32.34 12.04 -69.77
N GLY A 893 31.84 10.88 -70.19
CA GLY A 893 32.66 9.93 -70.92
C GLY A 893 33.25 8.82 -70.07
N ALA A 894 32.44 8.28 -69.15
CA ALA A 894 32.89 7.20 -68.31
C ALA A 894 32.93 5.89 -69.11
N ASP A 895 33.81 4.98 -68.68
CA ASP A 895 34.09 3.75 -69.41
C ASP A 895 33.00 2.73 -69.12
N ILE A 896 32.07 2.56 -70.07
CA ILE A 896 31.01 1.56 -69.91
C ILE A 896 31.59 0.15 -69.90
N GLY A 897 32.68 -0.07 -70.63
CA GLY A 897 33.25 -1.39 -70.79
C GLY A 897 34.12 -1.87 -69.66
N ALA A 898 34.14 -1.15 -68.54
CA ALA A 898 34.95 -1.57 -67.41
C ALA A 898 34.46 -2.91 -66.87
N LYS A 899 35.42 -3.78 -66.54
CA LYS A 899 35.14 -5.13 -66.10
C LYS A 899 36.19 -5.56 -65.11
N THR A 900 35.75 -6.03 -63.94
CA THR A 900 36.66 -6.34 -62.85
C THR A 900 37.38 -7.66 -63.10
N ALA A 901 38.32 -7.99 -62.20
CA ALA A 901 39.06 -9.23 -62.34
C ALA A 901 38.15 -10.44 -62.31
N ASP A 902 37.10 -10.38 -61.48
CA ASP A 902 36.10 -11.44 -61.48
C ASP A 902 35.38 -11.54 -62.82
N GLY A 903 35.34 -10.46 -63.59
CA GLY A 903 34.51 -10.39 -64.76
C GLY A 903 33.21 -9.65 -64.57
N SER A 904 33.01 -9.03 -63.41
CA SER A 904 31.79 -8.31 -63.09
C SER A 904 31.78 -7.02 -63.90
N THR A 905 31.25 -7.10 -65.12
CA THR A 905 31.09 -5.95 -65.97
C THR A 905 29.99 -5.05 -65.42
N ALA A 906 29.94 -3.80 -65.89
CA ALA A 906 28.86 -2.90 -65.51
C ALA A 906 27.50 -3.52 -65.78
N LEU A 907 27.39 -4.32 -66.84
CA LEU A 907 26.18 -5.10 -67.06
C LEU A 907 25.97 -6.11 -65.93
N HIS A 908 27.06 -6.75 -65.48
CA HIS A 908 26.95 -7.70 -64.37
C HIS A 908 26.47 -6.99 -63.11
N LEU A 909 27.00 -5.81 -62.82
CA LEU A 909 26.54 -5.09 -61.64
C LEU A 909 25.10 -4.64 -61.80
N ALA A 910 24.71 -4.22 -63.00
CA ALA A 910 23.33 -3.80 -63.23
C ALA A 910 22.36 -4.94 -62.99
N VAL A 911 22.70 -6.14 -63.47
CA VAL A 911 21.82 -7.28 -63.25
C VAL A 911 21.92 -7.77 -61.81
N SER A 912 23.07 -7.54 -61.16
CA SER A 912 23.18 -7.88 -59.74
C SER A 912 22.23 -7.03 -58.91
N GLY A 913 22.15 -5.74 -59.20
CA GLY A 913 21.11 -4.91 -58.62
C GLY A 913 19.75 -5.09 -59.27
N ARG A 914 19.73 -5.74 -60.44
CA ARG A 914 18.51 -6.14 -61.14
C ARG A 914 17.55 -4.97 -61.38
N LYS A 915 18.01 -3.75 -61.19
CA LYS A 915 17.15 -2.59 -61.44
C LYS A 915 16.88 -2.46 -62.92
N MET A 916 15.60 -2.29 -63.28
CA MET A 916 15.23 -2.23 -64.68
C MET A 916 15.85 -1.03 -65.37
N LYS A 917 15.87 0.12 -64.71
CA LYS A 917 16.45 1.31 -65.30
C LYS A 917 17.94 1.13 -65.55
N THR A 918 18.65 0.57 -64.57
CA THR A 918 20.09 0.36 -64.73
C THR A 918 20.39 -0.58 -65.88
N VAL A 919 19.68 -1.70 -65.94
CA VAL A 919 19.96 -2.68 -66.99
C VAL A 919 19.55 -2.15 -68.35
N GLU A 920 18.47 -1.38 -68.43
CA GLU A 920 18.10 -0.82 -69.73
C GLU A 920 19.09 0.24 -70.18
N THR A 921 19.66 1.01 -69.26
CA THR A 921 20.73 1.93 -69.64
C THR A 921 21.97 1.17 -70.10
N LEU A 922 22.30 0.06 -69.43
CA LEU A 922 23.39 -0.78 -69.88
C LEU A 922 23.16 -1.24 -71.31
N LEU A 923 21.99 -1.82 -71.59
CA LEU A 923 21.65 -2.20 -72.95
C LEU A 923 21.68 -1.01 -73.89
N ASN A 924 21.41 0.19 -73.40
CA ASN A 924 21.55 1.38 -74.23
C ASN A 924 23.01 1.59 -74.63
N LYS A 925 23.95 1.40 -73.70
CA LYS A 925 25.35 1.64 -74.00
C LYS A 925 26.19 0.37 -73.97
N GLY A 926 26.30 -0.30 -72.83
CA GLY A 926 27.08 -1.52 -72.73
C GLY A 926 26.21 -2.74 -72.93
N ALA A 927 25.64 -2.88 -74.13
CA ALA A 927 24.50 -3.76 -74.37
C ALA A 927 24.69 -5.18 -73.83
N ASN A 928 25.65 -5.93 -74.39
CA ASN A 928 25.84 -7.30 -73.95
C ASN A 928 27.25 -7.74 -74.33
N LEU A 929 28.13 -7.86 -73.34
CA LEU A 929 29.42 -8.49 -73.55
C LEU A 929 29.37 -9.99 -73.26
N LYS A 930 28.35 -10.45 -72.54
CA LYS A 930 28.17 -11.86 -72.23
C LYS A 930 29.43 -12.46 -71.60
N GLU A 931 29.78 -11.92 -70.45
CA GLU A 931 30.94 -12.38 -69.70
C GLU A 931 30.50 -13.26 -68.55
N TYR A 932 31.47 -13.66 -67.73
CA TYR A 932 31.25 -14.73 -66.76
C TYR A 932 32.43 -14.74 -65.79
N ASP A 933 32.32 -15.58 -64.77
CA ASP A 933 33.39 -15.79 -63.81
C ASP A 933 34.24 -16.97 -64.28
N ASN A 934 35.14 -17.46 -63.40
CA ASN A 934 35.80 -18.73 -63.67
C ASN A 934 34.78 -19.84 -63.80
N ASN A 935 33.77 -19.84 -62.94
CA ASN A 935 32.54 -20.57 -63.18
C ASN A 935 31.69 -19.72 -64.13
N LYS A 936 31.48 -20.21 -65.34
CA LYS A 936 31.00 -19.38 -66.44
C LYS A 936 29.53 -19.04 -66.22
N TYR A 937 29.31 -17.98 -65.44
CA TYR A 937 27.97 -17.47 -65.16
C TYR A 937 27.71 -16.30 -66.10
N LEU A 938 26.96 -16.56 -67.16
CA LEU A 938 26.65 -15.53 -68.13
C LEU A 938 25.67 -14.53 -67.53
N PRO A 939 25.59 -13.32 -68.11
CA PRO A 939 24.58 -12.37 -67.62
C PRO A 939 23.17 -12.91 -67.68
N ILE A 940 22.86 -13.71 -68.70
CA ILE A 940 21.53 -14.32 -68.77
C ILE A 940 21.34 -15.34 -67.66
N HIS A 941 22.44 -15.92 -67.15
CA HIS A 941 22.33 -16.89 -66.06
C HIS A 941 21.75 -16.25 -64.81
N LYS A 942 22.32 -15.12 -64.39
CA LYS A 942 21.73 -14.37 -63.30
C LYS A 942 20.40 -13.75 -63.71
N ALA A 943 20.25 -13.41 -64.99
CA ALA A 943 19.00 -12.80 -65.46
C ALA A 943 17.84 -13.77 -65.31
N ILE A 944 18.11 -15.07 -65.37
CA ILE A 944 17.05 -16.05 -65.20
C ILE A 944 16.97 -16.55 -63.76
N ILE A 945 18.07 -16.49 -63.00
CA ILE A 945 17.97 -16.85 -61.58
C ILE A 945 17.19 -15.80 -60.81
N ASN A 946 17.41 -14.52 -61.09
CA ASN A 946 16.79 -13.47 -60.29
C ASN A 946 15.29 -13.38 -60.50
N ASP A 947 14.75 -14.06 -61.52
CA ASP A 947 13.31 -14.15 -61.75
C ASP A 947 12.66 -12.78 -61.94
N ASP A 948 13.08 -12.05 -62.98
CA ASP A 948 12.40 -10.84 -63.42
C ASP A 948 11.98 -11.04 -64.87
N LEU A 949 10.70 -10.78 -65.15
CA LEU A 949 10.13 -11.17 -66.44
C LEU A 949 10.55 -10.20 -67.55
N ASP A 950 10.21 -8.92 -67.42
CA ASP A 950 10.34 -7.98 -68.53
C ASP A 950 11.79 -7.84 -69.00
N MET A 951 12.75 -7.89 -68.09
CA MET A 951 14.15 -7.81 -68.48
C MET A 951 14.59 -9.08 -69.22
N VAL A 952 14.09 -10.25 -68.82
CA VAL A 952 14.37 -11.47 -69.56
C VAL A 952 13.79 -11.38 -70.97
N ARG A 953 12.58 -10.85 -71.10
CA ARG A 953 12.00 -10.64 -72.43
C ARG A 953 12.84 -9.65 -73.23
N LEU A 954 13.34 -8.60 -72.58
CA LEU A 954 14.23 -7.66 -73.25
C LEU A 954 15.47 -8.36 -73.76
N PHE A 955 15.99 -9.34 -73.01
CA PHE A 955 17.16 -10.09 -73.48
C PHE A 955 16.79 -11.02 -74.64
N LEU A 956 15.61 -11.64 -74.60
CA LEU A 956 15.31 -12.71 -75.54
C LEU A 956 14.16 -12.43 -76.47
N GLU A 957 13.12 -11.71 -76.03
CA GLU A 957 11.96 -11.45 -76.88
C GLU A 957 11.89 -10.01 -77.36
N LYS A 958 11.95 -9.04 -76.43
CA LYS A 958 11.84 -7.64 -76.82
C LYS A 958 13.03 -7.21 -77.67
N ASP A 959 14.24 -7.48 -77.20
CA ASP A 959 15.47 -7.22 -77.94
C ASP A 959 16.31 -8.48 -77.89
N PRO A 960 15.99 -9.48 -78.74
CA PRO A 960 16.60 -10.80 -78.59
C PRO A 960 18.11 -10.76 -78.62
N SER A 961 18.73 -11.52 -77.72
CA SER A 961 20.18 -11.63 -77.68
C SER A 961 20.72 -12.43 -78.84
N LEU A 962 19.87 -13.13 -79.58
CA LEU A 962 20.23 -13.94 -80.74
C LEU A 962 21.24 -15.02 -80.42
N LYS A 963 21.38 -15.38 -79.16
CA LYS A 963 22.38 -16.37 -78.74
C LYS A 963 21.66 -17.63 -78.26
N ASP A 964 21.35 -18.51 -79.21
CA ASP A 964 20.99 -19.87 -78.90
C ASP A 964 22.25 -20.73 -78.89
N ASP A 965 22.18 -21.87 -78.20
CA ASP A 965 23.36 -22.66 -77.89
C ASP A 965 24.42 -21.79 -77.22
N GLU A 966 23.96 -20.99 -76.25
CA GLU A 966 24.80 -19.98 -75.63
C GLU A 966 26.02 -20.58 -74.95
N THR A 967 25.94 -21.84 -74.55
CA THR A 967 26.99 -22.46 -73.75
C THR A 967 27.49 -23.72 -74.42
N GLU A 968 28.32 -24.50 -73.71
CA GLU A 968 28.71 -25.81 -74.20
C GLU A 968 27.48 -26.64 -74.52
N GLU A 969 27.32 -26.98 -75.80
CA GLU A 969 26.13 -27.63 -76.37
C GLU A 969 24.83 -26.94 -75.93
N GLY A 970 24.95 -25.70 -75.48
CA GLY A 970 23.80 -24.85 -75.21
C GLY A 970 22.79 -25.40 -74.22
N ARG A 971 23.22 -26.27 -73.31
CA ARG A 971 22.27 -26.84 -72.36
C ARG A 971 22.68 -26.55 -70.92
N THR A 972 23.56 -25.57 -70.71
CA THR A 972 23.80 -25.09 -69.35
C THR A 972 22.52 -24.50 -68.77
N SER A 973 21.77 -23.78 -69.59
CA SER A 973 20.42 -23.39 -69.19
C SER A 973 19.59 -24.62 -68.87
N ILE A 974 19.61 -25.61 -69.77
CA ILE A 974 18.91 -26.87 -69.53
C ILE A 974 19.52 -27.61 -68.34
N MET A 975 20.84 -27.52 -68.17
CA MET A 975 21.45 -28.09 -66.97
C MET A 975 20.84 -27.52 -65.70
N LEU A 976 20.60 -26.20 -65.70
CA LEU A 976 19.98 -25.59 -64.53
C LEU A 976 18.51 -25.96 -64.43
N ILE A 977 17.84 -26.15 -65.56
CA ILE A 977 16.47 -26.65 -65.53
C ILE A 977 16.42 -27.99 -64.81
N VAL A 978 17.39 -28.85 -65.08
CA VAL A 978 17.31 -30.27 -64.68
C VAL A 978 18.06 -30.56 -63.38
N GLN A 979 18.87 -29.64 -62.88
CA GLN A 979 19.82 -29.98 -61.84
C GLN A 979 19.14 -30.48 -60.57
N LYS A 980 18.05 -29.83 -60.16
CA LYS A 980 17.41 -30.19 -58.90
C LYS A 980 15.90 -29.92 -59.05
N LEU A 981 15.21 -29.80 -57.93
CA LEU A 981 13.80 -29.45 -57.94
C LEU A 981 13.62 -28.01 -58.39
N LEU A 982 12.63 -27.78 -59.25
CA LEU A 982 12.34 -26.43 -59.74
C LEU A 982 10.88 -26.04 -59.52
N LEU A 983 10.48 -24.93 -60.12
CA LEU A 983 9.19 -24.31 -59.86
C LEU A 983 8.11 -24.85 -60.78
N GLU A 984 6.86 -24.80 -60.29
CA GLU A 984 5.71 -25.14 -61.13
C GLU A 984 5.61 -24.20 -62.32
N LEU A 985 5.81 -22.90 -62.09
CA LEU A 985 5.76 -21.89 -63.14
C LEU A 985 7.07 -21.78 -63.91
N TYR A 986 8.07 -22.60 -63.58
CA TYR A 986 9.39 -22.49 -64.18
C TYR A 986 9.42 -22.87 -65.65
N ASN A 987 8.34 -23.47 -66.17
CA ASN A 987 8.34 -23.93 -67.56
C ASN A 987 8.57 -22.78 -68.53
N TYR A 988 7.90 -21.64 -68.31
CA TYR A 988 8.14 -20.50 -69.18
C TYR A 988 9.50 -19.87 -68.91
N PHE A 989 9.96 -19.90 -67.66
CA PHE A 989 11.29 -19.39 -67.34
C PHE A 989 12.40 -20.24 -67.93
N ILE A 990 12.09 -21.44 -68.41
CA ILE A 990 13.07 -22.21 -69.18
C ILE A 990 13.50 -21.44 -70.42
N ASN A 991 12.55 -20.75 -71.06
CA ASN A 991 12.82 -19.96 -72.25
C ASN A 991 13.89 -18.89 -71.99
N SER B 113 -13.46 -26.49 14.59
CA SER B 113 -13.35 -25.56 15.70
C SER B 113 -13.41 -24.12 15.21
N ASN B 114 -13.14 -23.92 13.92
CA ASN B 114 -13.16 -22.57 13.36
C ASN B 114 -14.53 -21.94 13.51
N SER B 115 -15.59 -22.66 13.15
CA SER B 115 -16.93 -22.10 13.23
C SER B 115 -17.39 -21.97 14.67
N VAL B 116 -17.16 -23.00 15.49
CA VAL B 116 -17.59 -22.96 16.88
C VAL B 116 -16.87 -21.87 17.65
N PHE B 117 -15.55 -21.77 17.47
CA PHE B 117 -14.81 -20.73 18.17
C PHE B 117 -15.09 -19.36 17.57
N GLY B 118 -15.44 -19.29 16.30
CA GLY B 118 -15.95 -18.04 15.74
C GLY B 118 -17.24 -17.62 16.41
N MET B 119 -18.11 -18.58 16.70
CA MET B 119 -19.34 -18.28 17.43
C MET B 119 -19.04 -17.83 18.86
N ILE B 120 -18.03 -18.45 19.49
CA ILE B 120 -17.61 -17.99 20.81
C ILE B 120 -17.10 -16.56 20.73
N ALA B 121 -16.36 -16.25 19.67
CA ALA B 121 -15.89 -14.88 19.46
C ALA B 121 -17.07 -13.93 19.26
N ASP B 122 -18.10 -14.37 18.54
CA ASP B 122 -19.28 -13.53 18.39
C ASP B 122 -19.99 -13.34 19.72
N VAL B 123 -19.92 -14.35 20.59
CA VAL B 123 -20.45 -14.20 21.95
C VAL B 123 -19.68 -13.11 22.68
N ALA B 124 -18.36 -13.15 22.59
CA ALA B 124 -17.54 -12.09 23.17
C ALA B 124 -17.86 -10.73 22.55
N ASN B 125 -18.22 -10.71 21.27
CA ASN B 125 -18.68 -9.49 20.64
C ASN B 125 -19.95 -8.98 21.30
N ASP B 126 -20.93 -9.88 21.46
CA ASP B 126 -22.16 -9.54 22.14
C ASP B 126 -21.92 -9.12 23.58
N ILE B 127 -20.77 -9.49 24.15
CA ILE B 127 -20.42 -8.99 25.47
C ILE B 127 -20.28 -7.48 25.47
N GLY B 128 -19.61 -6.93 24.46
CA GLY B 128 -19.41 -5.50 24.41
C GLY B 128 -18.52 -5.03 25.54
N SER B 129 -17.23 -5.38 25.45
CA SER B 129 -16.31 -5.17 26.56
C SER B 129 -15.90 -3.70 26.70
N ILE B 130 -15.70 -3.00 25.59
CA ILE B 130 -15.07 -1.68 25.60
C ILE B 130 -15.85 -0.62 26.39
N PRO B 131 -17.16 -0.75 26.63
CA PRO B 131 -17.79 0.22 27.55
C PRO B 131 -17.09 0.33 28.90
N VAL B 132 -16.62 -0.78 29.47
CA VAL B 132 -15.68 -0.74 30.58
C VAL B 132 -14.28 -0.75 29.97
N ILE B 133 -13.72 0.45 29.81
CA ILE B 133 -12.64 0.71 28.86
C ILE B 133 -11.33 0.02 29.24
N GLY B 134 -11.36 -0.81 30.27
CA GLY B 134 -10.16 -1.51 30.69
C GLY B 134 -9.56 -2.53 29.73
N GLU B 135 -10.09 -2.64 28.52
CA GLU B 135 -9.59 -3.64 27.56
C GLU B 135 -8.57 -3.00 26.63
N VAL B 136 -7.29 -3.18 26.94
CA VAL B 136 -6.25 -2.94 25.96
C VAL B 136 -6.31 -4.01 24.88
N VAL B 137 -5.88 -3.66 23.67
CA VAL B 137 -5.93 -4.59 22.56
C VAL B 137 -5.18 -5.88 22.90
N GLY B 138 -4.01 -5.76 23.53
CA GLY B 138 -3.32 -6.96 24.00
C GLY B 138 -4.11 -7.68 25.08
N ILE B 139 -4.62 -6.93 26.07
CA ILE B 139 -5.35 -7.50 27.19
C ILE B 139 -6.76 -7.90 26.79
N VAL B 140 -7.12 -7.76 25.51
CA VAL B 140 -8.34 -8.35 25.01
C VAL B 140 -8.05 -9.47 24.00
N THR B 141 -6.90 -9.44 23.34
CA THR B 141 -6.57 -10.47 22.36
C THR B 141 -5.95 -11.69 23.01
N ALA B 142 -4.83 -11.50 23.74
CA ALA B 142 -4.16 -12.64 24.35
C ALA B 142 -5.07 -13.42 25.29
N PRO B 143 -5.87 -12.80 26.17
CA PRO B 143 -6.82 -13.60 26.95
C PRO B 143 -7.79 -14.37 26.09
N ILE B 144 -8.23 -13.82 24.97
CA ILE B 144 -9.15 -14.55 24.10
C ILE B 144 -8.46 -15.78 23.51
N ALA B 145 -7.20 -15.62 23.11
CA ALA B 145 -6.46 -16.77 22.60
C ALA B 145 -6.33 -17.85 23.66
N ILE B 146 -5.97 -17.47 24.89
CA ILE B 146 -5.81 -18.49 25.92
C ILE B 146 -7.15 -19.10 26.29
N VAL B 147 -8.24 -18.34 26.20
CA VAL B 147 -9.56 -18.90 26.43
C VAL B 147 -9.89 -19.95 25.39
N SER B 148 -9.58 -19.66 24.12
CA SER B 148 -9.79 -20.65 23.07
C SER B 148 -8.95 -21.90 23.34
N HIS B 149 -7.70 -21.71 23.75
CA HIS B 149 -6.84 -22.86 24.05
C HIS B 149 -7.42 -23.69 25.19
N ILE B 150 -7.92 -23.04 26.23
CA ILE B 150 -8.48 -23.76 27.37
C ILE B 150 -9.75 -24.50 26.97
N THR B 151 -10.62 -23.84 26.20
CA THR B 151 -11.85 -24.50 25.77
C THR B 151 -11.55 -25.68 24.86
N SER B 152 -10.46 -25.62 24.11
CA SER B 152 -10.00 -26.74 23.30
C SER B 152 -8.89 -27.53 23.98
N ALA B 153 -8.95 -27.65 25.30
CA ALA B 153 -7.93 -28.38 26.03
C ALA B 153 -8.02 -29.87 25.73
N GLY B 154 -7.15 -30.63 26.37
CA GLY B 154 -7.03 -32.05 26.04
C GLY B 154 -6.07 -32.27 24.88
N LEU B 155 -5.42 -33.43 24.91
CA LEU B 155 -4.38 -33.74 23.94
C LEU B 155 -4.69 -35.05 23.23
N ASP B 156 -4.24 -35.14 21.98
CA ASP B 156 -4.43 -36.32 21.16
C ASP B 156 -3.36 -36.28 20.07
N ILE B 157 -3.53 -37.11 19.05
CA ILE B 157 -2.67 -37.09 17.88
C ILE B 157 -3.43 -36.67 16.62
N ALA B 158 -4.69 -37.09 16.49
CA ALA B 158 -5.46 -36.78 15.29
C ALA B 158 -5.57 -35.28 15.08
N SER B 159 -5.63 -34.51 16.16
CA SER B 159 -5.58 -33.06 16.05
C SER B 159 -4.27 -32.62 15.42
N THR B 160 -3.16 -33.21 15.85
CA THR B 160 -1.83 -32.84 15.37
C THR B 160 -1.57 -33.28 13.93
N ALA B 161 -2.56 -33.82 13.23
CA ALA B 161 -2.45 -34.10 11.80
C ALA B 161 -2.84 -32.90 10.96
N LEU B 162 -2.75 -31.69 11.51
CA LEU B 162 -3.24 -30.47 10.88
C LEU B 162 -4.72 -30.60 10.52
N ASP B 163 -5.48 -31.21 11.43
CA ASP B 163 -6.93 -31.36 11.24
C ASP B 163 -7.68 -30.23 11.95
N CYS B 164 -7.51 -30.10 13.26
CA CYS B 164 -8.14 -29.02 14.02
C CYS B 164 -7.25 -28.45 15.11
N ASP B 165 -5.94 -28.61 15.01
CA ASP B 165 -5.06 -28.26 16.13
C ASP B 165 -4.80 -26.77 16.21
N ASP B 166 -4.15 -26.20 15.19
CA ASP B 166 -3.74 -24.81 15.24
C ASP B 166 -4.13 -24.07 13.97
N ILE B 167 -5.26 -24.44 13.37
CA ILE B 167 -5.66 -23.82 12.11
C ILE B 167 -5.86 -22.31 12.28
N PRO B 168 -6.68 -21.82 13.22
CA PRO B 168 -6.60 -20.39 13.56
C PRO B 168 -5.71 -20.14 14.76
N PHE B 169 -4.84 -19.13 14.68
CA PHE B 169 -4.19 -18.64 15.89
C PHE B 169 -4.08 -17.12 15.97
N ASP B 170 -4.15 -16.40 14.86
CA ASP B 170 -4.06 -14.95 14.89
C ASP B 170 -5.22 -14.25 14.22
N GLU B 171 -5.72 -14.77 13.10
CA GLU B 171 -6.73 -14.07 12.32
C GLU B 171 -8.04 -13.91 13.06
N ILE B 172 -8.22 -14.65 14.16
CA ILE B 172 -9.37 -14.42 15.03
C ILE B 172 -9.34 -12.98 15.55
N LYS B 173 -8.15 -12.43 15.76
CA LYS B 173 -8.04 -11.05 16.20
C LYS B 173 -8.73 -10.11 15.21
N GLU B 174 -8.71 -10.46 13.92
CA GLU B 174 -9.41 -9.63 12.93
C GLU B 174 -10.87 -9.48 13.30
N ILE B 175 -11.54 -10.59 13.58
CA ILE B 175 -12.92 -10.54 14.01
C ILE B 175 -13.04 -9.82 15.35
N LEU B 176 -12.00 -9.89 16.18
CA LEU B 176 -12.06 -9.20 17.46
C LEU B 176 -12.14 -7.68 17.29
N GLU B 177 -11.21 -7.09 16.53
CA GLU B 177 -11.37 -5.65 16.31
C GLU B 177 -12.54 -5.33 15.39
N GLU B 178 -13.01 -6.31 14.60
CA GLU B 178 -14.30 -6.11 13.94
C GLU B 178 -15.33 -5.82 15.02
N ARG B 179 -15.59 -6.82 15.86
CA ARG B 179 -16.49 -6.66 17.00
C ARG B 179 -16.35 -5.30 17.65
N PHE B 180 -15.10 -4.90 17.92
CA PHE B 180 -14.88 -3.61 18.58
C PHE B 180 -15.39 -2.44 17.74
N ASN B 181 -15.10 -2.44 16.44
CA ASN B 181 -15.47 -1.27 15.64
C ASN B 181 -16.97 -1.26 15.32
N GLU B 182 -17.59 -2.41 15.11
CA GLU B 182 -19.05 -2.41 15.04
C GLU B 182 -19.67 -1.96 16.37
N ILE B 183 -19.03 -2.27 17.50
CA ILE B 183 -19.54 -1.77 18.77
C ILE B 183 -19.47 -0.25 18.82
N ASP B 184 -18.31 0.31 18.49
CA ASP B 184 -18.11 1.74 18.63
C ASP B 184 -18.76 2.54 17.51
N ARG B 185 -19.19 1.89 16.44
CA ARG B 185 -19.96 2.60 15.42
C ARG B 185 -21.30 3.05 15.96
N LYS B 186 -21.73 2.48 17.07
CA LYS B 186 -22.96 2.92 17.72
C LYS B 186 -22.85 4.38 18.15
N LEU B 187 -23.96 5.10 18.06
CA LEU B 187 -23.96 6.53 18.36
C LEU B 187 -23.49 6.79 19.78
N ASP B 188 -22.59 7.77 19.93
CA ASP B 188 -22.04 8.12 21.24
C ASP B 188 -23.08 8.91 22.03
N LYS B 189 -24.14 8.21 22.39
CA LYS B 189 -25.27 8.80 23.11
C LYS B 189 -25.76 10.07 22.41
N ASN B 190 -26.27 9.87 21.20
CA ASN B 190 -26.81 10.97 20.43
C ASN B 190 -27.86 11.71 21.24
N THR B 191 -27.73 13.04 21.29
CA THR B 191 -28.59 13.84 22.15
C THR B 191 -30.06 13.62 21.83
N ALA B 192 -30.38 13.43 20.55
CA ALA B 192 -31.74 13.07 20.18
C ALA B 192 -31.91 11.56 20.27
N ALA B 193 -33.02 11.16 20.88
CA ALA B 193 -33.35 9.75 21.03
C ALA B 193 -34.02 9.17 19.80
N LEU B 194 -33.85 9.80 18.63
CA LEU B 194 -34.49 9.34 17.41
C LEU B 194 -34.04 7.94 16.99
N GLU B 195 -32.95 7.44 17.58
CA GLU B 195 -32.44 6.11 17.30
C GLU B 195 -33.43 5.00 17.65
N GLU B 196 -34.56 5.32 18.26
CA GLU B 196 -35.54 4.28 18.57
C GLU B 196 -36.06 3.65 17.29
N VAL B 197 -36.05 4.40 16.18
CA VAL B 197 -36.47 3.83 14.91
C VAL B 197 -35.52 2.72 14.49
N SER B 198 -34.22 3.00 14.53
CA SER B 198 -33.22 1.97 14.21
C SER B 198 -33.33 0.82 15.19
N LYS B 199 -33.58 1.11 16.47
CA LYS B 199 -33.72 0.07 17.46
C LYS B 199 -34.87 -0.87 17.11
N LEU B 200 -36.04 -0.30 16.81
CA LEU B 200 -37.21 -1.09 16.44
C LEU B 200 -36.94 -1.94 15.21
N VAL B 201 -36.38 -1.32 14.16
CA VAL B 201 -36.20 -2.04 12.92
C VAL B 201 -35.16 -3.14 13.08
N SER B 202 -34.11 -2.91 13.87
CA SER B 202 -33.14 -3.96 14.14
C SER B 202 -33.76 -5.10 14.93
N LYS B 203 -34.62 -4.77 15.89
CA LYS B 203 -35.31 -5.83 16.63
C LYS B 203 -36.16 -6.68 15.69
N THR B 204 -36.88 -6.04 14.78
CA THR B 204 -37.62 -6.79 13.78
C THR B 204 -36.68 -7.60 12.90
N PHE B 205 -35.52 -7.04 12.59
CA PHE B 205 -34.59 -7.67 11.66
C PHE B 205 -33.97 -8.92 12.25
N VAL B 206 -33.77 -8.97 13.56
CA VAL B 206 -33.04 -10.10 14.16
C VAL B 206 -33.79 -11.41 13.92
N THR B 207 -35.09 -11.42 14.20
CA THR B 207 -35.86 -12.66 14.03
C THR B 207 -35.93 -13.07 12.56
N VAL B 208 -36.18 -12.12 11.67
CA VAL B 208 -36.27 -12.42 10.26
C VAL B 208 -34.94 -12.95 9.74
N GLU B 209 -33.84 -12.37 10.22
CA GLU B 209 -32.52 -12.81 9.76
C GLU B 209 -32.18 -14.19 10.29
N LYS B 210 -32.63 -14.53 11.50
CA LYS B 210 -32.44 -15.89 11.98
C LYS B 210 -33.25 -16.87 11.12
N THR B 211 -34.50 -16.52 10.82
CA THR B 211 -35.31 -17.37 9.96
C THR B 211 -34.64 -17.55 8.61
N ARG B 212 -34.06 -16.48 8.07
CA ARG B 212 -33.29 -16.59 6.83
C ARG B 212 -32.03 -17.42 7.03
N ASN B 213 -31.48 -17.43 8.25
CA ASN B 213 -30.31 -18.28 8.51
C ASN B 213 -30.67 -19.75 8.32
N GLU B 214 -31.84 -20.16 8.82
CA GLU B 214 -32.24 -21.54 8.56
C GLU B 214 -32.64 -21.74 7.10
N MET B 215 -33.33 -20.75 6.52
CA MET B 215 -33.69 -20.87 5.12
C MET B 215 -32.46 -20.90 4.21
N ASN B 216 -31.30 -20.49 4.72
CA ASN B 216 -30.08 -20.57 3.92
C ASN B 216 -29.77 -22.01 3.55
N GLU B 217 -29.70 -22.91 4.53
CA GLU B 217 -29.50 -24.30 4.18
C GLU B 217 -30.76 -24.88 3.54
N ASN B 218 -31.94 -24.41 3.95
CA ASN B 218 -33.17 -24.88 3.31
C ASN B 218 -33.10 -24.71 1.80
N PHE B 219 -32.61 -23.56 1.33
CA PHE B 219 -32.62 -23.25 -0.09
C PHE B 219 -31.27 -23.46 -0.75
N LYS B 220 -30.26 -23.89 0.01
CA LYS B 220 -29.20 -24.66 -0.61
C LYS B 220 -29.69 -26.06 -0.97
N LEU B 221 -30.60 -26.61 -0.16
CA LEU B 221 -31.23 -27.88 -0.52
C LEU B 221 -32.22 -27.70 -1.67
N VAL B 222 -32.94 -26.57 -1.68
CA VAL B 222 -33.92 -26.29 -2.73
C VAL B 222 -33.31 -26.27 -4.13
N LEU B 223 -31.98 -26.31 -4.23
CA LEU B 223 -31.26 -26.31 -5.49
C LEU B 223 -31.27 -27.66 -6.18
N GLU B 224 -32.24 -28.52 -5.83
CA GLU B 224 -32.21 -29.92 -6.25
C GLU B 224 -32.08 -30.10 -7.76
N THR B 225 -32.77 -29.27 -8.55
CA THR B 225 -32.59 -29.34 -10.00
C THR B 225 -33.00 -28.01 -10.62
N ILE B 226 -32.77 -27.90 -11.92
CA ILE B 226 -33.00 -26.68 -12.68
C ILE B 226 -33.83 -27.02 -13.92
N GLU B 227 -34.73 -26.09 -14.29
CA GLU B 227 -35.52 -26.16 -15.51
C GLU B 227 -36.41 -27.41 -15.52
N SER B 228 -37.06 -27.67 -14.39
CA SER B 228 -38.30 -28.45 -14.44
C SER B 228 -39.40 -27.61 -15.08
N LYS B 229 -39.31 -26.30 -14.91
CA LYS B 229 -40.13 -25.34 -15.64
C LYS B 229 -39.27 -24.12 -15.96
N GLU B 230 -39.69 -23.38 -16.99
CA GLU B 230 -38.91 -22.21 -17.42
C GLU B 230 -38.83 -21.15 -16.33
N ILE B 231 -39.83 -21.08 -15.46
CA ILE B 231 -39.82 -20.11 -14.37
C ILE B 231 -38.64 -20.34 -13.45
N LYS B 232 -38.20 -21.61 -13.31
CA LYS B 232 -37.11 -21.91 -12.41
C LYS B 232 -35.83 -21.18 -12.79
N SER B 233 -35.66 -20.85 -14.07
CA SER B 233 -34.54 -20.01 -14.46
C SER B 233 -34.65 -18.63 -13.82
N ILE B 234 -35.84 -18.05 -13.82
CA ILE B 234 -36.04 -16.76 -13.16
C ILE B 234 -35.84 -16.90 -11.67
N VAL B 235 -36.25 -18.04 -11.11
CA VAL B 235 -35.99 -18.31 -9.71
C VAL B 235 -34.49 -18.30 -9.42
N PHE B 236 -33.71 -18.92 -10.30
CA PHE B 236 -32.26 -18.93 -10.11
C PHE B 236 -31.69 -17.53 -10.26
N LYS B 237 -32.23 -16.74 -11.18
CA LYS B 237 -31.73 -15.38 -11.36
C LYS B 237 -32.00 -14.51 -10.13
N ILE B 238 -33.21 -14.58 -9.59
CA ILE B 238 -33.50 -13.84 -8.37
C ILE B 238 -32.73 -14.41 -7.18
N ASN B 239 -32.43 -15.71 -7.19
CA ASN B 239 -31.53 -16.27 -6.20
C ASN B 239 -30.14 -15.63 -6.27
N ASP B 240 -29.65 -15.43 -7.49
CA ASP B 240 -28.37 -14.75 -7.66
C ASP B 240 -28.46 -13.30 -7.21
N PHE B 241 -29.61 -12.66 -7.42
CA PHE B 241 -29.82 -11.34 -6.85
C PHE B 241 -29.70 -11.38 -5.33
N LYS B 242 -30.30 -12.38 -4.71
CA LYS B 242 -30.22 -12.51 -3.26
C LYS B 242 -28.79 -12.70 -2.81
N LYS B 243 -28.03 -13.53 -3.53
CA LYS B 243 -26.64 -13.77 -3.12
C LYS B 243 -25.80 -12.53 -3.34
N PHE B 244 -26.12 -11.71 -4.35
CA PHE B 244 -25.51 -10.40 -4.47
C PHE B 244 -25.79 -9.55 -3.24
N PHE B 245 -27.05 -9.51 -2.81
CA PHE B 245 -27.40 -8.82 -1.57
C PHE B 245 -26.55 -9.29 -0.41
N GLU B 246 -26.46 -10.60 -0.22
CA GLU B 246 -25.74 -11.14 0.93
C GLU B 246 -24.25 -10.84 0.85
N LYS B 247 -23.67 -10.92 -0.35
CA LYS B 247 -22.26 -10.57 -0.51
C LYS B 247 -22.01 -9.11 -0.17
N GLU B 248 -22.90 -8.22 -0.61
CA GLU B 248 -22.71 -6.80 -0.33
C GLU B 248 -22.92 -6.50 1.15
N ARG B 249 -23.81 -7.24 1.83
CA ARG B 249 -24.15 -6.90 3.20
C ARG B 249 -22.96 -7.03 4.13
N GLN B 250 -22.14 -8.06 3.93
CA GLN B 250 -21.10 -8.38 4.91
C GLN B 250 -20.10 -7.24 5.07
N ARG B 251 -19.65 -6.66 3.96
CA ARG B 251 -18.61 -5.64 4.02
C ARG B 251 -19.09 -4.36 4.70
N ILE B 252 -20.39 -4.17 4.81
CA ILE B 252 -20.93 -2.86 5.21
C ILE B 252 -20.55 -2.53 6.64
N LYS B 253 -20.77 -3.47 7.56
CA LYS B 253 -20.70 -3.15 8.98
C LYS B 253 -19.29 -2.86 9.46
N GLY B 254 -18.27 -3.29 8.74
CA GLY B 254 -16.91 -3.25 9.25
C GLY B 254 -16.32 -1.89 9.57
N LEU B 255 -16.46 -0.95 8.65
CA LEU B 255 -15.60 0.23 8.69
C LEU B 255 -16.05 1.22 9.77
N PRO B 256 -15.10 1.97 10.36
CA PRO B 256 -15.47 2.99 11.35
C PRO B 256 -16.19 4.18 10.75
N LYS B 257 -16.48 5.18 11.60
CA LYS B 257 -17.41 6.26 11.29
C LYS B 257 -17.20 6.88 9.92
N ASP B 258 -16.00 7.42 9.67
CA ASP B 258 -15.76 8.15 8.44
C ASP B 258 -15.86 7.22 7.23
N ARG B 259 -15.19 6.07 7.28
CA ARG B 259 -15.28 5.14 6.16
C ARG B 259 -16.68 4.56 6.03
N TYR B 260 -17.38 4.38 7.15
CA TYR B 260 -18.74 3.89 7.09
C TYR B 260 -19.63 4.86 6.31
N VAL B 261 -19.58 6.15 6.68
CA VAL B 261 -20.40 7.13 5.97
C VAL B 261 -19.94 7.28 4.53
N ALA B 262 -18.63 7.12 4.28
CA ALA B 262 -18.14 7.17 2.90
C ALA B 262 -18.77 6.08 2.05
N LYS B 263 -18.76 4.84 2.55
CA LYS B 263 -19.40 3.76 1.82
C LYS B 263 -20.89 4.00 1.70
N LEU B 264 -21.49 4.61 2.73
CA LEU B 264 -22.92 4.92 2.70
C LEU B 264 -23.26 5.87 1.55
N LEU B 265 -22.42 6.87 1.33
CA LEU B 265 -22.79 7.98 0.46
C LEU B 265 -22.98 7.60 -1.00
N GLU B 266 -22.84 6.32 -1.36
CA GLU B 266 -23.07 5.92 -2.74
C GLU B 266 -24.04 4.76 -2.89
N GLN B 267 -23.97 3.75 -2.01
CA GLN B 267 -24.78 2.54 -2.18
C GLN B 267 -26.25 2.74 -1.84
N LYS B 268 -26.61 3.90 -1.26
CA LYS B 268 -28.01 4.12 -0.90
C LYS B 268 -28.90 4.13 -2.13
N GLY B 269 -28.47 4.79 -3.21
CA GLY B 269 -29.26 4.79 -4.43
C GLY B 269 -29.33 3.42 -5.07
N ILE B 270 -28.23 2.67 -5.02
CA ILE B 270 -28.23 1.31 -5.53
C ILE B 270 -29.27 0.49 -4.78
N LEU B 271 -29.29 0.60 -3.46
CA LEU B 271 -30.28 -0.13 -2.67
C LEU B 271 -31.69 0.35 -2.97
N GLY B 272 -31.86 1.66 -3.20
CA GLY B 272 -33.17 2.17 -3.54
C GLY B 272 -33.69 1.57 -4.83
N SER B 273 -32.82 1.43 -5.82
CA SER B 273 -33.20 0.73 -7.04
C SER B 273 -33.26 -0.79 -6.83
N LEU B 274 -32.69 -1.29 -5.74
CA LEU B 274 -32.80 -2.71 -5.43
C LEU B 274 -34.16 -3.04 -4.86
N LYS B 275 -34.72 -2.15 -4.02
CA LYS B 275 -36.08 -2.36 -3.53
C LYS B 275 -37.07 -2.21 -4.67
N GLU B 276 -36.96 -1.12 -5.43
CA GLU B 276 -37.63 -1.00 -6.71
C GLU B 276 -36.81 -1.80 -7.74
N VAL B 277 -36.75 -3.11 -7.48
CA VAL B 277 -35.75 -3.97 -8.10
C VAL B 277 -35.73 -3.77 -9.61
N ARG B 278 -34.52 -3.79 -10.18
CA ARG B 278 -34.34 -3.49 -11.60
C ARG B 278 -35.18 -4.39 -12.48
N GLU B 279 -35.45 -5.61 -12.02
CA GLU B 279 -36.39 -6.49 -12.69
C GLU B 279 -37.53 -6.83 -11.73
N PRO B 280 -38.64 -6.11 -11.77
CA PRO B 280 -39.73 -6.38 -10.82
C PRO B 280 -40.43 -7.69 -11.12
N SER B 281 -39.85 -8.78 -10.66
CA SER B 281 -40.31 -10.13 -10.94
C SER B 281 -41.65 -10.46 -10.32
N GLY B 282 -42.36 -9.52 -9.68
CA GLY B 282 -43.63 -9.88 -9.06
C GLY B 282 -44.64 -10.44 -10.05
N ASN B 283 -44.71 -9.86 -11.25
CA ASN B 283 -45.58 -10.43 -12.27
C ASN B 283 -45.09 -11.80 -12.72
N SER B 284 -43.78 -12.02 -12.71
CA SER B 284 -43.26 -13.35 -12.97
C SER B 284 -43.73 -14.32 -11.90
N LEU B 285 -43.77 -13.87 -10.65
CA LEU B 285 -44.32 -14.70 -9.58
C LEU B 285 -45.80 -14.98 -9.82
N SER B 286 -46.53 -13.99 -10.33
CA SER B 286 -47.95 -14.20 -10.62
C SER B 286 -48.14 -15.23 -11.74
N SER B 287 -47.31 -15.15 -12.78
CA SER B 287 -47.37 -16.16 -13.83
C SER B 287 -47.02 -17.54 -13.29
N ALA B 288 -46.00 -17.60 -12.43
CA ALA B 288 -45.69 -18.85 -11.75
C ALA B 288 -46.87 -19.35 -10.94
N LEU B 289 -47.64 -18.43 -10.33
CA LEU B 289 -48.84 -18.81 -9.62
C LEU B 289 -49.85 -19.46 -10.56
N ASN B 290 -50.09 -18.82 -11.70
CA ASN B 290 -51.03 -19.37 -12.67
C ASN B 290 -50.60 -20.74 -13.14
N GLU B 291 -49.29 -20.98 -13.29
CA GLU B 291 -48.81 -22.29 -13.72
C GLU B 291 -48.91 -23.31 -12.58
N LEU B 292 -48.51 -22.94 -11.37
CA LEU B 292 -48.54 -23.88 -10.25
C LEU B 292 -49.96 -24.24 -9.86
N LEU B 293 -50.94 -23.42 -10.22
CA LEU B 293 -52.33 -23.84 -10.09
C LEU B 293 -52.53 -25.22 -10.71
N ASP B 294 -52.28 -25.33 -12.03
CA ASP B 294 -52.43 -26.61 -12.71
C ASP B 294 -51.40 -27.62 -12.24
N LYS B 295 -50.19 -27.17 -11.90
CA LYS B 295 -49.15 -28.10 -11.46
C LYS B 295 -49.59 -28.85 -10.21
N ASN B 296 -50.20 -28.15 -9.26
CA ASN B 296 -50.76 -28.81 -8.08
C ASN B 296 -52.07 -29.51 -8.38
N ASN B 297 -52.82 -29.03 -9.37
CA ASN B 297 -54.08 -29.69 -9.73
C ASN B 297 -53.84 -31.10 -10.25
N ASN B 298 -52.77 -31.30 -11.01
CA ASN B 298 -52.53 -32.60 -11.64
C ASN B 298 -52.35 -33.70 -10.60
N TYR B 299 -51.58 -33.43 -9.55
CA TYR B 299 -51.27 -34.45 -8.55
C TYR B 299 -52.31 -34.49 -7.44
N ASN B 308 -44.36 -32.89 -6.33
CA ASN B 308 -44.66 -31.85 -7.31
C ASN B 308 -43.49 -30.88 -7.42
N LYS B 309 -43.19 -30.45 -8.65
CA LYS B 309 -42.20 -29.41 -8.84
C LYS B 309 -42.70 -28.08 -8.27
N ALA B 310 -43.98 -27.77 -8.48
CA ALA B 310 -44.54 -26.56 -7.89
C ALA B 310 -44.58 -26.65 -6.37
N PHE B 311 -44.74 -27.85 -5.82
CA PHE B 311 -44.60 -28.04 -4.39
C PHE B 311 -43.24 -27.53 -3.93
N GLN B 312 -42.19 -27.86 -4.68
CA GLN B 312 -40.85 -27.37 -4.39
C GLN B 312 -40.73 -25.87 -4.67
N ALA B 313 -41.57 -25.34 -5.57
CA ALA B 313 -41.50 -23.94 -5.95
C ALA B 313 -42.19 -23.00 -4.96
N LEU B 314 -43.16 -23.50 -4.19
CA LEU B 314 -43.76 -22.66 -3.15
C LEU B 314 -42.72 -22.21 -2.14
N TYR B 315 -41.82 -23.11 -1.73
CA TYR B 315 -40.73 -22.70 -0.87
C TYR B 315 -39.95 -21.55 -1.50
N ALA B 316 -39.65 -21.66 -2.79
CA ALA B 316 -38.87 -20.62 -3.46
C ALA B 316 -39.59 -19.29 -3.45
N LEU B 317 -40.89 -19.30 -3.76
CA LEU B 317 -41.61 -18.03 -3.81
C LEU B 317 -41.68 -17.39 -2.42
N PHE B 318 -41.93 -18.20 -1.40
CA PHE B 318 -41.94 -17.68 -0.04
C PHE B 318 -40.59 -17.11 0.35
N TYR B 319 -39.51 -17.81 -0.02
CA TYR B 319 -38.17 -17.32 0.26
C TYR B 319 -37.89 -16.01 -0.43
N GLY B 320 -38.36 -15.87 -1.67
CA GLY B 320 -38.22 -14.61 -2.37
C GLY B 320 -38.96 -13.49 -1.66
N THR B 321 -40.15 -13.77 -1.17
CA THR B 321 -40.89 -12.77 -0.41
C THR B 321 -40.12 -12.36 0.85
N GLN B 322 -39.52 -13.34 1.54
CA GLN B 322 -38.73 -13.03 2.73
C GLN B 322 -37.55 -12.14 2.39
N THR B 323 -36.84 -12.48 1.32
CA THR B 323 -35.70 -11.67 0.90
C THR B 323 -36.15 -10.27 0.53
N TYR B 324 -37.31 -10.16 -0.14
CA TYR B 324 -37.88 -8.85 -0.45
C TYR B 324 -38.06 -8.01 0.80
N ALA B 325 -38.75 -8.57 1.79
CA ALA B 325 -39.02 -7.83 3.01
C ALA B 325 -37.72 -7.45 3.72
N ALA B 326 -36.77 -8.37 3.76
CA ALA B 326 -35.49 -8.09 4.41
C ALA B 326 -34.75 -6.96 3.73
N VAL B 327 -34.80 -6.92 2.39
CA VAL B 327 -34.16 -5.82 1.66
C VAL B 327 -34.82 -4.50 2.00
N MET B 328 -36.16 -4.49 2.05
CA MET B 328 -36.84 -3.26 2.46
C MET B 328 -36.36 -2.81 3.83
N PHE B 329 -36.30 -3.73 4.79
CA PHE B 329 -35.77 -3.38 6.09
C PHE B 329 -34.37 -2.78 5.99
N PHE B 330 -33.46 -3.50 5.33
CA PHE B 330 -32.06 -3.06 5.27
C PHE B 330 -31.97 -1.63 4.75
N LEU B 331 -32.71 -1.32 3.69
CA LEU B 331 -32.77 0.06 3.22
C LEU B 331 -33.23 0.98 4.34
N LEU B 332 -34.26 0.56 5.09
CA LEU B 332 -34.81 1.43 6.12
C LEU B 332 -33.77 1.77 7.18
N GLU B 333 -33.08 0.77 7.72
CA GLU B 333 -32.16 1.08 8.81
C GLU B 333 -30.90 1.79 8.30
N GLN B 334 -30.48 1.51 7.06
CA GLN B 334 -29.35 2.27 6.54
C GLN B 334 -29.70 3.74 6.40
N HIS B 335 -30.91 4.03 5.91
CA HIS B 335 -31.35 5.42 5.87
C HIS B 335 -31.44 6.01 7.27
N SER B 336 -31.91 5.23 8.24
CA SER B 336 -32.01 5.74 9.60
C SER B 336 -30.64 6.13 10.15
N TYR B 337 -29.64 5.29 9.92
CA TYR B 337 -28.29 5.61 10.39
C TYR B 337 -27.73 6.82 9.66
N LEU B 338 -28.01 6.95 8.36
CA LEU B 338 -27.59 8.16 7.65
C LEU B 338 -28.21 9.40 8.27
N ALA B 339 -29.49 9.33 8.60
CA ALA B 339 -30.16 10.45 9.25
C ALA B 339 -29.52 10.75 10.59
N ASP B 340 -29.18 9.71 11.36
CA ASP B 340 -28.50 9.91 12.63
C ASP B 340 -27.17 10.62 12.43
N TYR B 341 -26.41 10.21 11.42
CA TYR B 341 -25.11 10.83 11.17
C TYR B 341 -25.26 12.30 10.83
N TYR B 342 -26.19 12.62 9.92
CA TYR B 342 -26.45 14.03 9.63
C TYR B 342 -27.05 14.77 10.81
N TYR B 343 -27.56 14.06 11.81
CA TYR B 343 -28.03 14.75 13.00
C TYR B 343 -26.88 15.26 13.86
N GLN B 344 -26.08 14.34 14.39
CA GLN B 344 -25.05 14.72 15.36
C GLN B 344 -23.85 15.24 14.59
N LYS B 345 -23.79 16.56 14.45
CA LYS B 345 -22.70 17.26 13.76
C LYS B 345 -22.56 16.81 12.30
N GLY B 346 -23.66 16.42 11.68
CA GLY B 346 -23.67 16.08 10.28
C GLY B 346 -24.12 17.25 9.42
N ASP B 347 -24.49 16.94 8.19
CA ASP B 347 -25.05 17.96 7.30
C ASP B 347 -26.40 18.39 7.85
N ASP B 348 -26.45 19.61 8.40
CA ASP B 348 -27.64 20.05 9.10
C ASP B 348 -28.83 20.17 8.16
N VAL B 349 -28.64 20.83 7.02
CA VAL B 349 -29.73 20.99 6.05
C VAL B 349 -30.13 19.64 5.49
N ASN B 350 -29.15 18.82 5.11
CA ASN B 350 -29.44 17.54 4.48
C ASN B 350 -30.12 16.56 5.44
N PHE B 351 -30.12 16.84 6.74
CA PHE B 351 -30.92 16.03 7.65
C PHE B 351 -32.38 16.08 7.25
N ASN B 352 -32.89 17.28 7.00
CA ASN B 352 -34.29 17.42 6.63
C ASN B 352 -34.58 16.74 5.31
N ALA B 353 -33.68 16.90 4.34
CA ALA B 353 -33.85 16.24 3.05
C ALA B 353 -33.88 14.73 3.21
N GLU B 354 -32.96 14.18 4.01
CA GLU B 354 -32.93 12.74 4.22
C GLU B 354 -34.18 12.26 4.95
N PHE B 355 -34.66 13.03 5.92
CA PHE B 355 -35.87 12.63 6.63
C PHE B 355 -37.08 12.63 5.70
N ASN B 356 -37.19 13.63 4.82
CA ASN B 356 -38.26 13.62 3.83
C ASN B 356 -38.11 12.43 2.89
N ASN B 357 -36.86 12.12 2.51
CA ASN B 357 -36.62 10.98 1.64
C ASN B 357 -37.08 9.69 2.29
N VAL B 358 -36.75 9.49 3.56
CA VAL B 358 -37.16 8.26 4.23
C VAL B 358 -38.67 8.25 4.47
N ALA B 359 -39.28 9.42 4.65
CA ALA B 359 -40.74 9.47 4.75
C ALA B 359 -41.39 9.00 3.47
N ILE B 360 -40.94 9.54 2.32
CA ILE B 360 -41.46 9.11 1.04
C ILE B 360 -41.12 7.64 0.79
N ILE B 361 -39.96 7.20 1.26
CA ILE B 361 -39.59 5.80 1.17
C ILE B 361 -40.59 4.94 1.91
N PHE B 362 -40.99 5.37 3.10
CA PHE B 362 -41.97 4.61 3.87
C PHE B 362 -43.34 4.63 3.20
N ASP B 363 -43.68 5.75 2.55
CA ASP B 363 -44.94 5.81 1.82
C ASP B 363 -44.98 4.79 0.68
N ASP B 364 -43.95 4.81 -0.17
CA ASP B 364 -43.88 3.84 -1.25
C ASP B 364 -43.76 2.42 -0.72
N PHE B 365 -42.97 2.25 0.34
CA PHE B 365 -42.92 1.02 1.12
C PHE B 365 -44.32 0.49 1.42
N LYS B 366 -45.15 1.31 2.06
CA LYS B 366 -46.46 0.85 2.47
C LYS B 366 -47.35 0.55 1.27
N SER B 367 -47.32 1.39 0.24
CA SER B 367 -48.19 1.16 -0.91
C SER B 367 -47.81 -0.10 -1.66
N SER B 368 -46.53 -0.22 -2.02
CA SER B 368 -46.05 -1.42 -2.69
C SER B 368 -46.22 -2.64 -1.81
N LEU B 369 -46.13 -2.47 -0.50
CA LEU B 369 -46.36 -3.57 0.42
C LEU B 369 -47.81 -4.01 0.39
N THR B 370 -48.74 -3.05 0.33
CA THR B 370 -50.15 -3.41 0.21
C THR B 370 -50.40 -4.20 -1.06
N GLY B 371 -49.81 -3.77 -2.17
CA GLY B 371 -49.97 -4.52 -3.41
C GLY B 371 -49.36 -5.91 -3.34
N GLY B 372 -48.10 -5.99 -2.92
CA GLY B 372 -47.42 -7.27 -2.83
C GLY B 372 -48.10 -8.21 -1.85
N ASP B 373 -48.65 -7.66 -0.76
CA ASP B 373 -49.34 -8.48 0.21
C ASP B 373 -50.75 -8.85 -0.22
N ASP B 374 -51.37 -8.08 -1.12
CA ASP B 374 -52.55 -8.59 -1.80
C ASP B 374 -52.18 -9.83 -2.61
N GLY B 375 -51.05 -9.75 -3.32
CA GLY B 375 -50.53 -10.95 -3.98
C GLY B 375 -50.28 -12.09 -3.00
N LEU B 376 -49.70 -11.77 -1.84
CA LEU B 376 -49.41 -12.79 -0.83
C LEU B 376 -50.68 -13.38 -0.24
N ILE B 377 -51.73 -12.55 -0.11
CA ILE B 377 -53.01 -13.06 0.35
C ILE B 377 -53.59 -14.03 -0.66
N ASP B 378 -53.48 -13.71 -1.94
CA ASP B 378 -53.85 -14.66 -2.97
C ASP B 378 -53.02 -15.94 -2.84
N ASN B 379 -51.74 -15.79 -2.51
CA ASN B 379 -50.88 -16.94 -2.31
C ASN B 379 -51.38 -17.81 -1.16
N VAL B 380 -51.76 -17.18 -0.05
CA VAL B 380 -52.27 -17.93 1.09
C VAL B 380 -53.57 -18.63 0.73
N ILE B 381 -54.44 -17.94 -0.01
CA ILE B 381 -55.70 -18.54 -0.44
C ILE B 381 -55.44 -19.80 -1.26
N GLU B 382 -54.55 -19.70 -2.25
CA GLU B 382 -54.25 -20.86 -3.08
C GLU B 382 -53.51 -21.94 -2.31
N VAL B 383 -52.72 -21.58 -1.30
CA VAL B 383 -52.07 -22.59 -0.47
C VAL B 383 -53.12 -23.39 0.30
N LEU B 384 -54.10 -22.70 0.89
CA LEU B 384 -55.18 -23.40 1.58
C LEU B 384 -55.98 -24.25 0.60
N ASN B 385 -56.22 -23.73 -0.61
CA ASN B 385 -56.94 -24.49 -1.61
C ASN B 385 -56.20 -25.77 -1.98
N THR B 386 -54.88 -25.68 -2.15
CA THR B 386 -54.09 -26.88 -2.43
C THR B 386 -54.12 -27.83 -1.25
N VAL B 387 -54.04 -27.29 -0.03
CA VAL B 387 -54.05 -28.15 1.15
C VAL B 387 -55.34 -28.96 1.22
N LYS B 388 -56.47 -28.30 0.97
CA LYS B 388 -57.74 -29.01 1.05
C LYS B 388 -57.98 -29.94 -0.14
N ALA B 389 -57.62 -29.51 -1.34
CA ALA B 389 -57.95 -30.23 -2.55
C ALA B 389 -56.97 -31.35 -2.88
N LEU B 390 -55.81 -31.38 -2.25
CA LEU B 390 -54.82 -32.38 -2.61
C LEU B 390 -55.12 -33.72 -1.96
N PRO B 391 -54.67 -34.82 -2.56
CA PRO B 391 -54.59 -36.09 -1.82
C PRO B 391 -53.65 -36.00 -0.63
N PHE B 392 -53.48 -37.09 0.10
CA PHE B 392 -52.80 -37.08 1.39
C PHE B 392 -51.31 -37.36 1.28
N ILE B 393 -50.68 -36.99 0.17
CA ILE B 393 -49.24 -37.08 0.02
C ILE B 393 -48.69 -35.66 -0.07
N LYS B 394 -47.80 -35.31 0.86
CA LYS B 394 -47.21 -33.97 0.95
C LYS B 394 -45.78 -34.11 1.47
N ASN B 395 -45.24 -32.99 1.96
CA ASN B 395 -43.91 -32.97 2.55
C ASN B 395 -43.97 -32.25 3.90
N ALA B 396 -43.27 -32.81 4.89
CA ALA B 396 -43.05 -32.07 6.13
C ALA B 396 -42.28 -30.79 5.88
N ASP B 397 -41.53 -30.74 4.78
CA ASP B 397 -40.99 -29.48 4.30
C ASP B 397 -42.10 -28.45 4.16
N SER B 398 -43.23 -28.85 3.57
CA SER B 398 -44.38 -27.97 3.53
C SER B 398 -44.99 -27.73 4.90
N LYS B 399 -44.73 -28.60 5.88
CA LYS B 399 -45.22 -28.34 7.22
C LYS B 399 -44.46 -27.19 7.88
N LEU B 400 -43.13 -27.22 7.78
CA LEU B 400 -42.36 -26.06 8.20
C LEU B 400 -42.73 -24.84 7.37
N TYR B 401 -43.05 -25.06 6.08
CA TYR B 401 -43.57 -24.00 5.23
C TYR B 401 -44.79 -23.34 5.84
N ARG B 402 -45.73 -24.15 6.35
CA ARG B 402 -46.96 -23.60 6.91
C ARG B 402 -46.71 -22.90 8.25
N GLU B 403 -45.78 -23.44 9.04
CA GLU B 403 -45.37 -22.71 10.24
C GLU B 403 -44.83 -21.33 9.88
N LEU B 404 -43.99 -21.27 8.85
CA LEU B 404 -43.49 -19.98 8.42
C LEU B 404 -44.57 -19.14 7.74
N VAL B 405 -45.63 -19.77 7.23
CA VAL B 405 -46.80 -19.01 6.77
C VAL B 405 -47.44 -18.28 7.94
N THR B 406 -47.59 -18.97 9.07
CA THR B 406 -48.07 -18.30 10.28
C THR B 406 -47.14 -17.16 10.67
N ARG B 407 -45.84 -17.41 10.64
CA ARG B 407 -44.87 -16.36 10.99
C ARG B 407 -45.00 -15.15 10.05
N THR B 408 -45.16 -15.41 8.75
CA THR B 408 -45.26 -14.33 7.79
C THR B 408 -46.58 -13.59 7.91
N LYS B 409 -47.65 -14.27 8.30
CA LYS B 409 -48.88 -13.56 8.60
C LYS B 409 -48.71 -12.64 9.79
N ALA B 410 -47.98 -13.10 10.80
CA ALA B 410 -47.66 -12.23 11.94
C ALA B 410 -46.88 -11.01 11.47
N LEU B 411 -45.86 -11.22 10.64
CA LEU B 411 -45.06 -10.11 10.14
C LEU B 411 -45.86 -9.22 9.20
N GLU B 412 -46.88 -9.77 8.56
CA GLU B 412 -47.81 -8.99 7.75
C GLU B 412 -48.62 -8.05 8.62
N THR B 413 -49.21 -8.58 9.69
CA THR B 413 -49.89 -7.72 10.64
C THR B 413 -48.94 -6.71 11.26
N LEU B 414 -47.66 -7.06 11.35
CA LEU B 414 -46.64 -6.16 11.87
C LEU B 414 -46.52 -4.89 11.05
N LYS B 415 -46.93 -4.90 9.78
CA LYS B 415 -46.71 -3.75 8.92
C LYS B 415 -47.46 -2.51 9.39
N ASN B 416 -48.50 -2.67 10.19
CA ASN B 416 -49.36 -1.56 10.58
C ASN B 416 -48.83 -0.80 11.80
N GLN B 417 -47.67 -1.18 12.31
CA GLN B 417 -47.18 -0.64 13.58
C GLN B 417 -46.71 0.81 13.49
N ILE B 418 -46.60 1.37 12.29
CA ILE B 418 -46.14 2.75 12.17
C ILE B 418 -47.30 3.66 11.81
N LEU B 425 -41.79 18.57 11.21
CA LEU B 425 -41.25 19.72 10.51
C LEU B 425 -42.37 20.70 10.18
N ILE B 426 -43.48 20.17 9.67
CA ILE B 426 -44.68 20.99 9.51
C ILE B 426 -45.14 21.50 10.85
N ASP B 427 -45.04 20.68 11.90
CA ASP B 427 -45.25 21.14 13.25
C ASP B 427 -44.16 22.11 13.71
N ASP B 428 -43.07 22.22 12.96
CA ASP B 428 -41.88 22.92 13.42
C ASP B 428 -41.62 24.22 12.68
N ILE B 429 -41.64 24.21 11.35
CA ILE B 429 -41.04 25.31 10.61
C ILE B 429 -41.97 26.02 9.64
N PRO B 430 -43.25 26.32 9.99
CA PRO B 430 -44.00 27.35 9.25
C PRO B 430 -43.83 28.75 9.85
N GLU B 431 -42.58 29.16 10.05
CA GLU B 431 -42.32 30.40 10.77
C GLU B 431 -40.87 30.81 10.56
N THR B 432 -40.57 32.05 10.94
CA THR B 432 -39.21 32.57 11.01
C THR B 432 -38.98 33.15 12.40
N LEU B 433 -37.87 33.86 12.60
CA LEU B 433 -37.57 34.39 13.92
C LEU B 433 -38.21 35.75 14.20
N SER B 434 -38.61 36.49 13.17
CA SER B 434 -39.10 37.85 13.34
C SER B 434 -40.61 37.92 13.55
N GLN B 435 -41.22 36.87 14.12
CA GLN B 435 -42.66 36.88 14.32
C GLN B 435 -43.08 37.98 15.29
N VAL B 436 -42.45 38.02 16.48
CA VAL B 436 -42.75 39.03 17.49
C VAL B 436 -41.40 39.58 17.96
N ASN B 437 -40.97 40.69 17.36
CA ASN B 437 -39.69 41.28 17.71
C ASN B 437 -39.77 41.96 19.09
N PHE B 438 -38.74 41.74 19.90
CA PHE B 438 -38.59 42.42 21.18
C PHE B 438 -37.45 43.41 21.05
N PRO B 439 -37.71 44.71 20.92
CA PRO B 439 -36.63 45.66 20.64
C PRO B 439 -35.58 45.79 21.73
N ASN B 440 -35.99 46.17 22.94
CA ASN B 440 -35.04 46.45 24.01
C ASN B 440 -35.75 46.80 25.32
N ASP B 441 -35.06 46.59 26.44
CA ASP B 441 -35.57 46.91 27.78
C ASP B 441 -34.43 46.72 28.77
N GLU B 442 -34.75 46.82 30.05
CA GLU B 442 -33.75 46.75 31.13
C GLU B 442 -33.07 45.39 31.15
N ASN B 443 -31.76 45.42 31.47
CA ASN B 443 -30.89 44.27 31.69
C ASN B 443 -30.54 43.53 30.40
N GLN B 444 -31.17 43.87 29.28
CA GLN B 444 -30.88 43.22 28.01
C GLN B 444 -30.72 44.27 26.92
N LEU B 445 -30.13 45.40 27.30
CA LEU B 445 -29.75 46.42 26.34
C LEU B 445 -28.66 45.89 25.43
N PRO B 446 -28.55 46.41 24.21
CA PRO B 446 -27.44 45.99 23.33
C PRO B 446 -26.10 46.29 23.96
N THR B 447 -25.35 45.24 24.30
CA THR B 447 -24.09 45.38 25.01
C THR B 447 -23.00 44.65 24.24
N PRO B 448 -21.88 45.31 23.93
CA PRO B 448 -20.80 44.61 23.23
C PRO B 448 -20.10 43.60 24.11
N ILE B 449 -20.34 42.32 23.84
CA ILE B 449 -19.76 41.23 24.61
C ILE B 449 -19.00 40.33 23.64
N GLY B 450 -17.80 39.91 24.05
CA GLY B 450 -16.92 39.14 23.20
C GLY B 450 -17.55 37.97 22.48
N ASN B 451 -17.97 36.94 23.24
CA ASN B 451 -18.52 35.74 22.60
C ASN B 451 -19.79 36.05 21.83
N TRP B 452 -20.68 36.86 22.41
CA TRP B 452 -21.89 37.25 21.71
C TRP B 452 -21.51 38.37 20.75
N VAL B 453 -20.93 37.96 19.62
CA VAL B 453 -20.39 38.91 18.66
C VAL B 453 -21.51 39.76 18.06
N ASP B 454 -21.18 41.02 17.75
CA ASP B 454 -22.12 41.98 17.19
C ASP B 454 -21.85 42.09 15.68
N GLY B 455 -22.62 41.34 14.90
CA GLY B 455 -22.52 41.46 13.45
C GLY B 455 -22.64 40.18 12.65
N VAL B 456 -22.41 39.03 13.29
CA VAL B 456 -22.45 37.75 12.61
C VAL B 456 -23.89 37.26 12.57
N GLU B 457 -24.17 36.32 11.66
CA GLU B 457 -25.53 35.91 11.36
C GLU B 457 -26.23 35.34 12.59
N VAL B 458 -27.56 35.36 12.56
CA VAL B 458 -28.38 34.69 13.55
C VAL B 458 -29.09 33.53 12.84
N ARG B 459 -28.48 32.35 12.88
CA ARG B 459 -28.99 31.18 12.17
C ARG B 459 -29.97 30.45 13.08
N TYR B 460 -31.16 31.03 13.21
CA TYR B 460 -32.22 30.42 13.99
C TYR B 460 -32.66 29.10 13.36
N ALA B 461 -33.09 28.18 14.21
CA ALA B 461 -33.67 26.92 13.75
C ALA B 461 -34.45 26.30 14.89
N VAL B 462 -35.76 26.21 14.74
CA VAL B 462 -36.62 25.59 15.75
C VAL B 462 -37.20 24.31 15.17
N GLN B 463 -37.39 23.32 16.03
CA GLN B 463 -37.83 22.00 15.59
C GLN B 463 -38.53 21.30 16.74
N TYR B 464 -38.80 20.01 16.57
CA TYR B 464 -39.60 19.23 17.50
C TYR B 464 -38.78 18.13 18.18
N GLU B 465 -39.11 17.87 19.44
CA GLU B 465 -38.80 16.60 20.08
C GLU B 465 -39.71 16.43 21.28
N SER B 466 -40.31 15.26 21.41
CA SER B 466 -41.12 14.90 22.57
C SER B 466 -41.48 13.42 22.46
N LYS B 467 -41.71 12.81 23.62
CA LYS B 467 -42.08 11.39 23.70
C LYS B 467 -41.03 10.50 23.03
N GLY B 468 -39.78 10.93 23.05
CA GLY B 468 -38.74 10.23 22.32
C GLY B 468 -38.73 10.59 20.86
N MET B 469 -39.91 10.83 20.30
CA MET B 469 -40.01 11.23 18.90
C MET B 469 -39.32 12.57 18.70
N TYR B 470 -38.66 12.71 17.55
CA TYR B 470 -37.79 13.85 17.28
C TYR B 470 -37.98 14.28 15.84
N SER B 471 -38.24 15.58 15.64
CA SER B 471 -38.39 16.15 14.31
C SER B 471 -37.50 17.39 14.24
N LYS B 472 -36.44 17.32 13.45
CA LYS B 472 -35.43 18.37 13.38
C LYS B 472 -35.47 19.02 12.01
N PHE B 473 -35.59 20.34 11.99
CA PHE B 473 -35.53 21.10 10.75
C PHE B 473 -34.28 21.96 10.72
N SER B 474 -33.93 22.42 9.51
CA SER B 474 -32.74 23.24 9.28
C SER B 474 -33.13 24.36 8.31
N GLU B 475 -33.53 25.50 8.86
CA GLU B 475 -33.90 26.66 8.05
C GLU B 475 -33.47 27.91 8.81
N TRP B 476 -32.31 28.44 8.44
CA TRP B 476 -31.83 29.71 8.98
C TRP B 476 -32.21 30.84 8.04
N SER B 477 -33.51 30.95 7.79
CA SER B 477 -34.01 31.84 6.75
C SER B 477 -33.81 33.32 7.08
N GLU B 478 -33.54 33.66 8.34
CA GLU B 478 -33.39 35.05 8.76
C GLU B 478 -32.10 35.21 9.54
N PRO B 479 -30.97 35.32 8.85
CA PRO B 479 -29.70 35.55 9.54
C PRO B 479 -29.46 37.02 9.87
N PHE B 480 -30.53 37.81 9.85
CA PHE B 480 -30.43 39.26 9.95
C PHE B 480 -29.68 39.69 11.20
N THR B 481 -28.64 40.50 11.01
CA THR B 481 -27.77 40.92 12.09
C THR B 481 -28.04 42.36 12.47
N VAL B 482 -28.20 42.60 13.77
CA VAL B 482 -28.33 43.94 14.32
C VAL B 482 -27.48 44.03 15.58
N GLN B 483 -27.13 45.26 15.96
CA GLN B 483 -26.45 45.51 17.24
C GLN B 483 -27.53 45.78 18.27
N GLY B 484 -28.29 44.73 18.59
CA GLY B 484 -29.46 44.85 19.43
C GLY B 484 -29.55 43.75 20.47
N ASN B 485 -30.65 43.01 20.48
CA ASN B 485 -30.85 41.90 21.39
C ASN B 485 -31.69 40.82 20.72
N ALA B 486 -31.52 39.58 21.18
CA ALA B 486 -32.22 38.43 20.62
C ALA B 486 -33.49 38.09 21.40
N CYS B 487 -34.02 39.05 22.14
CA CYS B 487 -35.18 38.79 22.99
C CYS B 487 -36.46 38.37 22.27
N PRO B 488 -36.73 38.77 20.99
CA PRO B 488 -37.99 38.39 20.33
C PRO B 488 -38.55 37.00 20.60
N THR B 489 -39.87 36.91 20.71
CA THR B 489 -40.61 35.67 20.87
C THR B 489 -41.18 35.23 19.53
N ILE B 490 -41.31 33.92 19.35
CA ILE B 490 -41.68 33.34 18.06
C ILE B 490 -43.03 32.64 18.18
N LYS B 491 -43.92 33.16 19.02
CA LYS B 491 -45.29 32.67 19.13
C LYS B 491 -45.33 31.21 19.57
N VAL B 492 -44.43 30.84 20.49
CA VAL B 492 -44.42 29.48 21.01
C VAL B 492 -45.64 29.25 21.89
N ARG B 493 -46.05 30.26 22.66
CA ARG B 493 -47.11 30.11 23.65
C ARG B 493 -48.48 29.88 23.03
N VAL B 494 -48.64 30.11 21.72
CA VAL B 494 -49.95 30.03 21.09
C VAL B 494 -50.18 28.70 20.37
N ASP B 495 -49.13 27.94 20.06
CA ASP B 495 -49.28 26.73 19.27
C ASP B 495 -50.23 25.75 19.96
N PRO B 496 -51.25 25.27 19.24
CA PRO B 496 -52.25 24.41 19.90
C PRO B 496 -51.78 22.99 20.11
N LYS B 497 -51.04 22.44 19.16
CA LYS B 497 -50.56 21.08 19.27
C LYS B 497 -49.66 20.93 20.50
N LYS B 498 -49.93 19.90 21.30
CA LYS B 498 -49.15 19.67 22.50
C LYS B 498 -47.86 18.95 22.18
N ARG B 499 -47.07 19.53 21.28
CA ARG B 499 -45.76 19.01 20.89
C ARG B 499 -44.69 19.95 21.42
N ASN B 500 -43.77 19.41 22.20
CA ASN B 500 -42.69 20.23 22.75
C ASN B 500 -41.72 20.63 21.64
N ARG B 501 -41.28 21.88 21.69
CA ARG B 501 -40.43 22.44 20.66
C ARG B 501 -39.07 22.82 21.25
N LEU B 502 -38.15 23.18 20.35
CA LEU B 502 -36.79 23.50 20.73
C LEU B 502 -36.16 24.29 19.61
N ILE B 503 -35.59 25.45 19.93
CA ILE B 503 -34.88 26.27 18.95
C ILE B 503 -33.40 26.21 19.24
N PHE B 504 -32.59 26.20 18.19
CA PHE B 504 -31.16 26.40 18.31
C PHE B 504 -30.73 27.41 17.26
N ARG B 505 -29.97 28.42 17.69
CA ARG B 505 -29.62 29.56 16.85
C ARG B 505 -28.11 29.56 16.63
N LYS B 506 -27.69 29.05 15.49
CA LYS B 506 -26.28 29.13 15.12
C LYS B 506 -25.91 30.56 14.77
N PHE B 507 -24.62 30.88 14.94
CA PHE B 507 -24.11 32.20 14.58
C PHE B 507 -23.54 32.19 13.16
N ASN B 508 -22.55 31.34 12.91
CA ASN B 508 -21.93 31.25 11.60
C ASN B 508 -21.72 29.82 11.11
N SER B 509 -21.90 28.81 11.95
CA SER B 509 -21.69 27.43 11.53
C SER B 509 -22.44 26.50 12.46
N GLY B 510 -22.46 25.22 12.11
CA GLY B 510 -23.13 24.21 12.88
C GLY B 510 -22.63 24.13 14.31
N LYS B 511 -23.44 24.61 15.24
CA LYS B 511 -23.08 24.61 16.66
C LYS B 511 -23.52 23.28 17.27
N PRO B 512 -23.28 23.04 18.57
CA PRO B 512 -23.79 21.80 19.17
C PRO B 512 -25.30 21.64 19.14
N GLN B 513 -26.03 22.62 18.58
CA GLN B 513 -27.42 22.45 18.14
C GLN B 513 -28.43 22.44 19.29
N PHE B 514 -28.08 22.98 20.46
CA PHE B 514 -28.96 22.93 21.62
C PHE B 514 -29.10 24.29 22.30
N ALA B 515 -29.41 25.34 21.53
CA ALA B 515 -29.43 26.68 22.11
C ALA B 515 -30.53 26.85 23.14
N GLY B 516 -31.76 26.50 22.80
CA GLY B 516 -32.84 26.75 23.72
C GLY B 516 -33.98 25.75 23.66
N THR B 517 -34.28 25.15 24.81
CA THR B 517 -35.40 24.24 24.96
C THR B 517 -36.51 24.96 25.70
N MET B 518 -37.66 25.12 25.04
CA MET B 518 -38.80 25.81 25.62
C MET B 518 -39.95 24.83 25.74
N THR B 519 -40.46 24.66 26.96
CA THR B 519 -41.64 23.82 27.13
C THR B 519 -42.87 24.46 26.53
N HIS B 520 -43.09 25.75 26.84
CA HIS B 520 -44.20 26.47 26.26
C HIS B 520 -43.85 27.90 25.87
N SER B 521 -42.63 28.36 26.14
CA SER B 521 -42.29 29.76 25.86
C SER B 521 -40.78 29.94 25.82
N GLN B 522 -40.31 30.74 24.88
CA GLN B 522 -38.92 31.16 24.80
C GLN B 522 -38.86 32.66 24.56
N THR B 523 -38.08 33.36 25.37
CA THR B 523 -37.86 34.80 25.25
C THR B 523 -36.37 35.11 25.29
N ASN B 524 -35.58 34.32 24.56
CA ASN B 524 -34.12 34.44 24.48
C ASN B 524 -33.47 34.01 25.77
N PHE B 525 -34.27 33.76 26.80
CA PHE B 525 -33.73 33.47 28.12
C PHE B 525 -32.94 32.17 28.12
N LYS B 526 -33.44 31.14 27.42
CA LYS B 526 -32.68 29.90 27.33
C LYS B 526 -31.48 30.04 26.41
N ASP B 527 -31.58 30.90 25.39
CA ASP B 527 -30.38 31.23 24.63
C ASP B 527 -29.39 31.97 25.51
N ILE B 528 -29.87 32.82 26.42
CA ILE B 528 -29.00 33.41 27.43
C ILE B 528 -28.37 32.33 28.28
N HIS B 529 -29.15 31.30 28.64
CA HIS B 529 -28.60 30.19 29.39
C HIS B 529 -27.46 29.53 28.63
N ARG B 530 -27.64 29.33 27.33
CA ARG B 530 -26.54 28.81 26.52
C ARG B 530 -25.36 29.76 26.52
N ASP B 531 -25.61 31.07 26.55
CA ASP B 531 -24.50 32.01 26.60
C ASP B 531 -23.71 31.85 27.89
N LEU B 532 -24.40 31.70 29.01
CA LEU B 532 -23.72 31.38 30.27
C LEU B 532 -22.97 30.05 30.16
N TYR B 533 -23.58 29.07 29.52
CA TYR B 533 -22.95 27.77 29.34
C TYR B 533 -21.63 27.92 28.58
N ASP B 534 -21.65 28.69 27.51
CA ASP B 534 -20.44 28.94 26.73
C ASP B 534 -19.42 29.71 27.55
N ALA B 535 -19.87 30.69 28.33
CA ALA B 535 -18.97 31.39 29.24
C ALA B 535 -18.30 30.43 30.20
N ALA B 536 -19.02 29.40 30.63
CA ALA B 536 -18.42 28.36 31.47
C ALA B 536 -17.37 27.55 30.72
N LEU B 537 -17.40 27.57 29.40
CA LEU B 537 -16.42 26.85 28.59
C LEU B 537 -15.17 27.68 28.33
N ASN B 538 -15.10 28.90 28.83
CA ASN B 538 -13.91 29.72 28.65
C ASN B 538 -12.72 29.08 29.37
N ILE B 539 -11.52 29.35 28.86
CA ILE B 539 -10.29 28.90 29.48
C ILE B 539 -9.47 30.04 30.06
N ASN B 540 -9.94 31.29 29.94
CA ASN B 540 -9.28 32.43 30.55
C ASN B 540 -9.94 32.71 31.89
N LYS B 541 -9.15 32.67 32.96
CA LYS B 541 -9.70 32.65 34.31
C LYS B 541 -10.40 33.95 34.65
N LEU B 542 -9.66 35.05 34.67
CA LEU B 542 -10.24 36.34 35.03
C LEU B 542 -11.29 36.78 34.01
N LYS B 543 -11.08 36.44 32.73
CA LYS B 543 -12.12 36.70 31.74
C LYS B 543 -13.38 35.92 32.07
N ALA B 544 -13.23 34.67 32.52
CA ALA B 544 -14.40 33.91 32.94
C ALA B 544 -15.08 34.55 34.14
N VAL B 545 -14.29 35.12 35.05
CA VAL B 545 -14.88 35.84 36.18
C VAL B 545 -15.69 37.04 35.69
N ASP B 546 -15.15 37.77 34.73
CA ASP B 546 -15.87 38.91 34.17
C ASP B 546 -17.16 38.46 33.50
N GLU B 547 -17.12 37.34 32.78
CA GLU B 547 -18.33 36.79 32.17
C GLU B 547 -19.34 36.42 33.25
N ALA B 548 -18.86 35.84 34.35
CA ALA B 548 -19.74 35.49 35.46
C ALA B 548 -20.42 36.73 36.02
N THR B 549 -19.67 37.82 36.16
CA THR B 549 -20.26 39.07 36.63
C THR B 549 -21.31 39.57 35.64
N THR B 550 -21.00 39.54 34.35
CA THR B 550 -21.94 40.02 33.35
C THR B 550 -23.24 39.22 33.38
N LEU B 551 -23.13 37.90 33.53
CA LEU B 551 -24.33 37.08 33.54
C LEU B 551 -25.10 37.24 34.85
N ILE B 552 -24.39 37.36 35.98
CA ILE B 552 -25.07 37.48 37.26
C ILE B 552 -25.72 38.85 37.40
N GLU B 553 -25.34 39.80 36.55
CA GLU B 553 -26.17 41.00 36.42
C GLU B 553 -27.62 40.62 36.18
N LYS B 554 -27.84 39.58 35.38
CA LYS B 554 -29.15 39.03 35.13
C LYS B 554 -29.38 37.73 35.88
N GLY B 555 -28.34 36.91 36.02
CA GLY B 555 -28.43 35.69 36.79
C GLY B 555 -29.37 34.65 36.20
N ALA B 556 -29.01 34.10 35.05
CA ALA B 556 -29.84 33.07 34.43
C ALA B 556 -29.74 31.76 35.19
N ASP B 557 -30.69 30.86 34.91
CA ASP B 557 -30.80 29.61 35.65
C ASP B 557 -29.60 28.72 35.36
N ILE B 558 -28.73 28.57 36.35
CA ILE B 558 -27.63 27.63 36.26
C ILE B 558 -28.20 26.23 36.36
N GLU B 559 -27.37 25.22 36.12
CA GLU B 559 -27.69 23.80 36.22
C GLU B 559 -28.66 23.34 35.14
N ALA B 560 -29.10 24.24 34.25
CA ALA B 560 -29.97 23.84 33.16
C ALA B 560 -29.25 22.83 32.26
N LYS B 561 -29.99 21.82 31.81
CA LYS B 561 -29.40 20.71 31.08
C LYS B 561 -29.31 21.04 29.59
N PHE B 562 -28.13 20.87 29.03
CA PHE B 562 -27.90 21.05 27.60
C PHE B 562 -27.12 19.86 27.07
N ASP B 563 -27.34 19.55 25.79
CA ASP B 563 -26.80 18.34 25.17
C ASP B 563 -27.24 17.10 25.94
N ASN B 564 -28.45 17.14 26.49
CA ASN B 564 -28.97 16.15 27.43
C ASN B 564 -28.06 15.96 28.63
N ASP B 565 -27.12 16.86 28.83
CA ASP B 565 -26.17 16.82 29.93
C ASP B 565 -26.50 17.92 30.92
N ARG B 566 -26.31 17.63 32.21
CA ARG B 566 -26.44 18.67 33.21
C ARG B 566 -25.25 19.60 33.03
N SER B 567 -25.31 20.39 31.96
CA SER B 567 -24.11 20.92 31.35
C SER B 567 -23.50 22.08 32.15
N ALA B 568 -24.32 22.87 32.83
CA ALA B 568 -23.80 24.08 33.46
C ALA B 568 -22.73 23.76 34.49
N MET B 569 -23.12 23.08 35.56
CA MET B 569 -22.18 22.88 36.67
C MET B 569 -21.12 21.84 36.31
N HIS B 570 -21.52 20.77 35.63
CA HIS B 570 -20.54 19.77 35.22
C HIS B 570 -19.50 20.39 34.29
N ALA B 571 -19.95 21.20 33.34
CA ALA B 571 -19.03 21.81 32.38
C ALA B 571 -18.13 22.84 33.05
N VAL B 572 -18.68 23.64 33.96
CA VAL B 572 -17.82 24.61 34.63
C VAL B 572 -16.79 23.89 35.49
N ALA B 573 -17.17 22.75 36.09
CA ALA B 573 -16.20 21.95 36.81
C ALA B 573 -15.13 21.41 35.87
N TYR B 574 -15.54 20.97 34.69
CA TYR B 574 -14.61 20.46 33.71
C TYR B 574 -13.59 21.52 33.29
N ARG B 575 -14.08 22.70 32.89
CA ARG B 575 -13.19 23.77 32.46
C ARG B 575 -12.34 24.27 33.61
N GLY B 576 -12.95 24.49 34.77
CA GLY B 576 -12.23 25.05 35.89
C GLY B 576 -12.91 26.27 36.47
N ASN B 577 -12.14 27.10 37.16
CA ASN B 577 -12.68 28.25 37.91
C ASN B 577 -13.79 27.81 38.86
N ASN B 578 -13.68 26.59 39.37
CA ASN B 578 -14.65 26.12 40.35
C ASN B 578 -14.62 26.98 41.60
N LYS B 579 -13.54 27.74 41.82
CA LYS B 579 -13.52 28.68 42.92
C LYS B 579 -14.62 29.72 42.79
N ILE B 580 -14.70 30.39 41.63
CA ILE B 580 -15.69 31.44 41.46
C ILE B 580 -17.09 30.84 41.39
N ALA B 581 -17.24 29.72 40.68
CA ALA B 581 -18.56 29.08 40.58
C ALA B 581 -19.07 28.65 41.94
N LEU B 582 -18.19 28.08 42.77
CA LEU B 582 -18.59 27.71 44.12
C LEU B 582 -18.93 28.94 44.94
N ARG B 583 -18.02 29.92 45.00
CA ARG B 583 -18.22 31.06 45.86
C ARG B 583 -19.42 31.90 45.45
N PHE B 584 -19.89 31.76 44.22
CA PHE B 584 -21.09 32.48 43.79
C PHE B 584 -22.35 31.63 43.85
N LEU B 585 -22.24 30.32 43.68
CA LEU B 585 -23.40 29.44 43.57
C LEU B 585 -23.25 28.22 44.46
N LEU B 586 -22.89 28.43 45.72
CA LEU B 586 -22.84 27.35 46.71
C LEU B 586 -24.14 27.37 47.48
N LYS B 587 -25.14 26.68 46.93
CA LYS B 587 -26.47 26.65 47.54
C LYS B 587 -26.99 25.23 47.65
N ASN B 588 -26.55 24.35 46.75
CA ASN B 588 -27.07 22.97 46.69
C ASN B 588 -25.88 22.02 46.48
N GLN B 589 -25.36 21.48 47.58
CA GLN B 589 -24.26 20.52 47.47
C GLN B 589 -24.73 19.20 46.86
N SER B 590 -26.01 18.85 47.04
CA SER B 590 -26.53 17.64 46.41
C SER B 590 -26.45 17.75 44.90
N ILE B 591 -26.82 18.90 44.35
CA ILE B 591 -26.62 19.14 42.92
C ILE B 591 -25.14 19.02 42.58
N ASP B 592 -24.27 19.47 43.49
CA ASP B 592 -22.84 19.40 43.24
C ASP B 592 -22.37 17.95 43.15
N ILE B 593 -23.10 17.01 43.73
CA ILE B 593 -22.64 15.64 43.89
C ILE B 593 -23.45 14.66 43.04
N GLU B 594 -24.76 14.54 43.30
CA GLU B 594 -25.58 13.53 42.67
C GLU B 594 -26.34 14.03 41.45
N LEU B 595 -25.80 15.02 40.74
CA LEU B 595 -26.41 15.48 39.50
C LEU B 595 -25.84 14.67 38.35
N LYS B 596 -26.70 13.92 37.66
CA LYS B 596 -26.27 12.95 36.66
C LYS B 596 -26.88 13.28 35.31
N ASP B 597 -26.08 13.11 34.26
CA ASP B 597 -26.44 13.53 32.91
C ASP B 597 -27.21 12.43 32.19
N LYS B 598 -27.33 12.59 30.86
CA LYS B 598 -27.85 11.53 30.01
C LYS B 598 -27.12 10.22 30.26
N ASN B 599 -25.79 10.26 30.32
CA ASN B 599 -25.00 9.10 30.66
C ASN B 599 -25.03 8.79 32.16
N GLY B 600 -25.57 9.68 32.97
CA GLY B 600 -25.53 9.50 34.40
C GLY B 600 -24.16 9.78 34.96
N PHE B 601 -23.70 11.03 34.82
CA PHE B 601 -22.36 11.43 35.22
C PHE B 601 -22.42 12.48 36.30
N THR B 602 -21.68 12.26 37.37
CA THR B 602 -21.50 13.27 38.40
C THR B 602 -20.38 14.23 37.99
N PRO B 603 -20.37 15.44 38.55
CA PRO B 603 -19.24 16.33 38.24
C PRO B 603 -17.91 15.76 38.65
N LEU B 604 -17.90 14.92 39.69
CA LEU B 604 -16.68 14.22 40.07
C LEU B 604 -16.16 13.38 38.92
N HIS B 605 -17.03 12.58 38.30
CA HIS B 605 -16.63 11.83 37.12
C HIS B 605 -16.25 12.76 35.99
N ILE B 606 -16.92 13.91 35.89
CA ILE B 606 -16.62 14.88 34.83
C ILE B 606 -15.16 15.31 34.92
N ALA B 607 -14.72 15.66 36.12
CA ALA B 607 -13.35 16.13 36.31
C ALA B 607 -12.37 14.99 36.59
N ALA B 608 -12.83 13.75 36.64
CA ALA B 608 -11.95 12.64 36.98
C ALA B 608 -10.81 12.49 35.99
N GLU B 609 -11.13 12.42 34.70
CA GLU B 609 -10.11 12.32 33.66
C GLU B 609 -9.55 13.67 33.26
N ALA B 610 -10.05 14.76 33.84
CA ALA B 610 -9.67 16.11 33.44
C ALA B 610 -8.72 16.78 34.44
N GLY B 611 -8.52 16.19 35.61
CA GLY B 611 -7.46 16.64 36.51
C GLY B 611 -7.56 18.07 37.01
N GLN B 612 -8.74 18.46 37.50
CA GLN B 612 -8.91 19.78 38.11
C GLN B 612 -8.52 19.70 39.58
N ALA B 613 -7.22 19.47 39.79
CA ALA B 613 -6.71 19.13 41.13
C ALA B 613 -7.08 20.19 42.15
N GLY B 614 -6.80 21.47 41.84
CA GLY B 614 -7.21 22.52 42.74
C GLY B 614 -8.70 22.51 42.98
N PHE B 615 -9.47 22.31 41.92
CA PHE B 615 -10.92 22.20 42.08
C PHE B 615 -11.32 20.89 42.71
N VAL B 616 -10.44 19.88 42.70
CA VAL B 616 -10.66 18.69 43.51
C VAL B 616 -10.58 19.04 44.99
N LYS B 617 -9.58 19.84 45.38
CA LYS B 617 -9.60 20.39 46.75
C LYS B 617 -10.89 21.17 46.99
N LEU B 618 -11.27 22.02 46.04
CA LEU B 618 -12.47 22.83 46.21
C LEU B 618 -13.68 21.97 46.54
N LEU B 619 -13.89 20.92 45.75
CA LEU B 619 -15.05 20.05 45.99
C LEU B 619 -14.90 19.25 47.28
N ILE B 620 -13.69 18.77 47.57
CA ILE B 620 -13.54 17.95 48.76
C ILE B 620 -13.59 18.77 50.04
N ASN B 621 -13.45 20.09 49.93
CA ASN B 621 -13.62 20.95 51.10
C ASN B 621 -14.98 20.75 51.74
N HIS B 622 -16.02 20.75 50.91
CA HIS B 622 -17.34 20.33 51.34
C HIS B 622 -17.60 18.86 51.05
N GLY B 623 -16.61 18.15 50.51
CA GLY B 623 -16.73 16.73 50.31
C GLY B 623 -17.61 16.36 49.12
N ALA B 624 -17.66 15.07 48.84
CA ALA B 624 -18.48 14.52 47.77
C ALA B 624 -18.56 13.02 47.95
N ASP B 625 -19.43 12.38 47.17
CA ASP B 625 -19.57 10.93 47.21
C ASP B 625 -18.28 10.29 46.72
N VAL B 626 -17.54 9.67 47.64
CA VAL B 626 -16.26 9.08 47.25
C VAL B 626 -16.46 7.89 46.34
N ASN B 627 -17.50 7.09 46.57
CA ASN B 627 -17.73 5.88 45.80
C ASN B 627 -19.03 5.99 44.99
N ALA B 628 -19.24 7.14 44.36
CA ALA B 628 -20.38 7.31 43.48
C ALA B 628 -20.24 6.43 42.25
N LYS B 629 -21.34 5.83 41.82
CA LYS B 629 -21.35 4.93 40.68
C LYS B 629 -22.17 5.54 39.55
N THR B 630 -21.60 5.55 38.35
CA THR B 630 -22.33 6.03 37.19
C THR B 630 -23.51 5.10 36.89
N SER B 631 -24.51 5.67 36.22
CA SER B 631 -25.76 4.93 36.00
C SER B 631 -25.53 3.68 35.18
N LYS B 632 -24.77 3.79 34.10
CA LYS B 632 -24.51 2.68 33.20
C LYS B 632 -23.05 2.25 33.32
N THR B 633 -22.83 0.96 33.50
CA THR B 633 -21.52 0.40 33.81
C THR B 633 -20.94 1.10 35.04
N ASN B 634 -21.63 0.85 36.15
CA ASN B 634 -21.36 1.57 37.40
C ASN B 634 -19.88 1.58 37.73
N LEU B 635 -19.35 2.76 37.96
CA LEU B 635 -17.93 2.95 38.18
C LEU B 635 -17.72 4.12 39.12
N THR B 636 -16.67 4.03 39.93
CA THR B 636 -16.28 5.16 40.75
C THR B 636 -15.68 6.26 39.89
N PRO B 637 -15.87 7.53 40.25
CA PRO B 637 -15.10 8.58 39.58
C PRO B 637 -13.62 8.39 39.79
N LEU B 638 -13.25 7.73 40.88
CA LEU B 638 -11.86 7.33 41.08
C LEU B 638 -11.40 6.43 39.94
N HIS B 639 -12.18 5.38 39.64
CA HIS B 639 -11.82 4.49 38.54
C HIS B 639 -11.71 5.26 37.24
N LEU B 640 -12.59 6.25 37.03
CA LEU B 640 -12.49 7.09 35.85
C LEU B 640 -11.17 7.85 35.83
N ALA B 641 -10.72 8.35 36.97
CA ALA B 641 -9.48 9.10 37.05
C ALA B 641 -8.24 8.20 37.08
N THR B 642 -8.42 6.88 37.20
CA THR B 642 -7.28 5.99 37.37
C THR B 642 -6.35 6.02 36.17
N ARG B 643 -6.91 6.01 34.97
CA ARG B 643 -6.10 5.99 33.75
C ARG B 643 -5.65 7.36 33.31
N SER B 644 -6.07 8.42 34.01
CA SER B 644 -5.64 9.77 33.63
C SER B 644 -4.19 10.05 33.97
N GLY B 645 -3.55 9.22 34.79
CA GLY B 645 -2.17 9.46 35.15
C GLY B 645 -1.97 10.77 35.87
N PHE B 646 -2.94 11.20 36.68
CA PHE B 646 -2.87 12.47 37.38
C PHE B 646 -2.47 12.21 38.83
N SER B 647 -1.17 11.95 39.01
CA SER B 647 -0.65 11.82 40.36
C SER B 647 -0.86 13.09 41.17
N LYS B 648 -0.78 14.25 40.52
CA LYS B 648 -1.00 15.51 41.20
C LYS B 648 -2.45 15.71 41.63
N THR B 649 -3.36 14.87 41.16
CA THR B 649 -4.77 15.00 41.51
C THR B 649 -5.27 13.87 42.41
N VAL B 650 -4.75 12.66 42.22
CA VAL B 650 -5.27 11.49 42.93
C VAL B 650 -4.99 11.58 44.44
N ARG B 651 -3.95 12.32 44.83
CA ARG B 651 -3.59 12.37 46.24
C ARG B 651 -4.73 12.90 47.09
N ASN B 652 -5.58 13.74 46.51
CA ASN B 652 -6.66 14.36 47.29
C ASN B 652 -7.64 13.31 47.78
N LEU B 653 -8.14 12.49 46.87
CA LEU B 653 -8.96 11.35 47.28
C LEU B 653 -8.15 10.35 48.09
N LEU B 654 -6.84 10.28 47.86
CA LEU B 654 -6.00 9.38 48.61
C LEU B 654 -5.90 9.77 50.08
N GLU B 655 -6.10 11.04 50.40
CA GLU B 655 -5.88 11.54 51.75
C GLU B 655 -7.15 11.63 52.58
N SER B 656 -8.17 12.37 52.10
CA SER B 656 -9.23 12.82 52.99
C SER B 656 -10.08 11.67 53.52
N PRO B 657 -10.82 10.91 52.70
CA PRO B 657 -11.80 9.98 53.26
C PRO B 657 -11.31 8.57 53.49
N ASN B 658 -10.09 8.24 53.05
CA ASN B 658 -9.61 6.86 53.01
C ASN B 658 -10.63 5.97 52.31
N ILE B 659 -10.84 6.27 51.03
CA ILE B 659 -11.82 5.55 50.23
C ILE B 659 -11.48 4.06 50.16
N LYS B 660 -12.48 3.26 49.79
CA LYS B 660 -12.29 1.83 49.65
C LYS B 660 -11.35 1.54 48.49
N VAL B 661 -10.10 1.19 48.80
CA VAL B 661 -9.12 0.87 47.78
C VAL B 661 -9.49 -0.43 47.08
N ASN B 662 -10.17 -1.34 47.79
CA ASN B 662 -10.53 -2.64 47.27
C ASN B 662 -11.85 -2.63 46.52
N GLU B 663 -12.32 -1.46 46.10
CA GLU B 663 -13.62 -1.38 45.42
C GLU B 663 -13.58 -2.15 44.11
N LYS B 664 -14.68 -2.85 43.82
CA LYS B 664 -14.80 -3.60 42.57
C LYS B 664 -16.03 -3.12 41.83
N GLU B 665 -15.84 -2.79 40.54
CA GLU B 665 -16.92 -2.24 39.74
C GLU B 665 -17.83 -3.37 39.28
N ASP B 666 -18.72 -3.08 38.33
CA ASP B 666 -19.62 -4.09 37.76
C ASP B 666 -18.87 -5.28 37.16
N ASP B 667 -17.54 -5.21 37.06
CA ASP B 667 -16.76 -6.26 36.42
C ASP B 667 -15.59 -6.75 37.24
N GLY B 668 -15.46 -6.30 38.49
CA GLY B 668 -14.41 -6.81 39.37
C GLY B 668 -13.00 -6.48 38.96
N PHE B 669 -12.74 -5.23 38.56
CA PHE B 669 -11.39 -4.75 38.30
C PHE B 669 -11.07 -3.67 39.33
N THR B 670 -9.97 -3.84 40.05
CA THR B 670 -9.65 -2.95 41.15
C THR B 670 -9.32 -1.56 40.63
N PRO B 671 -9.44 -0.55 41.49
CA PRO B 671 -8.84 0.75 41.14
C PRO B 671 -7.37 0.64 40.87
N LEU B 672 -6.69 -0.26 41.58
CA LEU B 672 -5.31 -0.56 41.22
C LEU B 672 -5.22 -1.11 39.80
N HIS B 673 -6.11 -2.04 39.45
CA HIS B 673 -6.13 -2.59 38.10
C HIS B 673 -6.29 -1.48 37.06
N THR B 674 -7.31 -0.64 37.24
CA THR B 674 -7.53 0.47 36.33
C THR B 674 -6.45 1.53 36.41
N ALA B 675 -5.60 1.49 37.44
CA ALA B 675 -4.48 2.41 37.55
C ALA B 675 -3.23 1.89 36.86
N VAL B 676 -3.11 0.57 36.68
CA VAL B 676 -1.97 0.01 35.96
C VAL B 676 -1.86 0.58 34.56
N MET B 677 -2.96 1.11 34.01
CA MET B 677 -2.92 1.65 32.66
C MET B 677 -1.95 2.81 32.55
N SER B 678 -1.98 3.73 33.51
CA SER B 678 -1.13 4.91 33.44
C SER B 678 0.34 4.58 33.67
N THR B 679 0.61 3.58 34.52
CA THR B 679 1.95 3.14 34.88
C THR B 679 2.79 4.26 35.51
N TYR B 680 2.18 5.40 35.82
CA TYR B 680 2.92 6.57 36.26
C TYR B 680 3.25 6.43 37.74
N MET B 681 3.71 7.53 38.35
CA MET B 681 3.96 7.53 39.78
C MET B 681 2.68 7.46 40.59
N VAL B 682 1.52 7.54 39.95
CA VAL B 682 0.25 7.38 40.66
C VAL B 682 0.16 5.99 41.29
N VAL B 683 0.52 4.95 40.54
CA VAL B 683 0.50 3.60 41.12
C VAL B 683 1.52 3.50 42.23
N ASP B 684 2.69 4.12 42.05
CA ASP B 684 3.74 4.07 43.06
C ASP B 684 3.26 4.71 44.36
N ALA B 685 2.56 5.84 44.27
CA ALA B 685 1.97 6.44 45.46
C ALA B 685 0.91 5.52 46.06
N LEU B 686 0.13 4.86 45.21
CA LEU B 686 -0.92 3.99 45.71
C LEU B 686 -0.38 2.67 46.26
N LEU B 687 0.83 2.26 45.85
CA LEU B 687 1.32 0.93 46.17
C LEU B 687 1.23 0.60 47.66
N ASN B 688 1.76 1.48 48.50
CA ASN B 688 1.96 1.14 49.90
C ASN B 688 1.51 2.21 50.88
N HIS B 689 1.34 3.46 50.47
CA HIS B 689 1.00 4.51 51.42
C HIS B 689 -0.31 4.27 52.14
N PRO B 690 -1.43 3.94 51.48
CA PRO B 690 -2.65 3.62 52.23
C PRO B 690 -2.72 2.14 52.59
N ASP B 691 -3.81 1.74 53.22
CA ASP B 691 -4.04 0.34 53.58
C ASP B 691 -4.70 -0.33 52.38
N ILE B 692 -3.89 -0.99 51.56
CA ILE B 692 -4.28 -1.41 50.21
C ILE B 692 -4.39 -2.93 50.15
N ASP B 693 -5.31 -3.39 49.30
CA ASP B 693 -5.34 -4.79 48.89
C ASP B 693 -4.18 -5.04 47.93
N LYS B 694 -3.01 -5.37 48.48
CA LYS B 694 -1.81 -5.51 47.65
C LYS B 694 -1.99 -6.59 46.59
N ASN B 695 -2.91 -7.52 46.81
CA ASN B 695 -3.27 -8.50 45.80
C ASN B 695 -4.77 -8.72 45.86
N ALA B 696 -5.32 -9.19 44.74
CA ALA B 696 -6.74 -9.44 44.62
C ALA B 696 -6.96 -10.48 43.54
N GLN B 697 -8.20 -10.60 43.09
CA GLN B 697 -8.54 -11.57 42.04
C GLN B 697 -9.64 -10.97 41.18
N SER B 698 -9.39 -10.87 39.88
CA SER B 698 -10.33 -10.22 38.97
C SER B 698 -11.49 -11.17 38.66
N THR B 699 -12.35 -10.77 37.73
CA THR B 699 -13.47 -11.61 37.33
C THR B 699 -12.98 -12.94 36.78
N SER B 700 -11.94 -12.91 35.95
CA SER B 700 -11.32 -14.12 35.44
C SER B 700 -10.07 -14.48 36.22
N GLY B 701 -9.89 -13.93 37.41
CA GLY B 701 -8.72 -14.22 38.21
C GLY B 701 -7.47 -13.56 37.69
N LEU B 702 -7.43 -12.23 37.74
CA LEU B 702 -6.31 -11.46 37.22
C LEU B 702 -5.87 -10.44 38.26
N THR B 703 -4.68 -10.65 38.82
CA THR B 703 -4.08 -9.67 39.71
C THR B 703 -3.59 -8.48 38.92
N PRO B 704 -3.38 -7.33 39.57
CA PRO B 704 -2.67 -6.24 38.88
C PRO B 704 -1.29 -6.65 38.45
N PHE B 705 -0.69 -7.66 39.10
CA PHE B 705 0.56 -8.21 38.62
C PHE B 705 0.39 -8.83 37.23
N HIS B 706 -0.76 -9.45 36.97
CA HIS B 706 -1.05 -9.97 35.64
C HIS B 706 -0.97 -8.87 34.59
N LEU B 707 -1.64 -7.74 34.85
CA LEU B 707 -1.60 -6.63 33.92
C LEU B 707 -0.18 -6.11 33.76
N ALA B 708 0.53 -5.92 34.86
CA ALA B 708 1.89 -5.43 34.79
C ALA B 708 2.75 -6.32 33.91
N ILE B 709 2.55 -7.63 33.99
CA ILE B 709 3.23 -8.53 33.07
C ILE B 709 2.77 -8.28 31.65
N ILE B 710 1.46 -8.11 31.45
CA ILE B 710 0.91 -7.99 30.10
C ILE B 710 1.01 -6.56 29.59
N ASN B 711 0.77 -5.55 30.43
CA ASN B 711 0.88 -4.17 29.99
C ASN B 711 2.31 -3.78 29.67
N GLU B 712 3.29 -4.61 30.01
CA GLU B 712 4.70 -4.43 29.65
C GLU B 712 5.32 -3.20 30.28
N SER B 713 4.77 -2.70 31.38
CA SER B 713 5.35 -1.58 32.12
C SER B 713 6.35 -2.13 33.12
N GLN B 714 7.62 -2.14 32.74
CA GLN B 714 8.62 -2.83 33.56
C GLN B 714 8.88 -2.09 34.86
N GLU B 715 8.84 -0.75 34.84
CA GLU B 715 9.07 0.00 36.08
C GLU B 715 8.00 -0.33 37.12
N VAL B 716 6.75 -0.44 36.69
CA VAL B 716 5.68 -0.75 37.62
C VAL B 716 5.81 -2.17 38.14
N ALA B 717 6.25 -3.10 37.28
CA ALA B 717 6.49 -4.46 37.73
C ALA B 717 7.57 -4.49 38.80
N GLU B 718 8.66 -3.75 38.58
CA GLU B 718 9.73 -3.70 39.58
C GLU B 718 9.26 -3.06 40.87
N SER B 719 8.47 -1.99 40.77
CA SER B 719 7.94 -1.34 41.97
C SER B 719 7.04 -2.29 42.75
N LEU B 720 6.20 -3.05 42.05
CA LEU B 720 5.35 -4.04 42.70
C LEU B 720 6.18 -5.11 43.38
N VAL B 721 7.25 -5.57 42.71
CA VAL B 721 8.15 -6.53 43.32
C VAL B 721 8.75 -5.96 44.60
N GLU B 722 9.11 -4.68 44.57
CA GLU B 722 9.62 -4.02 45.77
C GLU B 722 8.57 -4.04 46.87
N SER B 723 7.33 -3.70 46.53
CA SER B 723 6.29 -3.60 47.54
C SER B 723 6.01 -4.94 48.20
N ASN B 724 5.89 -5.99 47.39
CA ASN B 724 5.52 -7.31 47.90
C ASN B 724 6.15 -8.39 47.02
N ALA B 725 6.19 -9.60 47.56
CA ALA B 725 6.64 -10.74 46.79
C ALA B 725 5.58 -11.15 45.77
N ASP B 726 6.00 -11.90 44.76
CA ASP B 726 5.12 -12.32 43.68
C ASP B 726 4.09 -13.31 44.22
N LEU B 727 2.86 -12.86 44.39
CA LEU B 727 1.76 -13.75 44.74
C LEU B 727 1.24 -14.38 43.45
N ASN B 728 1.98 -15.39 42.99
CA ASN B 728 1.73 -16.01 41.69
C ASN B 728 0.51 -16.93 41.74
N ILE B 729 -0.64 -16.32 42.07
CA ILE B 729 -1.90 -17.07 42.07
C ILE B 729 -2.37 -17.27 40.63
N GLN B 730 -2.80 -18.49 40.33
CA GLN B 730 -3.24 -18.83 38.98
C GLN B 730 -4.64 -18.30 38.73
N ASP B 731 -4.98 -18.19 37.45
CA ASP B 731 -6.26 -17.61 37.03
C ASP B 731 -7.36 -18.64 37.17
N VAL B 732 -8.54 -18.34 36.59
CA VAL B 732 -9.66 -19.26 36.68
C VAL B 732 -9.34 -20.57 35.99
N ASN B 733 -8.62 -20.52 34.87
CA ASN B 733 -8.22 -21.73 34.17
C ASN B 733 -6.83 -22.21 34.57
N HIS B 734 -6.34 -21.76 35.72
CA HIS B 734 -5.09 -22.26 36.32
C HIS B 734 -3.87 -21.86 35.48
N MET B 735 -3.74 -20.57 35.20
CA MET B 735 -2.50 -20.02 34.65
C MET B 735 -2.00 -18.89 35.53
N ALA B 736 -0.72 -18.96 35.90
CA ALA B 736 -0.03 -17.87 36.55
C ALA B 736 0.52 -16.90 35.50
N PRO B 737 0.81 -15.65 35.89
CA PRO B 737 1.34 -14.69 34.91
C PRO B 737 2.65 -15.12 34.27
N ILE B 738 3.26 -16.21 34.75
CA ILE B 738 4.51 -16.68 34.15
C ILE B 738 4.28 -17.15 32.72
N HIS B 739 3.18 -17.87 32.48
CA HIS B 739 2.97 -18.50 31.19
C HIS B 739 2.63 -17.50 30.10
N PHE B 740 2.14 -16.31 30.45
CA PHE B 740 1.81 -15.32 29.42
C PHE B 740 3.06 -14.90 28.65
N ALA B 741 4.18 -14.73 29.33
CA ALA B 741 5.41 -14.32 28.66
C ALA B 741 5.85 -15.36 27.64
N ALA B 742 5.76 -16.64 28.00
CA ALA B 742 6.05 -17.69 27.03
C ALA B 742 5.02 -17.71 25.92
N SER B 743 3.77 -17.33 26.23
CA SER B 743 2.74 -17.33 25.20
C SER B 743 2.96 -16.25 24.15
N MET B 744 3.41 -15.06 24.55
CA MET B 744 3.59 -13.96 23.62
C MET B 744 5.06 -13.58 23.39
N GLY B 745 6.00 -14.36 23.90
CA GLY B 745 7.40 -14.05 23.70
C GLY B 745 7.83 -12.74 24.31
N SER B 746 7.41 -12.49 25.55
CA SER B 746 7.74 -11.26 26.26
C SER B 746 9.22 -11.31 26.67
N ILE B 747 10.08 -11.07 25.69
CA ILE B 747 11.51 -11.34 25.84
C ILE B 747 12.11 -10.46 26.94
N LYS B 748 11.76 -9.17 26.95
CA LYS B 748 12.35 -8.26 27.93
C LYS B 748 11.90 -8.60 29.35
N MET B 749 10.59 -8.76 29.56
CA MET B 749 10.13 -9.19 30.88
C MET B 749 10.57 -10.63 31.18
N LEU B 750 10.74 -11.46 30.16
CA LEU B 750 11.30 -12.80 30.42
C LEU B 750 12.69 -12.68 31.03
N ARG B 751 13.53 -11.83 30.44
CA ARG B 751 14.86 -11.60 30.99
C ARG B 751 14.79 -11.01 32.39
N TYR B 752 13.88 -10.06 32.60
CA TYR B 752 13.76 -9.44 33.92
C TYR B 752 13.34 -10.45 34.97
N LEU B 753 12.37 -11.30 34.64
CA LEU B 753 11.90 -12.30 35.61
C LEU B 753 12.97 -13.36 35.86
N ILE B 754 13.78 -13.70 34.86
CA ILE B 754 14.94 -14.54 35.14
C ILE B 754 15.88 -13.82 36.08
N SER B 755 16.09 -12.51 35.85
CA SER B 755 16.94 -11.71 36.72
C SER B 755 16.40 -11.64 38.14
N ILE B 756 15.11 -11.88 38.33
CA ILE B 756 14.57 -11.98 39.69
C ILE B 756 15.27 -13.09 40.45
N LYS B 757 15.57 -14.21 39.76
CA LYS B 757 16.33 -15.34 40.29
C LYS B 757 15.49 -16.12 41.30
N ASP B 758 14.36 -15.56 41.69
CA ASP B 758 13.42 -16.20 42.59
C ASP B 758 12.14 -16.48 41.82
N LYS B 759 11.14 -17.04 42.51
CA LYS B 759 9.87 -17.40 41.90
C LYS B 759 10.11 -18.32 40.70
N VAL B 760 10.56 -19.53 41.02
CA VAL B 760 11.08 -20.48 40.04
C VAL B 760 9.91 -21.16 39.36
N SER B 761 8.70 -20.63 39.59
CA SER B 761 7.50 -21.14 38.95
C SER B 761 7.60 -21.16 37.42
N ILE B 762 8.64 -20.55 36.85
CA ILE B 762 8.95 -20.76 35.44
C ILE B 762 9.15 -22.23 35.14
N ASN B 763 9.53 -23.03 36.14
CA ASN B 763 9.61 -24.47 36.03
C ASN B 763 8.48 -25.17 36.79
N SER B 764 7.47 -24.41 37.21
CA SER B 764 6.32 -25.01 37.86
C SER B 764 5.37 -25.57 36.80
N VAL B 765 4.18 -25.97 37.23
CA VAL B 765 3.22 -26.64 36.36
C VAL B 765 1.86 -25.99 36.53
N THR B 766 1.04 -26.12 35.49
CA THR B 766 -0.36 -25.68 35.58
C THR B 766 -1.10 -26.61 36.52
N GLU B 767 -1.78 -26.04 37.51
CA GLU B 767 -2.58 -26.87 38.41
C GLU B 767 -3.66 -27.61 37.65
N ASN B 768 -4.10 -27.07 36.52
CA ASN B 768 -5.09 -27.75 35.69
C ASN B 768 -4.54 -29.08 35.18
N ASN B 769 -3.48 -29.04 34.37
CA ASN B 769 -3.01 -30.26 33.73
C ASN B 769 -1.48 -30.38 33.71
N ASN B 770 -0.79 -29.76 34.66
CA ASN B 770 0.65 -29.93 34.84
C ASN B 770 1.44 -29.52 33.59
N TRP B 771 1.32 -28.25 33.22
CA TRP B 771 2.04 -27.70 32.09
C TRP B 771 2.96 -26.58 32.53
N THR B 772 4.17 -26.58 31.99
CA THR B 772 5.09 -25.47 32.15
C THR B 772 4.84 -24.42 31.07
N PRO B 773 5.26 -23.17 31.28
CA PRO B 773 5.14 -22.18 30.21
C PRO B 773 5.83 -22.59 28.93
N LEU B 774 6.88 -23.41 29.04
CA LEU B 774 7.58 -23.91 27.86
C LEU B 774 6.62 -24.62 26.92
N HIS B 775 5.67 -25.38 27.47
CA HIS B 775 4.72 -26.08 26.62
C HIS B 775 3.90 -25.11 25.79
N PHE B 776 3.38 -24.04 26.42
CA PHE B 776 2.60 -23.05 25.67
C PHE B 776 3.46 -22.34 24.65
N ALA B 777 4.69 -21.99 25.02
CA ALA B 777 5.58 -21.32 24.08
C ALA B 777 5.81 -22.16 22.84
N ILE B 778 6.05 -23.46 23.03
CA ILE B 778 6.21 -24.34 21.88
C ILE B 778 4.91 -24.48 21.12
N TYR B 779 3.79 -24.47 21.83
CA TYR B 779 2.50 -24.74 21.22
C TYR B 779 1.91 -23.54 20.50
N PHE B 780 2.47 -22.36 20.69
CA PHE B 780 1.99 -21.17 19.99
C PHE B 780 2.91 -20.73 18.86
N LYS B 781 3.97 -21.48 18.58
CA LYS B 781 4.97 -21.23 17.56
C LYS B 781 5.84 -20.01 17.87
N LYS B 782 5.59 -19.29 18.95
CA LYS B 782 6.45 -18.19 19.38
C LYS B 782 7.69 -18.80 20.02
N GLU B 783 8.68 -19.09 19.18
CA GLU B 783 9.79 -19.97 19.54
C GLU B 783 11.10 -19.20 19.76
N ASP B 784 11.01 -18.02 20.37
CA ASP B 784 12.17 -17.24 20.77
C ASP B 784 12.34 -17.20 22.28
N ALA B 785 11.27 -16.85 23.01
CA ALA B 785 11.31 -16.92 24.46
C ALA B 785 11.65 -18.33 24.93
N ALA B 786 11.29 -19.35 24.14
CA ALA B 786 11.68 -20.72 24.47
C ALA B 786 13.18 -20.90 24.43
N LYS B 787 13.82 -20.38 23.38
CA LYS B 787 15.28 -20.44 23.32
C LYS B 787 15.91 -19.68 24.48
N GLU B 788 15.36 -18.51 24.79
CA GLU B 788 15.86 -17.75 25.93
C GLU B 788 15.78 -18.57 27.21
N LEU B 789 14.62 -19.16 27.48
CA LEU B 789 14.45 -19.95 28.70
C LEU B 789 15.40 -21.13 28.73
N LEU B 790 15.61 -21.77 27.58
CA LEU B 790 16.56 -22.88 27.52
C LEU B 790 17.96 -22.39 27.88
N LYS B 791 18.35 -21.22 27.39
CA LYS B 791 19.67 -20.69 27.69
C LYS B 791 19.79 -20.11 29.09
N GLN B 792 18.72 -20.17 29.89
CA GLN B 792 18.77 -19.55 31.21
C GLN B 792 19.61 -20.37 32.19
N ASP B 793 19.18 -21.60 32.45
CA ASP B 793 19.80 -22.40 33.50
C ASP B 793 19.49 -23.87 33.23
N ASP B 794 19.73 -24.71 34.24
CA ASP B 794 19.41 -26.14 34.15
C ASP B 794 17.90 -26.34 34.27
N ILE B 795 17.22 -26.33 33.12
CA ILE B 795 15.77 -26.44 33.12
C ILE B 795 15.36 -27.89 33.27
N ASN B 796 14.28 -28.11 34.02
CA ASN B 796 13.75 -29.45 34.26
C ASN B 796 12.80 -29.82 33.13
N LEU B 797 13.22 -30.76 32.27
CA LEU B 797 12.41 -31.22 31.15
C LEU B 797 11.65 -32.49 31.48
N THR B 798 11.70 -32.96 32.73
CA THR B 798 11.03 -34.18 33.13
C THR B 798 9.57 -33.96 33.50
N ILE B 799 9.05 -32.75 33.28
CA ILE B 799 7.66 -32.47 33.63
C ILE B 799 6.73 -33.34 32.80
N VAL B 800 5.76 -33.95 33.45
CA VAL B 800 4.79 -34.83 32.80
C VAL B 800 3.40 -34.24 33.00
N ALA B 801 2.61 -34.25 31.93
CA ALA B 801 1.28 -33.68 31.91
C ALA B 801 0.27 -34.76 31.51
N ASP B 802 -0.95 -34.31 31.19
CA ASP B 802 -2.00 -35.20 30.73
C ASP B 802 -1.53 -36.01 29.53
N GLY B 803 -1.45 -37.33 29.72
CA GLY B 803 -1.02 -38.23 28.67
C GLY B 803 0.43 -38.63 28.71
N ASN B 804 1.18 -38.22 29.74
CA ASN B 804 2.60 -38.53 29.87
C ASN B 804 3.39 -38.06 28.65
N LEU B 805 2.97 -36.93 28.08
CA LEU B 805 3.61 -36.38 26.89
C LEU B 805 4.74 -35.45 27.32
N THR B 806 5.97 -35.84 27.01
CA THR B 806 7.09 -34.95 27.27
C THR B 806 6.98 -33.72 26.38
N VAL B 807 7.53 -32.61 26.88
CA VAL B 807 7.55 -31.39 26.09
C VAL B 807 8.30 -31.62 24.78
N LEU B 808 9.19 -32.60 24.76
CA LEU B 808 9.83 -33.02 23.51
C LEU B 808 8.80 -33.54 22.52
N HIS B 809 7.84 -34.34 22.99
CA HIS B 809 6.80 -34.83 22.09
C HIS B 809 5.94 -33.68 21.56
N LEU B 810 5.64 -32.71 22.43
CA LEU B 810 4.88 -31.55 21.98
C LEU B 810 5.64 -30.78 20.91
N ALA B 811 6.95 -30.61 21.11
CA ALA B 811 7.77 -29.95 20.10
C ALA B 811 7.79 -30.74 18.80
N VAL B 812 7.89 -32.05 18.91
CA VAL B 812 7.89 -32.90 17.71
C VAL B 812 6.60 -32.71 16.94
N SER B 813 5.47 -32.65 17.64
CA SER B 813 4.20 -32.37 16.99
C SER B 813 4.21 -31.00 16.31
N THR B 814 4.72 -29.99 17.02
CA THR B 814 4.73 -28.64 16.45
C THR B 814 5.64 -28.55 15.24
N GLY B 815 6.83 -29.15 15.31
CA GLY B 815 7.74 -29.16 14.18
C GLY B 815 8.72 -28.01 14.12
N GLN B 816 9.49 -27.81 15.19
CA GLN B 816 10.48 -26.74 15.26
C GLN B 816 11.86 -27.35 15.52
N ILE B 817 12.64 -27.47 14.45
CA ILE B 817 13.92 -28.19 14.53
C ILE B 817 14.94 -27.42 15.36
N ASN B 818 14.85 -26.08 15.39
CA ASN B 818 15.86 -25.29 16.09
C ASN B 818 15.91 -25.63 17.57
N ILE B 819 14.80 -25.41 18.29
CA ILE B 819 14.76 -25.78 19.70
C ILE B 819 14.92 -27.28 19.87
N ILE B 820 14.55 -28.07 18.85
CA ILE B 820 14.77 -29.52 18.92
C ILE B 820 16.25 -29.81 19.14
N LYS B 821 17.09 -29.37 18.21
CA LYS B 821 18.52 -29.63 18.35
C LYS B 821 19.11 -28.86 19.53
N GLU B 822 18.49 -27.74 19.90
CA GLU B 822 18.94 -27.00 21.08
C GLU B 822 18.79 -27.84 22.34
N LEU B 823 17.63 -28.49 22.49
CA LEU B 823 17.43 -29.42 23.60
C LEU B 823 18.35 -30.62 23.47
N LEU B 824 18.54 -31.11 22.25
CA LEU B 824 19.47 -32.22 22.04
C LEU B 824 20.86 -31.87 22.56
N LYS B 825 21.29 -30.63 22.36
CA LYS B 825 22.55 -30.19 22.94
C LYS B 825 22.49 -30.19 24.46
N ARG B 826 21.36 -29.79 25.02
CA ARG B 826 21.18 -29.83 26.46
C ARG B 826 20.91 -31.25 26.97
N GLY B 827 21.09 -32.27 26.13
CA GLY B 827 20.95 -33.64 26.56
C GLY B 827 19.55 -34.03 26.99
N SER B 828 18.54 -33.57 26.27
CA SER B 828 17.16 -33.94 26.60
C SER B 828 16.94 -35.43 26.35
N ASN B 829 16.19 -36.06 27.26
CA ASN B 829 15.88 -37.48 27.11
C ASN B 829 15.03 -37.70 25.87
N ILE B 830 15.57 -38.43 24.90
CA ILE B 830 14.89 -38.59 23.61
C ILE B 830 13.63 -39.43 23.77
N GLU B 831 13.72 -40.54 24.47
CA GLU B 831 12.66 -41.55 24.47
C GLU B 831 12.12 -41.72 25.88
N GLU B 832 10.90 -41.22 26.11
CA GLU B 832 10.10 -41.56 27.27
C GLU B 832 8.70 -41.87 26.77
N LYS B 833 8.32 -43.15 26.82
CA LYS B 833 7.04 -43.56 26.24
C LYS B 833 5.89 -42.92 26.98
N THR B 834 4.90 -42.43 26.24
CA THR B 834 3.77 -41.72 26.81
C THR B 834 2.63 -42.67 27.08
N GLY B 835 1.79 -42.30 28.05
CA GLY B 835 0.63 -43.11 28.37
C GLY B 835 -0.46 -43.06 27.33
N GLU B 836 -0.40 -42.11 26.41
CA GLU B 836 -1.37 -42.05 25.32
C GLU B 836 -1.24 -43.23 24.37
N GLY B 837 -0.14 -43.98 24.46
CA GLY B 837 0.14 -45.05 23.54
C GLY B 837 1.04 -44.66 22.39
N TYR B 838 1.31 -43.37 22.22
CA TYR B 838 2.10 -42.90 21.10
C TYR B 838 3.56 -42.74 21.51
N THR B 839 4.42 -42.62 20.50
CA THR B 839 5.82 -42.25 20.69
C THR B 839 6.15 -41.11 19.75
N SER B 840 7.20 -40.36 20.11
CA SER B 840 7.66 -39.29 19.24
C SER B 840 7.96 -39.79 17.83
N LEU B 841 8.39 -41.05 17.72
CA LEU B 841 8.59 -41.64 16.41
C LEU B 841 7.29 -41.69 15.62
N HIS B 842 6.19 -42.07 16.28
CA HIS B 842 4.89 -42.07 15.61
C HIS B 842 4.47 -40.65 15.24
N ILE B 843 4.74 -39.68 16.11
CA ILE B 843 4.40 -38.30 15.82
C ILE B 843 5.13 -37.83 14.57
N ALA B 844 6.43 -38.16 14.48
CA ALA B 844 7.18 -37.84 13.27
C ALA B 844 6.61 -38.57 12.07
N ALA B 845 6.22 -39.84 12.25
CA ALA B 845 5.60 -40.58 11.17
C ALA B 845 4.33 -39.91 10.68
N MET B 846 3.66 -39.17 11.55
CA MET B 846 2.48 -38.43 11.15
C MET B 846 2.74 -36.95 10.93
N ARG B 847 3.85 -36.43 11.44
CA ARG B 847 4.26 -35.08 11.11
C ARG B 847 4.39 -34.93 9.60
N LYS B 848 3.78 -33.89 9.05
CA LYS B 848 3.85 -33.68 7.61
C LYS B 848 5.23 -33.23 7.17
N GLU B 849 6.12 -32.90 8.12
CA GLU B 849 7.50 -32.53 7.85
C GLU B 849 8.37 -33.78 8.00
N PRO B 850 8.69 -34.48 6.91
CA PRO B 850 9.43 -35.75 7.05
C PRO B 850 10.87 -35.57 7.51
N GLU B 851 11.36 -34.33 7.62
CA GLU B 851 12.75 -34.12 8.03
C GLU B 851 12.97 -34.44 9.50
N ILE B 852 11.96 -34.22 10.34
CA ILE B 852 12.14 -34.37 11.78
C ILE B 852 12.43 -35.82 12.16
N ALA B 853 11.83 -36.78 11.45
CA ALA B 853 12.11 -38.19 11.73
C ALA B 853 13.58 -38.50 11.50
N VAL B 854 14.12 -38.05 10.36
CA VAL B 854 15.55 -38.22 10.11
C VAL B 854 16.36 -37.50 11.17
N VAL B 855 15.92 -36.30 11.55
CA VAL B 855 16.63 -35.51 12.56
C VAL B 855 16.80 -36.33 13.84
N LEU B 856 15.71 -36.94 14.30
CA LEU B 856 15.80 -37.84 15.44
C LEU B 856 16.65 -39.07 15.11
N ILE B 857 16.72 -39.44 13.83
CA ILE B 857 17.52 -40.60 13.46
C ILE B 857 18.99 -40.36 13.75
N GLU B 858 19.53 -39.20 13.35
CA GLU B 858 20.95 -38.97 13.71
C GLU B 858 21.09 -38.76 15.21
N ASN B 859 20.03 -38.29 15.88
CA ASN B 859 20.09 -38.20 17.32
C ASN B 859 20.14 -39.56 17.99
N GLY B 860 19.90 -40.64 17.24
CA GLY B 860 19.93 -41.96 17.82
C GLY B 860 18.61 -42.44 18.39
N ALA B 861 17.51 -41.80 18.04
CA ALA B 861 16.21 -42.26 18.51
C ALA B 861 15.94 -43.68 18.01
N ASP B 862 15.54 -44.56 18.91
CA ASP B 862 15.34 -45.96 18.57
C ASP B 862 14.22 -46.09 17.54
N ILE B 863 14.49 -46.85 16.48
CA ILE B 863 13.45 -47.13 15.49
C ILE B 863 12.34 -47.96 16.11
N GLU B 864 12.66 -48.71 17.17
CA GLU B 864 11.67 -49.51 17.87
C GLU B 864 10.95 -48.71 18.96
N ALA B 865 10.93 -47.38 18.86
CA ALA B 865 10.12 -46.57 19.73
C ALA B 865 8.66 -46.75 19.34
N ARG B 866 8.11 -47.90 19.69
CA ARG B 866 6.78 -48.31 19.27
C ARG B 866 5.78 -48.13 20.40
N SER B 867 4.51 -48.32 20.06
CA SER B 867 3.45 -48.25 21.06
C SER B 867 3.54 -49.42 22.02
N ALA B 868 2.87 -49.29 23.16
CA ALA B 868 2.69 -50.44 24.04
C ALA B 868 1.92 -51.54 23.33
N ASP B 869 1.04 -51.17 22.42
CA ASP B 869 0.31 -52.07 21.53
C ASP B 869 1.19 -52.62 20.41
N ASN B 870 2.49 -52.31 20.47
CA ASN B 870 3.46 -52.69 19.46
C ASN B 870 3.18 -52.07 18.10
N LEU B 871 2.34 -51.03 18.06
CA LEU B 871 2.08 -50.29 16.84
C LEU B 871 3.32 -49.51 16.48
N THR B 872 4.13 -50.04 15.56
CA THR B 872 5.29 -49.32 15.10
C THR B 872 4.84 -48.12 14.28
N PRO B 873 5.67 -47.07 14.20
CA PRO B 873 5.35 -45.95 13.31
C PRO B 873 5.19 -46.35 11.86
N LEU B 874 5.63 -47.54 11.47
CA LEU B 874 5.30 -48.07 10.15
C LEU B 874 3.78 -48.21 9.99
N HIS B 875 3.13 -48.78 11.00
CA HIS B 875 1.67 -48.89 10.96
C HIS B 875 1.02 -47.51 10.95
N SER B 876 1.56 -46.58 11.73
CA SER B 876 1.07 -45.21 11.71
C SER B 876 1.13 -44.65 10.29
N ALA B 877 2.31 -44.72 9.67
CA ALA B 877 2.48 -44.17 8.33
C ALA B 877 1.59 -44.86 7.32
N ALA B 878 1.37 -46.16 7.50
CA ALA B 878 0.42 -46.87 6.65
C ALA B 878 -0.97 -46.27 6.79
N LYS B 879 -1.35 -45.91 8.01
CA LYS B 879 -2.61 -45.19 8.21
C LYS B 879 -2.57 -43.81 7.55
N ILE B 880 -1.43 -43.13 7.59
CA ILE B 880 -1.33 -41.74 7.16
C ILE B 880 -1.24 -41.63 5.64
N GLY B 881 -0.42 -42.47 5.02
CA GLY B 881 -0.11 -42.32 3.61
C GLY B 881 1.10 -41.48 3.31
N ARG B 882 1.83 -41.03 4.34
CA ARG B 882 3.06 -40.28 4.10
C ARG B 882 4.15 -41.22 3.61
N LYS B 883 4.22 -41.38 2.28
CA LYS B 883 5.08 -42.39 1.69
C LYS B 883 6.55 -42.06 1.86
N SER B 884 6.91 -40.78 1.90
CA SER B 884 8.32 -40.40 2.02
C SER B 884 8.92 -40.92 3.32
N THR B 885 8.21 -40.71 4.44
CA THR B 885 8.69 -41.22 5.71
C THR B 885 8.69 -42.74 5.74
N VAL B 886 7.72 -43.35 5.06
CA VAL B 886 7.73 -44.81 4.89
C VAL B 886 9.06 -45.24 4.30
N LEU B 887 9.39 -44.72 3.13
CA LEU B 887 10.63 -45.12 2.48
C LEU B 887 11.85 -44.80 3.34
N TYR B 888 11.79 -43.68 4.07
CA TYR B 888 12.82 -43.38 5.06
C TYR B 888 13.05 -44.57 5.98
N LEU B 889 12.00 -44.99 6.68
CA LEU B 889 12.13 -46.13 7.56
C LEU B 889 12.58 -47.37 6.81
N LEU B 890 12.29 -47.45 5.51
CA LEU B 890 12.80 -48.56 4.72
C LEU B 890 14.32 -48.56 4.66
N GLU B 891 14.96 -47.43 4.29
CA GLU B 891 16.42 -47.51 4.30
C GLU B 891 16.95 -47.62 5.71
N LYS B 892 16.22 -47.07 6.68
CA LYS B 892 16.58 -47.27 8.08
C LYS B 892 16.35 -48.71 8.52
N GLY B 893 15.69 -49.53 7.70
CA GLY B 893 15.53 -50.94 7.99
C GLY B 893 14.67 -51.24 9.19
N ALA B 894 13.54 -50.55 9.33
CA ALA B 894 12.56 -50.93 10.35
C ALA B 894 12.03 -52.32 10.02
N ASP B 895 11.77 -53.11 11.06
CA ASP B 895 11.37 -54.49 10.86
C ASP B 895 10.03 -54.58 10.14
N ILE B 896 9.96 -55.47 9.16
CA ILE B 896 8.74 -55.68 8.40
C ILE B 896 8.01 -56.95 8.80
N GLY B 897 8.71 -57.96 9.33
CA GLY B 897 8.05 -59.16 9.81
C GLY B 897 7.34 -58.97 11.12
N ALA B 898 7.51 -57.84 11.79
CA ALA B 898 6.86 -57.58 13.06
C ALA B 898 5.36 -57.40 12.86
N LYS B 899 4.64 -57.34 13.98
CA LYS B 899 3.20 -57.19 13.97
C LYS B 899 2.74 -56.72 15.33
N THR B 900 1.66 -55.95 15.35
CA THR B 900 1.17 -55.33 16.56
C THR B 900 0.33 -56.34 17.35
N ALA B 901 -0.42 -55.85 18.33
CA ALA B 901 -1.07 -56.73 19.30
C ALA B 901 -2.03 -57.69 18.62
N ASP B 902 -2.84 -57.21 17.68
CA ASP B 902 -3.74 -58.10 16.96
C ASP B 902 -2.99 -59.01 15.99
N GLY B 903 -1.71 -58.78 15.77
CA GLY B 903 -0.94 -59.57 14.84
C GLY B 903 -0.90 -59.03 13.43
N SER B 904 -1.33 -57.79 13.21
CA SER B 904 -1.45 -57.22 11.89
C SER B 904 -0.20 -56.41 11.55
N THR B 905 0.47 -56.81 10.47
CA THR B 905 1.53 -56.00 9.91
C THR B 905 0.93 -54.72 9.33
N ALA B 906 1.76 -53.67 9.24
CA ALA B 906 1.32 -52.40 8.66
C ALA B 906 0.69 -52.58 7.30
N LEU B 907 1.00 -53.67 6.60
CA LEU B 907 0.31 -53.99 5.35
C LEU B 907 -1.19 -54.09 5.56
N HIS B 908 -1.60 -54.73 6.65
CA HIS B 908 -3.02 -54.89 6.94
C HIS B 908 -3.67 -53.54 7.22
N LEU B 909 -3.00 -52.67 7.97
CA LEU B 909 -3.55 -51.33 8.18
C LEU B 909 -3.67 -50.56 6.88
N ALA B 910 -2.66 -50.67 6.01
CA ALA B 910 -2.69 -49.95 4.74
C ALA B 910 -3.83 -50.46 3.86
N VAL B 911 -4.00 -51.78 3.77
CA VAL B 911 -5.09 -52.32 2.97
C VAL B 911 -6.44 -52.00 3.60
N SER B 912 -6.49 -51.80 4.92
CA SER B 912 -7.68 -51.24 5.52
C SER B 912 -7.91 -49.81 5.04
N GLY B 913 -6.84 -49.02 4.94
CA GLY B 913 -6.93 -47.65 4.51
C GLY B 913 -6.93 -47.47 3.01
N ARG B 914 -6.30 -48.41 2.30
CA ARG B 914 -6.31 -48.43 0.84
C ARG B 914 -5.64 -47.19 0.25
N LYS B 915 -4.37 -46.99 0.60
CA LYS B 915 -3.57 -45.91 0.05
C LYS B 915 -2.71 -46.46 -1.08
N MET B 916 -2.86 -45.89 -2.27
CA MET B 916 -2.36 -46.54 -3.49
C MET B 916 -0.84 -46.69 -3.46
N LYS B 917 -0.12 -45.57 -3.49
CA LYS B 917 1.34 -45.63 -3.60
C LYS B 917 1.96 -46.34 -2.41
N THR B 918 1.36 -46.15 -1.23
CA THR B 918 1.87 -46.80 -0.03
C THR B 918 1.82 -48.32 -0.19
N VAL B 919 0.65 -48.86 -0.55
CA VAL B 919 0.55 -50.31 -0.72
C VAL B 919 1.37 -50.77 -1.91
N GLU B 920 1.64 -49.90 -2.89
CA GLU B 920 2.55 -50.26 -3.95
C GLU B 920 3.95 -50.51 -3.41
N THR B 921 4.46 -49.57 -2.62
CA THR B 921 5.77 -49.75 -2.00
C THR B 921 5.75 -50.97 -1.08
N LEU B 922 4.63 -51.19 -0.40
CA LEU B 922 4.47 -52.38 0.42
C LEU B 922 4.69 -53.64 -0.41
N LEU B 923 3.89 -53.81 -1.46
CA LEU B 923 4.02 -54.97 -2.33
C LEU B 923 5.45 -55.08 -2.87
N ASN B 924 6.12 -53.95 -3.06
CA ASN B 924 7.54 -54.00 -3.40
C ASN B 924 8.33 -54.68 -2.30
N LYS B 925 8.19 -54.22 -1.07
CA LYS B 925 8.97 -54.69 0.06
C LYS B 925 8.08 -55.31 1.14
N GLY B 926 7.09 -56.10 0.71
CA GLY B 926 6.19 -56.72 1.68
C GLY B 926 6.92 -57.70 2.60
N ALA B 927 7.73 -58.58 2.01
CA ALA B 927 8.46 -59.62 2.76
C ALA B 927 7.51 -60.43 3.64
N ASN B 928 6.28 -60.62 3.17
CA ASN B 928 5.27 -61.40 3.88
C ASN B 928 4.63 -62.37 2.92
N LEU B 929 4.23 -63.53 3.43
CA LEU B 929 3.70 -64.60 2.60
C LEU B 929 2.19 -64.52 2.40
N LYS B 930 1.56 -63.40 2.77
CA LYS B 930 0.12 -63.22 2.66
C LYS B 930 -0.60 -64.30 3.47
N GLU B 931 -0.37 -64.27 4.77
CA GLU B 931 -0.78 -65.35 5.67
C GLU B 931 -1.91 -64.91 6.58
N TYR B 932 -2.49 -65.91 7.23
CA TYR B 932 -3.58 -65.71 8.16
C TYR B 932 -3.13 -64.99 9.42
N ASP B 933 -3.96 -64.05 9.87
CA ASP B 933 -3.72 -63.28 11.08
C ASP B 933 -4.32 -64.03 12.27
N ASN B 934 -4.53 -63.35 13.41
CA ASN B 934 -5.27 -63.97 14.51
C ASN B 934 -6.59 -64.54 14.00
N ASN B 935 -7.30 -63.78 13.17
CA ASN B 935 -8.34 -64.37 12.34
C ASN B 935 -7.72 -64.91 11.06
N LYS B 936 -8.37 -65.90 10.48
CA LYS B 936 -7.73 -66.67 9.42
C LYS B 936 -7.59 -65.89 8.12
N TYR B 937 -7.88 -64.59 8.09
CA TYR B 937 -7.80 -63.83 6.85
C TYR B 937 -6.34 -63.65 6.42
N LEU B 938 -6.08 -63.90 5.15
CA LEU B 938 -4.86 -63.42 4.54
C LEU B 938 -5.00 -61.94 4.24
N PRO B 939 -3.90 -61.23 4.03
CA PRO B 939 -4.01 -59.82 3.62
C PRO B 939 -4.86 -59.63 2.38
N ILE B 940 -4.81 -60.60 1.45
CA ILE B 940 -5.74 -60.57 0.33
C ILE B 940 -7.16 -60.70 0.81
N HIS B 941 -7.39 -61.48 1.89
CA HIS B 941 -8.73 -61.54 2.47
C HIS B 941 -9.11 -60.20 3.09
N LYS B 942 -8.14 -59.50 3.66
CA LYS B 942 -8.41 -58.14 4.15
C LYS B 942 -8.85 -57.24 3.00
N ALA B 943 -8.17 -57.35 1.85
CA ALA B 943 -8.60 -56.58 0.68
C ALA B 943 -9.99 -56.99 0.23
N ILE B 944 -10.29 -58.28 0.31
CA ILE B 944 -11.62 -58.78 -0.06
C ILE B 944 -12.68 -58.15 0.83
N ILE B 945 -12.43 -58.12 2.14
CA ILE B 945 -13.36 -57.46 3.05
C ILE B 945 -13.47 -55.98 2.73
N ASN B 946 -12.35 -55.35 2.40
CA ASN B 946 -12.37 -53.96 1.96
C ASN B 946 -13.17 -53.80 0.68
N ASP B 947 -13.04 -54.76 -0.24
CA ASP B 947 -13.75 -54.75 -1.52
C ASP B 947 -13.39 -53.52 -2.34
N ASP B 948 -12.09 -53.35 -2.59
CA ASP B 948 -11.60 -52.28 -3.46
C ASP B 948 -11.32 -52.91 -4.81
N LEU B 949 -12.32 -52.85 -5.69
CA LEU B 949 -12.31 -53.66 -6.92
C LEU B 949 -11.08 -53.37 -7.77
N ASP B 950 -10.71 -52.10 -7.91
CA ASP B 950 -9.50 -51.77 -8.65
C ASP B 950 -8.26 -52.35 -7.97
N MET B 951 -8.17 -52.18 -6.65
CA MET B 951 -7.07 -52.79 -5.92
C MET B 951 -7.19 -54.31 -5.90
N VAL B 952 -8.41 -54.84 -5.89
CA VAL B 952 -8.57 -56.30 -5.96
C VAL B 952 -7.97 -56.85 -7.24
N ARG B 953 -8.30 -56.23 -8.37
CA ARG B 953 -7.73 -56.66 -9.64
C ARG B 953 -6.23 -56.43 -9.67
N LEU B 954 -5.78 -55.31 -9.11
CA LEU B 954 -4.35 -55.05 -8.98
C LEU B 954 -3.66 -56.19 -8.23
N PHE B 955 -4.34 -56.73 -7.23
CA PHE B 955 -3.74 -57.72 -6.34
C PHE B 955 -3.81 -59.13 -6.91
N LEU B 956 -4.80 -59.39 -7.76
CA LEU B 956 -5.10 -60.77 -8.15
C LEU B 956 -3.90 -61.43 -8.84
N GLU B 957 -3.18 -60.69 -9.68
CA GLU B 957 -2.14 -61.31 -10.50
C GLU B 957 -0.75 -60.76 -10.24
N LYS B 958 -0.60 -59.43 -10.09
CA LYS B 958 0.73 -58.87 -9.85
C LYS B 958 1.31 -59.40 -8.54
N ASP B 959 0.49 -59.46 -7.51
CA ASP B 959 0.75 -60.40 -6.44
C ASP B 959 0.45 -61.78 -7.03
N PRO B 960 1.41 -62.71 -7.05
CA PRO B 960 1.18 -63.99 -7.73
C PRO B 960 -0.09 -64.65 -7.24
N SER B 961 -0.91 -65.08 -8.20
CA SER B 961 -2.27 -65.51 -7.92
C SER B 961 -2.31 -66.71 -6.98
N LEU B 962 -1.87 -67.88 -7.49
CA LEU B 962 -1.71 -69.09 -6.69
C LEU B 962 -2.95 -69.38 -5.83
N LYS B 963 -4.11 -68.90 -6.25
CA LYS B 963 -5.30 -68.94 -5.41
C LYS B 963 -6.13 -70.21 -5.69
N ASP B 964 -5.42 -71.33 -5.65
CA ASP B 964 -6.04 -72.65 -5.76
C ASP B 964 -5.67 -73.44 -4.51
N ASP B 965 -6.69 -73.89 -3.77
CA ASP B 965 -6.49 -74.55 -2.48
C ASP B 965 -5.69 -73.66 -1.53
N GLU B 966 -5.97 -72.35 -1.56
CA GLU B 966 -5.22 -71.42 -0.74
C GLU B 966 -5.45 -71.70 0.75
N THR B 967 -6.69 -71.94 1.14
CA THR B 967 -7.06 -72.35 2.47
C THR B 967 -7.40 -73.84 2.45
N GLU B 968 -7.96 -74.34 3.55
CA GLU B 968 -8.56 -75.67 3.53
C GLU B 968 -9.46 -75.79 2.32
N GLU B 969 -9.10 -76.67 1.38
CA GLU B 969 -9.73 -76.80 0.08
C GLU B 969 -9.91 -75.44 -0.61
N GLY B 970 -9.11 -74.45 -0.23
CA GLY B 970 -9.28 -73.10 -0.73
C GLY B 970 -10.66 -72.53 -0.45
N ARG B 971 -11.28 -72.94 0.65
CA ARG B 971 -12.68 -72.61 0.87
C ARG B 971 -12.92 -71.14 1.20
N THR B 972 -11.88 -70.39 1.57
CA THR B 972 -12.08 -68.98 1.89
C THR B 972 -12.73 -68.25 0.73
N SER B 973 -12.16 -68.37 -0.46
CA SER B 973 -12.83 -67.85 -1.64
C SER B 973 -14.19 -68.51 -1.83
N ILE B 974 -14.24 -69.84 -1.68
CA ILE B 974 -15.51 -70.56 -1.80
C ILE B 974 -16.50 -70.05 -0.77
N MET B 975 -16.02 -69.73 0.43
CA MET B 975 -16.87 -69.11 1.43
C MET B 975 -17.43 -67.79 0.90
N LEU B 976 -16.57 -66.99 0.26
CA LEU B 976 -17.00 -65.70 -0.24
C LEU B 976 -18.01 -65.83 -1.38
N ILE B 977 -17.99 -66.95 -2.11
CA ILE B 977 -19.13 -67.24 -2.98
C ILE B 977 -20.36 -67.57 -2.15
N VAL B 978 -20.27 -68.63 -1.34
CA VAL B 978 -21.44 -69.16 -0.64
C VAL B 978 -21.93 -68.25 0.47
N GLN B 979 -21.20 -67.17 0.76
CA GLN B 979 -21.62 -66.27 1.82
C GLN B 979 -22.95 -65.61 1.51
N LYS B 980 -23.15 -65.20 0.26
CA LYS B 980 -24.29 -64.35 -0.08
C LYS B 980 -24.35 -64.19 -1.60
N LEU B 981 -25.36 -63.47 -2.08
CA LEU B 981 -25.42 -63.05 -3.47
C LEU B 981 -24.18 -62.21 -3.80
N LEU B 982 -23.33 -62.73 -4.67
CA LEU B 982 -22.09 -62.06 -5.06
C LEU B 982 -22.09 -61.79 -6.56
N LEU B 983 -21.49 -60.66 -6.94
CA LEU B 983 -21.50 -60.21 -8.32
C LEU B 983 -20.65 -61.12 -9.20
N GLU B 984 -20.98 -61.14 -10.49
CA GLU B 984 -20.16 -61.85 -11.46
C GLU B 984 -18.76 -61.27 -11.54
N LEU B 985 -18.56 -60.03 -11.09
CA LEU B 985 -17.22 -59.49 -10.97
C LEU B 985 -16.35 -60.39 -10.09
N TYR B 986 -16.89 -60.81 -8.94
CA TYR B 986 -16.17 -61.76 -8.10
C TYR B 986 -15.98 -63.10 -8.81
N ASN B 987 -16.91 -63.48 -9.67
CA ASN B 987 -16.73 -64.69 -10.46
C ASN B 987 -15.49 -64.57 -11.35
N TYR B 988 -15.32 -63.41 -11.98
CA TYR B 988 -14.08 -63.17 -12.73
C TYR B 988 -12.88 -63.19 -11.80
N PHE B 989 -13.03 -62.60 -10.61
CA PHE B 989 -11.93 -62.52 -9.65
C PHE B 989 -11.57 -63.87 -9.04
N ILE B 990 -12.39 -64.90 -9.29
CA ILE B 990 -12.11 -66.23 -8.76
C ILE B 990 -10.72 -66.70 -9.20
N ASN B 991 -10.46 -66.59 -10.50
CA ASN B 991 -9.16 -66.96 -11.08
C ASN B 991 -8.70 -68.36 -10.69
#